data_5YB7
#
_entry.id   5YB7
#
_cell.length_a   94.600
_cell.length_b   132.900
_cell.length_c   101.900
_cell.angle_alpha   90.000
_cell.angle_beta   111.500
_cell.angle_gamma   90.000
#
_symmetry.space_group_name_H-M   'P 1 21 1'
#
loop_
_entity.id
_entity.type
_entity.pdbx_description
1 polymer 'L-amino acid oxidase/monooxygenase'
2 non-polymer 'FLAVIN-ADENINE DINUCLEOTIDE'
3 non-polymer L-ornithine
4 water water
#
_entity_poly.entity_id   1
_entity_poly.type   'polypeptide(L)'
_entity_poly.pdbx_seq_one_letter_code
;MGSSHHHHHHSSGLVPRGSHMNKNNRHPADGKKPITIFGPDFPFAFDDWLEHPAGLGSIPAARHGEEVAIVGAGIAGLVA
AYELMKLGLKPVVYEASKMGGRLRSQAFNGTDGIIAELGGMRFPVSSTAFYHYVDKLGLETKPFPNPLTPASRSTVIDLE
GQTYYAEKAADLPALFQEVTDAWADALESGARFGDIQQAIRDRDVPRLKELWNTLVPLWDDRTFYDFVATSKAFAKLSFQ
HREVFGQVGFGTGGWDSDFPNSMLEIFRVVMTNCDDHQHLVVGGVEQVPQGIWRHVPERCAHWPEGTSLSSLHGGAPRTG
VKRIARASDGRLAVTDNWGDCRHYAAVLTTCQSWLLTTQIDCEESLFSQKMWMALDRTRYMQSSKTFVMVDRPFWKDKDP
ETGRDLMSMTLTDRLTRGTYLFDNGDDKPGVICLSYAWMSDALKMLPHPVEKRVQLALDALKKIYPKTDIAGHIIGDPIT
ISWEADPHFLGAFKGALPGHYRYNQRMYAHFMQAQMPVEQRGIFIAGDDVSWTPAWVEGAVQTSLNAVWGIMNHFGGKTH
ADNPGPGDVFDEIGQIALAD
;
_entity_poly.pdbx_strand_id   A,B,C,D
#
# COMPACT_ATOMS: atom_id res chain seq x y z
N LYS A 32 9.17 -48.78 -23.31
CA LYS A 32 8.56 -47.90 -24.36
C LYS A 32 9.23 -46.54 -24.22
N LYS A 33 9.38 -45.85 -25.34
CA LYS A 33 10.14 -44.64 -25.35
C LYS A 33 9.32 -43.54 -24.66
N PRO A 34 9.96 -42.71 -23.81
CA PRO A 34 9.18 -41.70 -23.07
C PRO A 34 8.56 -40.59 -23.92
N ILE A 35 7.43 -40.08 -23.47
CA ILE A 35 6.93 -38.85 -24.01
C ILE A 35 7.83 -37.72 -23.47
N THR A 36 8.18 -36.78 -24.33
CA THR A 36 8.98 -35.64 -23.91
C THR A 36 8.39 -34.39 -24.52
N ILE A 37 8.78 -33.20 -24.03
CA ILE A 37 8.32 -31.96 -24.64
C ILE A 37 9.14 -31.71 -25.92
N PHE A 38 8.68 -32.34 -26.99
CA PHE A 38 9.37 -32.43 -28.24
C PHE A 38 8.42 -31.85 -29.26
N GLY A 39 8.66 -30.60 -29.60
CA GLY A 39 7.67 -29.82 -30.30
C GLY A 39 6.33 -29.71 -29.52
N PRO A 40 5.18 -29.85 -30.19
CA PRO A 40 5.08 -30.27 -31.58
C PRO A 40 5.45 -29.14 -32.54
N ASP A 41 5.51 -27.91 -32.06
CA ASP A 41 5.73 -26.79 -32.98
C ASP A 41 7.11 -26.73 -33.57
N PHE A 42 8.12 -26.98 -32.72
CA PHE A 42 9.50 -27.00 -33.15
C PHE A 42 10.11 -28.20 -32.46
N PRO A 43 10.03 -29.36 -33.11
CA PRO A 43 10.44 -30.58 -32.53
C PRO A 43 11.96 -30.73 -32.72
N PHE A 44 12.67 -29.84 -32.05
CA PHE A 44 14.09 -29.92 -31.87
C PHE A 44 14.46 -30.65 -30.60
N ALA A 45 15.51 -31.48 -30.67
CA ALA A 45 15.96 -32.28 -29.53
C ALA A 45 16.92 -31.49 -28.68
N PHE A 46 16.37 -30.61 -27.85
CA PHE A 46 17.19 -29.78 -27.02
C PHE A 46 18.06 -30.60 -26.07
N ASP A 47 17.50 -31.67 -25.53
CA ASP A 47 18.24 -32.56 -24.65
C ASP A 47 19.48 -33.09 -25.36
N ASP A 48 19.35 -33.57 -26.58
CA ASP A 48 20.50 -34.15 -27.35
C ASP A 48 21.51 -33.05 -27.59
N TRP A 49 20.98 -31.88 -27.98
CA TRP A 49 21.84 -30.71 -28.17
C TRP A 49 22.67 -30.41 -26.96
N LEU A 50 22.04 -30.42 -25.80
CA LEU A 50 22.75 -30.16 -24.57
C LEU A 50 23.74 -31.25 -24.12
N GLU A 51 23.39 -32.49 -24.41
CA GLU A 51 24.13 -33.64 -23.90
C GLU A 51 25.31 -34.00 -24.79
N HIS A 52 25.29 -33.54 -26.05
CA HIS A 52 26.29 -34.01 -27.04
C HIS A 52 27.66 -33.56 -26.57
N PRO A 53 28.67 -34.45 -26.66
CA PRO A 53 29.98 -34.07 -26.07
C PRO A 53 30.69 -32.89 -26.72
N ALA A 54 30.41 -32.58 -27.96
CA ALA A 54 31.04 -31.44 -28.61
C ALA A 54 30.71 -30.06 -28.03
N GLY A 55 29.60 -29.94 -27.27
CA GLY A 55 29.19 -28.60 -26.84
C GLY A 55 28.31 -27.89 -27.86
N LEU A 56 27.83 -26.70 -27.48
CA LEU A 56 26.82 -26.02 -28.31
C LEU A 56 27.39 -25.29 -29.48
N GLY A 57 28.70 -25.18 -29.56
CA GLY A 57 29.27 -24.57 -30.73
C GLY A 57 30.48 -23.76 -30.36
N SER A 58 30.73 -22.71 -31.13
CA SER A 58 31.80 -21.80 -30.79
C SER A 58 31.61 -20.39 -31.37
N ILE A 59 32.42 -19.48 -30.85
CA ILE A 59 32.45 -18.11 -31.30
C ILE A 59 33.91 -17.82 -31.63
N PRO A 60 34.19 -16.94 -32.63
CA PRO A 60 35.56 -16.57 -32.92
C PRO A 60 36.30 -16.05 -31.72
N ALA A 61 37.56 -16.49 -31.58
CA ALA A 61 38.39 -16.13 -30.46
C ALA A 61 38.51 -14.62 -30.21
N ALA A 62 38.46 -13.85 -31.28
CA ALA A 62 38.58 -12.42 -31.13
C ALA A 62 37.41 -11.84 -30.31
N ARG A 63 36.31 -12.56 -30.21
CA ARG A 63 35.14 -12.07 -29.50
C ARG A 63 35.05 -12.62 -28.08
N HIS A 64 36.00 -13.44 -27.66
CA HIS A 64 36.01 -13.96 -26.33
C HIS A 64 36.10 -12.86 -25.37
N GLY A 65 35.38 -12.98 -24.26
CA GLY A 65 35.41 -11.95 -23.25
C GLY A 65 34.45 -10.82 -23.50
N GLU A 66 33.86 -10.70 -24.68
CA GLU A 66 32.88 -9.66 -24.94
C GLU A 66 31.61 -9.89 -24.15
N GLU A 67 30.95 -8.79 -23.80
CA GLU A 67 29.78 -8.81 -22.96
C GLU A 67 28.52 -8.91 -23.77
N VAL A 68 27.54 -9.60 -23.18
CA VAL A 68 26.19 -9.66 -23.69
C VAL A 68 25.29 -9.45 -22.49
N ALA A 69 24.35 -8.51 -22.62
CA ALA A 69 23.45 -8.16 -21.56
C ALA A 69 22.28 -9.13 -21.58
N ILE A 70 21.95 -9.53 -20.37
CA ILE A 70 20.81 -10.40 -20.09
C ILE A 70 19.86 -9.79 -19.11
N VAL A 71 18.65 -9.48 -19.55
CA VAL A 71 17.71 -8.88 -18.65
C VAL A 71 16.85 -9.95 -18.02
N GLY A 72 17.02 -10.06 -16.72
CA GLY A 72 16.26 -10.99 -15.89
C GLY A 72 17.12 -12.19 -15.46
N ALA A 73 17.03 -12.56 -14.18
CA ALA A 73 17.76 -13.68 -13.65
C ALA A 73 16.81 -14.76 -13.22
N GLY A 74 15.74 -14.99 -14.00
CA GLY A 74 14.98 -16.22 -13.91
C GLY A 74 15.69 -17.32 -14.69
N ILE A 75 15.00 -18.43 -14.85
CA ILE A 75 15.61 -19.61 -15.51
C ILE A 75 16.04 -19.31 -16.92
N ALA A 76 15.22 -18.58 -17.71
CA ALA A 76 15.66 -18.31 -19.08
C ALA A 76 16.92 -17.43 -19.22
N GLY A 77 16.98 -16.37 -18.43
CA GLY A 77 18.15 -15.53 -18.42
C GLY A 77 19.40 -16.27 -17.94
N LEU A 78 19.26 -17.06 -16.89
CA LEU A 78 20.39 -17.82 -16.34
C LEU A 78 20.89 -18.99 -17.15
N VAL A 79 19.98 -19.70 -17.79
CA VAL A 79 20.39 -20.71 -18.76
C VAL A 79 21.19 -20.12 -19.93
N ALA A 80 20.64 -19.05 -20.49
CA ALA A 80 21.34 -18.39 -21.56
C ALA A 80 22.70 -17.90 -21.09
N ALA A 81 22.72 -17.22 -19.95
CA ALA A 81 23.98 -16.66 -19.45
C ALA A 81 24.99 -17.79 -19.24
N TYR A 82 24.52 -18.86 -18.68
CA TYR A 82 25.43 -20.00 -18.38
C TYR A 82 26.03 -20.60 -19.65
N GLU A 83 25.21 -20.84 -20.67
CA GLU A 83 25.68 -21.41 -21.94
C GLU A 83 26.54 -20.48 -22.77
N LEU A 84 26.23 -19.16 -22.72
CA LEU A 84 27.03 -18.20 -23.36
C LEU A 84 28.41 -18.03 -22.69
N MET A 85 28.48 -18.04 -21.39
CA MET A 85 29.78 -18.05 -20.69
C MET A 85 30.63 -19.22 -21.16
N LYS A 86 30.02 -20.41 -21.25
CA LYS A 86 30.72 -21.58 -21.74
C LYS A 86 31.29 -21.42 -23.15
N LEU A 87 30.59 -20.67 -23.98
CA LEU A 87 31.10 -20.32 -25.32
C LEU A 87 32.16 -19.22 -25.34
N GLY A 88 32.48 -18.67 -24.19
CA GLY A 88 33.58 -17.69 -24.12
C GLY A 88 33.18 -16.25 -24.03
N LEU A 89 31.87 -15.95 -24.02
CA LEU A 89 31.37 -14.57 -23.75
C LEU A 89 31.25 -14.25 -22.30
N LYS A 90 31.17 -12.96 -21.99
CA LYS A 90 30.94 -12.51 -20.65
C LYS A 90 29.49 -12.04 -20.53
N PRO A 91 28.57 -12.94 -20.17
CA PRO A 91 27.21 -12.39 -19.90
C PRO A 91 27.19 -11.45 -18.69
N VAL A 92 26.33 -10.43 -18.80
CA VAL A 92 26.04 -9.55 -17.75
C VAL A 92 24.54 -9.59 -17.53
N VAL A 93 24.18 -10.16 -16.39
CA VAL A 93 22.83 -10.39 -16.04
C VAL A 93 22.41 -9.22 -15.15
N TYR A 94 21.23 -8.68 -15.45
CA TYR A 94 20.54 -7.70 -14.65
C TYR A 94 19.27 -8.30 -14.06
N GLU A 95 18.97 -7.93 -12.83
CA GLU A 95 17.82 -8.40 -12.15
C GLU A 95 17.25 -7.26 -11.35
N ALA A 96 16.00 -6.96 -11.67
CA ALA A 96 15.28 -5.87 -10.99
C ALA A 96 14.69 -6.23 -9.61
N SER A 97 14.45 -7.52 -9.34
CA SER A 97 13.73 -7.94 -8.15
C SER A 97 14.51 -9.10 -7.52
N LYS A 98 14.04 -10.33 -7.60
CA LYS A 98 14.65 -11.48 -6.89
C LYS A 98 15.31 -12.45 -7.88
N MET A 99 16.48 -12.95 -7.57
CA MET A 99 17.00 -14.05 -8.33
C MET A 99 15.99 -15.19 -8.44
N GLY A 100 15.91 -15.79 -9.63
CA GLY A 100 15.10 -17.00 -9.90
C GLY A 100 13.78 -16.68 -10.54
N GLY A 101 13.38 -15.42 -10.53
CA GLY A 101 12.04 -15.09 -11.04
C GLY A 101 10.96 -15.97 -10.48
N ARG A 102 10.28 -16.65 -11.37
CA ARG A 102 9.10 -17.41 -11.04
C ARG A 102 9.45 -18.83 -10.57
N LEU A 103 10.72 -19.07 -10.33
CA LEU A 103 11.11 -20.24 -9.58
C LEU A 103 11.55 -19.69 -8.25
N ARG A 104 10.64 -19.72 -7.28
CA ARG A 104 10.82 -19.05 -6.00
C ARG A 104 10.39 -19.94 -4.84
N SER A 105 11.34 -20.23 -3.96
CA SER A 105 11.11 -21.15 -2.84
C SER A 105 11.36 -20.45 -1.52
N GLN A 106 10.31 -20.03 -0.85
CA GLN A 106 10.44 -19.28 0.42
C GLN A 106 10.54 -20.17 1.64
N ALA A 107 11.59 -20.00 2.42
CA ALA A 107 11.72 -20.73 3.66
C ALA A 107 10.85 -20.18 4.73
N PHE A 108 10.24 -21.05 5.53
CA PHE A 108 9.46 -20.66 6.72
C PHE A 108 10.39 -20.25 7.88
N ASN A 109 9.90 -19.33 8.72
CA ASN A 109 10.59 -19.00 9.98
C ASN A 109 11.28 -20.08 10.71
N GLY A 110 12.60 -19.96 10.86
CA GLY A 110 13.31 -20.80 11.81
C GLY A 110 13.73 -22.15 11.35
N THR A 111 13.34 -22.51 10.12
CA THR A 111 13.45 -23.89 9.66
C THR A 111 14.66 -24.02 8.75
N ASP A 112 15.09 -25.24 8.56
CA ASP A 112 16.04 -25.59 7.49
C ASP A 112 15.41 -26.52 6.46
N GLY A 113 15.39 -26.12 5.21
CA GLY A 113 14.99 -27.02 4.14
C GLY A 113 13.46 -27.09 4.00
N ILE A 114 12.72 -26.21 4.67
CA ILE A 114 11.25 -26.28 4.60
C ILE A 114 10.73 -25.08 3.88
N ILE A 115 10.23 -25.28 2.67
CA ILE A 115 9.97 -24.12 1.81
C ILE A 115 8.54 -24.24 1.26
N ALA A 116 8.03 -23.10 0.85
CA ALA A 116 6.81 -22.98 0.09
C ALA A 116 7.23 -22.58 -1.32
N GLU A 117 6.73 -23.31 -2.32
CA GLU A 117 6.96 -23.02 -3.72
C GLU A 117 5.99 -21.94 -4.17
N LEU A 118 6.47 -20.71 -4.37
CA LEU A 118 5.55 -19.64 -4.74
C LEU A 118 5.27 -19.55 -6.23
N GLY A 119 6.21 -20.01 -7.06
CA GLY A 119 5.98 -20.04 -8.53
C GLY A 119 5.84 -21.46 -8.97
N GLY A 120 6.75 -21.96 -9.81
CA GLY A 120 6.61 -23.31 -10.34
C GLY A 120 6.87 -24.28 -9.25
N MET A 121 6.11 -25.35 -9.23
CA MET A 121 6.29 -26.40 -8.20
C MET A 121 6.28 -27.85 -8.59
N ARG A 122 5.69 -28.19 -9.73
CA ARG A 122 5.51 -29.60 -10.19
C ARG A 122 5.96 -29.70 -11.61
N PHE A 123 7.10 -30.37 -11.80
CA PHE A 123 7.74 -30.33 -13.04
C PHE A 123 7.62 -31.66 -13.75
N PRO A 124 6.83 -31.69 -14.85
CA PRO A 124 6.65 -32.99 -15.55
C PRO A 124 7.97 -33.56 -16.01
N VAL A 125 8.18 -34.85 -15.81
CA VAL A 125 9.43 -35.50 -16.22
C VAL A 125 9.64 -35.45 -17.73
N SER A 126 8.62 -35.10 -18.48
CA SER A 126 8.81 -34.87 -19.92
C SER A 126 9.64 -33.58 -20.23
N SER A 127 9.90 -32.76 -19.20
CA SER A 127 10.69 -31.51 -19.33
C SER A 127 12.19 -31.82 -19.35
N THR A 128 12.66 -32.41 -20.45
CA THR A 128 14.04 -32.95 -20.47
C THR A 128 15.08 -31.82 -20.47
N ALA A 129 14.80 -30.70 -21.11
CA ALA A 129 15.85 -29.64 -21.05
C ALA A 129 16.02 -29.09 -19.67
N PHE A 130 14.89 -28.87 -19.00
CA PHE A 130 14.94 -28.45 -17.61
C PHE A 130 15.63 -29.42 -16.73
N TYR A 131 15.28 -30.70 -16.83
CA TYR A 131 15.87 -31.73 -15.97
C TYR A 131 17.33 -31.94 -16.28
N HIS A 132 17.78 -31.59 -17.48
CA HIS A 132 19.21 -31.50 -17.72
C HIS A 132 19.92 -30.63 -16.71
N TYR A 133 19.32 -29.48 -16.37
CA TYR A 133 20.00 -28.58 -15.45
C TYR A 133 19.80 -29.11 -14.01
N VAL A 134 18.62 -29.69 -13.78
CA VAL A 134 18.40 -30.27 -12.44
C VAL A 134 19.49 -31.32 -12.16
N ASP A 135 19.74 -32.18 -13.13
CA ASP A 135 20.76 -33.25 -12.96
C ASP A 135 22.17 -32.73 -12.88
N LYS A 136 22.44 -31.70 -13.66
CA LYS A 136 23.73 -31.08 -13.67
C LYS A 136 24.07 -30.63 -12.30
N LEU A 137 23.08 -30.14 -11.54
CA LEU A 137 23.36 -29.65 -10.21
C LEU A 137 23.29 -30.74 -9.14
N GLY A 138 22.93 -31.98 -9.50
CA GLY A 138 22.82 -33.05 -8.52
C GLY A 138 21.67 -32.88 -7.59
N LEU A 139 20.60 -32.20 -8.01
CA LEU A 139 19.52 -31.95 -7.09
C LEU A 139 18.61 -33.16 -7.06
N GLU A 140 18.00 -33.39 -5.90
CA GLU A 140 17.04 -34.44 -5.67
C GLU A 140 15.62 -33.97 -5.96
N THR A 141 14.82 -34.84 -6.56
CA THR A 141 13.39 -34.59 -6.81
C THR A 141 12.58 -35.75 -6.26
N LYS A 142 11.29 -35.53 -6.02
CA LYS A 142 10.39 -36.61 -5.66
C LYS A 142 8.98 -36.34 -6.23
N PRO A 143 8.19 -37.41 -6.37
CA PRO A 143 6.93 -37.30 -7.01
C PRO A 143 6.11 -36.26 -6.32
N PHE A 144 5.46 -35.43 -7.08
CA PHE A 144 4.58 -34.43 -6.52
C PHE A 144 3.27 -35.05 -6.09
N PRO A 145 2.71 -34.64 -4.94
CA PRO A 145 1.46 -35.26 -4.39
C PRO A 145 0.19 -34.74 -5.10
N ASN A 146 0.14 -35.01 -6.38
CA ASN A 146 -1.09 -34.80 -7.11
C ASN A 146 -2.17 -35.84 -6.74
N PRO A 147 -3.44 -35.48 -6.87
CA PRO A 147 -4.53 -36.34 -6.56
C PRO A 147 -4.53 -37.62 -7.37
N LEU A 148 -4.82 -38.74 -6.70
CA LEU A 148 -4.96 -40.06 -7.31
C LEU A 148 -3.67 -40.47 -7.95
N THR A 149 -2.55 -40.32 -7.23
CA THR A 149 -1.27 -40.83 -7.66
C THR A 149 -0.77 -41.53 -6.46
N PRO A 150 0.30 -42.35 -6.61
CA PRO A 150 0.95 -42.98 -5.44
C PRO A 150 1.53 -42.00 -4.43
N ALA A 151 1.88 -40.79 -4.83
CA ALA A 151 2.40 -39.82 -3.88
C ALA A 151 1.33 -39.18 -3.04
N SER A 152 0.06 -39.36 -3.40
CA SER A 152 -1.01 -38.87 -2.58
C SER A 152 -1.75 -40.06 -2.01
N ARG A 153 -1.97 -40.13 -0.71
CA ARG A 153 -2.71 -41.28 -0.15
C ARG A 153 -4.18 -41.18 -0.45
N SER A 154 -4.72 -39.98 -0.47
CA SER A 154 -6.16 -39.85 -0.68
C SER A 154 -6.47 -38.51 -1.26
N THR A 155 -7.67 -38.43 -1.83
CA THR A 155 -8.18 -37.23 -2.42
C THR A 155 -9.61 -37.03 -2.03
N VAL A 156 -10.01 -35.77 -1.87
CA VAL A 156 -11.41 -35.44 -1.53
C VAL A 156 -11.86 -34.46 -2.53
N ILE A 157 -13.07 -34.65 -3.04
CA ILE A 157 -13.68 -33.75 -3.95
C ILE A 157 -14.89 -33.18 -3.27
N ASP A 158 -15.06 -31.89 -3.32
CA ASP A 158 -16.19 -31.26 -2.66
C ASP A 158 -16.84 -30.32 -3.64
N LEU A 159 -18.08 -30.67 -4.04
CA LEU A 159 -18.78 -29.91 -5.05
C LEU A 159 -20.24 -29.74 -4.68
N GLU A 160 -20.72 -28.51 -4.76
CA GLU A 160 -22.05 -28.19 -4.37
C GLU A 160 -22.44 -28.82 -3.07
N GLY A 161 -21.51 -28.83 -2.11
CA GLY A 161 -21.82 -29.22 -0.73
C GLY A 161 -21.79 -30.72 -0.53
N GLN A 162 -21.42 -31.44 -1.57
CA GLN A 162 -21.28 -32.89 -1.45
C GLN A 162 -19.83 -33.32 -1.52
N THR A 163 -19.44 -34.15 -0.59
CA THR A 163 -18.05 -34.51 -0.42
C THR A 163 -17.82 -35.95 -0.79
N TYR A 164 -16.81 -36.23 -1.60
CA TYR A 164 -16.46 -37.60 -1.95
C TYR A 164 -15.06 -37.91 -1.60
N TYR A 165 -14.84 -39.01 -0.93
CA TYR A 165 -13.50 -39.43 -0.55
C TYR A 165 -13.05 -40.55 -1.47
N ALA A 166 -11.78 -40.55 -1.88
CA ALA A 166 -11.21 -41.57 -2.74
C ALA A 166 -9.76 -41.86 -2.40
N GLU A 167 -9.41 -43.14 -2.31
CA GLU A 167 -8.02 -43.56 -2.30
C GLU A 167 -7.58 -44.08 -3.66
N LYS A 168 -8.52 -44.29 -4.59
CA LYS A 168 -8.22 -44.66 -5.99
C LYS A 168 -9.35 -44.16 -6.82
N ALA A 169 -9.13 -43.99 -8.12
CA ALA A 169 -10.16 -43.40 -8.98
C ALA A 169 -11.54 -44.14 -8.94
N ALA A 170 -11.49 -45.46 -8.76
CA ALA A 170 -12.71 -46.23 -8.78
C ALA A 170 -13.58 -45.90 -7.59
N ASP A 171 -13.01 -45.40 -6.48
CA ASP A 171 -13.82 -45.00 -5.32
C ASP A 171 -14.82 -43.90 -5.61
N LEU A 172 -14.64 -43.18 -6.71
CA LEU A 172 -15.44 -42.00 -7.00
C LEU A 172 -16.72 -42.37 -7.70
N PRO A 173 -17.76 -41.54 -7.57
CA PRO A 173 -18.98 -41.81 -8.29
C PRO A 173 -18.77 -41.93 -9.79
N ALA A 174 -19.72 -42.59 -10.44
CA ALA A 174 -19.63 -42.95 -11.86
C ALA A 174 -19.47 -41.73 -12.76
N LEU A 175 -20.03 -40.59 -12.38
CA LEU A 175 -19.88 -39.40 -13.21
C LEU A 175 -18.40 -39.13 -13.54
N PHE A 176 -17.50 -39.36 -12.60
CA PHE A 176 -16.11 -39.00 -12.81
C PHE A 176 -15.46 -39.85 -13.86
N GLN A 177 -15.74 -41.14 -13.85
CA GLN A 177 -15.18 -41.98 -14.89
C GLN A 177 -15.75 -41.61 -16.25
N GLU A 178 -17.00 -41.17 -16.28
CA GLU A 178 -17.65 -40.76 -17.51
C GLU A 178 -16.94 -39.56 -18.09
N VAL A 179 -16.59 -38.61 -17.22
CA VAL A 179 -15.94 -37.37 -17.65
C VAL A 179 -14.57 -37.73 -18.24
N THR A 180 -13.82 -38.56 -17.51
CA THR A 180 -12.53 -39.07 -18.04
C THR A 180 -12.68 -39.73 -19.38
N ASP A 181 -13.64 -40.64 -19.51
CA ASP A 181 -13.81 -41.35 -20.79
C ASP A 181 -14.12 -40.35 -21.88
N ALA A 182 -14.93 -39.36 -21.57
CA ALA A 182 -15.34 -38.46 -22.62
C ALA A 182 -14.14 -37.62 -23.10
N TRP A 183 -13.28 -37.25 -22.16
CA TRP A 183 -12.14 -36.39 -22.43
C TRP A 183 -11.12 -37.19 -23.25
N ALA A 184 -10.83 -38.43 -22.87
CA ALA A 184 -9.97 -39.32 -23.63
C ALA A 184 -10.47 -39.46 -25.05
N ASP A 185 -11.77 -39.72 -25.14
CA ASP A 185 -12.42 -39.81 -26.43
C ASP A 185 -12.42 -38.52 -27.21
N ALA A 186 -12.63 -37.37 -26.57
CA ALA A 186 -12.66 -36.13 -27.37
C ALA A 186 -11.28 -35.85 -27.94
N LEU A 187 -10.26 -36.19 -27.16
CA LEU A 187 -8.87 -35.95 -27.58
C LEU A 187 -8.48 -36.86 -28.77
N GLU A 188 -8.86 -38.15 -28.68
CA GLU A 188 -8.54 -39.13 -29.72
C GLU A 188 -9.29 -38.77 -30.98
N SER A 189 -10.59 -38.47 -30.85
CA SER A 189 -11.39 -38.09 -32.01
C SER A 189 -11.00 -36.78 -32.64
N GLY A 190 -10.76 -35.74 -31.84
CA GLY A 190 -10.55 -34.40 -32.37
C GLY A 190 -9.09 -34.03 -32.62
N ALA A 191 -8.14 -34.82 -32.12
CA ALA A 191 -6.77 -34.41 -32.30
C ALA A 191 -5.77 -35.50 -32.71
N ARG A 192 -6.26 -36.73 -32.87
CA ARG A 192 -5.40 -37.85 -33.21
C ARG A 192 -4.28 -37.97 -32.18
N PHE A 193 -4.73 -37.88 -30.92
CA PHE A 193 -3.85 -37.85 -29.80
C PHE A 193 -2.87 -39.02 -29.80
N GLY A 194 -3.36 -40.24 -29.97
CA GLY A 194 -2.56 -41.45 -29.91
C GLY A 194 -1.43 -41.41 -30.93
N ASP A 195 -1.77 -40.96 -32.13
CA ASP A 195 -0.87 -40.85 -33.26
C ASP A 195 0.18 -39.82 -32.94
N ILE A 196 -0.25 -38.68 -32.42
CA ILE A 196 0.70 -37.62 -32.14
C ILE A 196 1.60 -38.11 -31.03
N GLN A 197 1.05 -38.73 -30.02
CA GLN A 197 1.91 -39.20 -28.96
C GLN A 197 2.92 -40.24 -29.43
N GLN A 198 2.51 -41.13 -30.34
CA GLN A 198 3.44 -42.12 -30.86
C GLN A 198 4.59 -41.42 -31.60
N ALA A 199 4.23 -40.43 -32.41
CA ALA A 199 5.22 -39.68 -33.14
C ALA A 199 6.18 -38.93 -32.20
N ILE A 200 5.68 -38.52 -31.05
CA ILE A 200 6.57 -37.93 -30.06
C ILE A 200 7.52 -38.96 -29.49
N ARG A 201 6.97 -40.10 -29.06
CA ARG A 201 7.80 -41.19 -28.53
C ARG A 201 8.94 -41.55 -29.48
N ASP A 202 8.65 -41.62 -30.78
CA ASP A 202 9.65 -42.07 -31.75
C ASP A 202 10.44 -40.92 -32.30
N ARG A 203 10.07 -39.69 -31.90
CA ARG A 203 10.72 -38.52 -32.47
C ARG A 203 10.73 -38.59 -33.99
N ASP A 204 9.59 -38.97 -34.53
CA ASP A 204 9.35 -39.02 -35.93
C ASP A 204 8.88 -37.63 -36.34
N VAL A 205 9.83 -36.83 -36.78
CA VAL A 205 9.61 -35.43 -37.03
C VAL A 205 8.66 -35.17 -38.18
N PRO A 206 8.84 -35.85 -39.34
CA PRO A 206 7.94 -35.60 -40.42
C PRO A 206 6.49 -35.96 -40.05
N ARG A 207 6.27 -37.08 -39.37
CA ARG A 207 4.92 -37.48 -39.01
C ARG A 207 4.25 -36.53 -37.98
N LEU A 208 5.00 -36.16 -36.95
CA LEU A 208 4.53 -35.22 -35.96
C LEU A 208 4.11 -33.92 -36.58
N LYS A 209 4.96 -33.36 -37.44
CA LYS A 209 4.66 -32.12 -38.07
C LYS A 209 3.41 -32.21 -38.94
N GLU A 210 3.23 -33.33 -39.63
CA GLU A 210 2.09 -33.49 -40.54
C GLU A 210 0.81 -33.48 -39.71
N LEU A 211 0.80 -34.28 -38.67
CA LEU A 211 -0.34 -34.33 -37.76
C LEU A 211 -0.60 -32.99 -37.07
N TRP A 212 0.47 -32.38 -36.56
CA TRP A 212 0.31 -31.15 -35.87
C TRP A 212 -0.09 -30.00 -36.77
N ASN A 213 0.58 -29.88 -37.90
CA ASN A 213 0.29 -28.80 -38.77
C ASN A 213 -1.17 -28.82 -39.23
N THR A 214 -1.78 -30.00 -39.33
CA THR A 214 -3.19 -30.08 -39.67
C THR A 214 -4.01 -29.32 -38.59
N LEU A 215 -3.67 -29.52 -37.32
CA LEU A 215 -4.45 -28.97 -36.19
C LEU A 215 -4.35 -27.48 -36.07
N VAL A 216 -3.23 -26.92 -36.47
CA VAL A 216 -2.96 -25.51 -36.22
C VAL A 216 -4.04 -24.57 -36.75
N PRO A 217 -4.36 -24.64 -38.07
CA PRO A 217 -5.37 -23.66 -38.57
C PRO A 217 -6.78 -23.97 -38.08
N LEU A 218 -7.05 -25.21 -37.73
CA LEU A 218 -8.34 -25.64 -37.28
C LEU A 218 -8.62 -25.24 -35.82
N TRP A 219 -7.58 -25.12 -34.99
CA TRP A 219 -7.83 -24.88 -33.56
C TRP A 219 -7.27 -23.58 -32.96
N ASP A 220 -6.45 -22.87 -33.72
CA ASP A 220 -5.90 -21.59 -33.25
C ASP A 220 -7.03 -20.76 -32.70
N ASP A 221 -8.08 -20.65 -33.52
CA ASP A 221 -9.12 -19.63 -33.29
C ASP A 221 -10.26 -20.10 -32.41
N ARG A 222 -10.16 -21.28 -31.84
CA ARG A 222 -11.19 -21.85 -31.03
C ARG A 222 -10.67 -22.16 -29.57
N THR A 223 -11.58 -21.99 -28.61
CA THR A 223 -11.26 -22.19 -27.20
C THR A 223 -11.35 -23.65 -26.83
N PHE A 224 -10.61 -23.96 -25.78
CA PHE A 224 -10.71 -25.19 -25.08
C PHE A 224 -12.15 -25.53 -24.72
N TYR A 225 -12.91 -24.58 -24.17
CA TYR A 225 -14.30 -24.89 -23.80
C TYR A 225 -15.06 -25.34 -25.08
N ASP A 226 -14.93 -24.60 -26.16
CA ASP A 226 -15.51 -25.01 -27.46
C ASP A 226 -15.10 -26.46 -27.86
N PHE A 227 -13.81 -26.76 -27.83
CA PHE A 227 -13.42 -28.09 -28.11
C PHE A 227 -14.15 -29.07 -27.23
N VAL A 228 -14.34 -28.73 -25.95
CA VAL A 228 -15.00 -29.65 -25.00
C VAL A 228 -16.50 -29.75 -25.35
N ALA A 229 -17.17 -28.62 -25.46
CA ALA A 229 -18.63 -28.59 -25.61
C ALA A 229 -19.06 -29.29 -26.90
N THR A 230 -18.36 -28.96 -27.99
CA THR A 230 -18.66 -29.51 -29.32
C THR A 230 -18.09 -30.89 -29.57
N SER A 231 -17.37 -31.48 -28.62
CA SER A 231 -16.95 -32.87 -28.82
C SER A 231 -18.20 -33.78 -28.76
N LYS A 232 -18.15 -34.89 -29.48
CA LYS A 232 -19.23 -35.85 -29.44
C LYS A 232 -19.41 -36.41 -28.04
N ALA A 233 -18.30 -36.75 -27.38
CA ALA A 233 -18.38 -37.42 -26.07
C ALA A 233 -19.05 -36.53 -25.03
N PHE A 234 -18.83 -35.20 -25.06
CA PHE A 234 -19.38 -34.28 -24.07
C PHE A 234 -20.75 -33.74 -24.52
N ALA A 235 -20.95 -33.60 -25.83
CA ALA A 235 -22.24 -33.10 -26.29
C ALA A 235 -23.40 -34.05 -25.91
N LYS A 236 -23.11 -35.33 -25.76
CA LYS A 236 -24.10 -36.29 -25.37
C LYS A 236 -24.17 -36.48 -23.85
N LEU A 237 -23.36 -35.74 -23.08
CA LEU A 237 -23.45 -35.77 -21.62
C LEU A 237 -24.10 -34.51 -21.12
N SER A 238 -24.53 -34.55 -19.88
CA SER A 238 -25.24 -33.39 -19.27
C SER A 238 -24.32 -32.20 -19.18
N PHE A 239 -24.89 -31.01 -19.04
CA PHE A 239 -24.11 -29.87 -18.72
C PHE A 239 -23.20 -30.08 -17.48
N GLN A 240 -23.74 -30.72 -16.45
CA GLN A 240 -22.99 -31.05 -15.28
C GLN A 240 -21.68 -31.82 -15.51
N HIS A 241 -21.62 -32.69 -16.52
CA HIS A 241 -20.37 -33.39 -16.81
C HIS A 241 -19.26 -32.42 -17.22
N ARG A 242 -19.60 -31.50 -18.11
CA ARG A 242 -18.75 -30.41 -18.56
C ARG A 242 -18.30 -29.57 -17.36
N GLU A 243 -19.29 -29.18 -16.56
CA GLU A 243 -19.07 -28.35 -15.37
C GLU A 243 -18.11 -28.94 -14.35
N VAL A 244 -18.30 -30.22 -14.06
CA VAL A 244 -17.45 -30.94 -13.16
C VAL A 244 -16.03 -31.04 -13.74
N PHE A 245 -15.94 -31.30 -15.04
CA PHE A 245 -14.69 -31.33 -15.74
C PHE A 245 -13.91 -30.03 -15.52
N GLY A 246 -14.58 -28.90 -15.66
CA GLY A 246 -14.00 -27.58 -15.29
C GLY A 246 -13.54 -27.40 -13.85
N GLN A 247 -14.30 -27.98 -12.92
CA GLN A 247 -14.07 -27.71 -11.52
C GLN A 247 -12.98 -28.60 -10.95
N VAL A 248 -12.99 -29.87 -11.33
CA VAL A 248 -12.02 -30.82 -10.81
C VAL A 248 -11.44 -31.78 -11.85
N GLY A 249 -11.79 -31.56 -13.12
CA GLY A 249 -11.54 -32.54 -14.16
C GLY A 249 -12.27 -33.86 -13.94
N PHE A 250 -11.54 -34.95 -14.08
CA PHE A 250 -12.06 -36.24 -13.70
C PHE A 250 -11.56 -36.69 -12.34
N GLY A 251 -11.22 -35.70 -11.49
CA GLY A 251 -10.81 -35.98 -10.12
C GLY A 251 -9.31 -35.84 -9.91
N THR A 252 -8.58 -35.38 -10.95
CA THR A 252 -7.14 -35.08 -10.85
C THR A 252 -6.77 -33.59 -11.12
N GLY A 253 -7.74 -32.73 -11.29
CA GLY A 253 -7.43 -31.32 -11.51
C GLY A 253 -8.47 -30.63 -12.39
N GLY A 254 -8.74 -29.37 -12.07
CA GLY A 254 -9.73 -28.53 -12.79
C GLY A 254 -9.15 -27.94 -14.08
N TRP A 255 -10.01 -27.58 -15.00
CA TRP A 255 -9.53 -27.07 -16.26
C TRP A 255 -10.12 -25.67 -16.52
N ASP A 256 -11.00 -25.19 -15.64
CA ASP A 256 -11.89 -24.08 -16.03
C ASP A 256 -11.13 -22.82 -16.25
N SER A 257 -10.09 -22.57 -15.49
CA SER A 257 -9.33 -21.35 -15.73
C SER A 257 -8.67 -21.35 -17.16
N ASP A 258 -8.45 -22.53 -17.76
CA ASP A 258 -7.86 -22.65 -19.11
C ASP A 258 -8.91 -22.72 -20.24
N PHE A 259 -10.20 -22.82 -19.88
CA PHE A 259 -11.28 -22.89 -20.83
C PHE A 259 -11.29 -21.79 -21.90
N PRO A 260 -10.98 -20.55 -21.55
CA PRO A 260 -10.87 -19.49 -22.56
C PRO A 260 -9.65 -19.53 -23.49
N ASN A 261 -8.62 -20.35 -23.19
CA ASN A 261 -7.40 -20.32 -23.96
C ASN A 261 -7.61 -20.96 -25.32
N SER A 262 -6.75 -20.66 -26.28
CA SER A 262 -6.75 -21.44 -27.54
C SER A 262 -6.56 -22.88 -27.27
N MET A 263 -7.35 -23.74 -27.95
CA MET A 263 -7.20 -25.14 -27.77
C MET A 263 -5.82 -25.67 -28.14
N LEU A 264 -5.11 -24.97 -28.99
CA LEU A 264 -3.76 -25.41 -29.36
C LEU A 264 -2.83 -25.49 -28.15
N GLU A 265 -3.06 -24.63 -27.18
CA GLU A 265 -2.28 -24.62 -25.99
C GLU A 265 -2.51 -25.84 -25.17
N ILE A 266 -3.76 -26.21 -25.06
CA ILE A 266 -4.10 -27.38 -24.33
C ILE A 266 -3.60 -28.62 -24.99
N PHE A 267 -3.75 -28.68 -26.32
CA PHE A 267 -3.25 -29.86 -27.03
C PHE A 267 -1.79 -30.08 -26.66
N ARG A 268 -1.03 -29.00 -26.68
CA ARG A 268 0.46 -29.07 -26.39
C ARG A 268 0.77 -29.66 -25.03
N VAL A 269 0.01 -29.17 -24.08
CA VAL A 269 0.05 -29.69 -22.71
C VAL A 269 -0.14 -31.17 -22.60
N VAL A 270 -1.25 -31.67 -23.11
CA VAL A 270 -1.60 -33.09 -22.91
C VAL A 270 -0.75 -33.98 -23.82
N MET A 271 -0.52 -33.55 -25.02
CA MET A 271 0.26 -34.36 -25.96
C MET A 271 1.69 -34.61 -25.41
N THR A 272 2.26 -33.68 -24.64
CA THR A 272 3.68 -33.80 -24.15
C THR A 272 3.73 -34.19 -22.66
N ASN A 273 2.58 -34.64 -22.15
CA ASN A 273 2.43 -35.11 -20.81
C ASN A 273 2.83 -34.08 -19.75
N CYS A 274 2.58 -32.80 -20.04
CA CYS A 274 2.90 -31.79 -19.09
C CYS A 274 2.07 -32.03 -17.82
N ASP A 275 0.89 -32.61 -18.01
CA ASP A 275 -0.10 -32.86 -16.96
C ASP A 275 -0.02 -34.19 -16.23
N ASP A 276 1.10 -34.92 -16.33
CA ASP A 276 1.29 -36.06 -15.44
C ASP A 276 2.76 -36.35 -15.17
N HIS A 277 2.99 -37.33 -14.32
CA HIS A 277 4.30 -37.67 -13.80
C HIS A 277 5.12 -36.39 -13.51
N GLN A 278 4.70 -35.65 -12.48
CA GLN A 278 5.36 -34.44 -12.08
C GLN A 278 6.15 -34.66 -10.79
N HIS A 279 7.38 -34.13 -10.71
CA HIS A 279 8.20 -34.11 -9.50
C HIS A 279 8.34 -32.66 -8.92
N LEU A 280 8.55 -32.54 -7.60
CA LEU A 280 9.01 -31.31 -6.98
C LEU A 280 10.51 -31.50 -6.77
N VAL A 281 11.24 -30.40 -6.66
CA VAL A 281 12.64 -30.40 -6.30
C VAL A 281 12.78 -30.32 -4.80
N VAL A 282 13.51 -31.28 -4.19
CA VAL A 282 13.61 -31.32 -2.73
C VAL A 282 14.47 -30.17 -2.24
N GLY A 283 13.93 -29.39 -1.31
CA GLY A 283 14.57 -28.18 -0.84
C GLY A 283 14.22 -26.93 -1.64
N GLY A 284 13.48 -27.12 -2.72
CA GLY A 284 12.93 -25.99 -3.51
C GLY A 284 13.57 -25.85 -4.83
N VAL A 285 12.73 -25.63 -5.84
CA VAL A 285 13.20 -25.45 -7.17
C VAL A 285 14.07 -24.20 -7.38
N GLU A 286 14.02 -23.23 -6.47
CA GLU A 286 14.83 -22.06 -6.59
C GLU A 286 16.33 -22.48 -6.53
N GLN A 287 16.62 -23.67 -6.01
CA GLN A 287 18.00 -24.20 -6.07
C GLN A 287 18.43 -24.37 -7.50
N VAL A 288 17.50 -24.38 -8.44
CA VAL A 288 17.95 -24.50 -9.84
C VAL A 288 18.65 -23.22 -10.33
N PRO A 289 17.94 -22.07 -10.26
CA PRO A 289 18.57 -20.85 -10.74
C PRO A 289 19.76 -20.48 -9.89
N GLN A 290 19.64 -20.65 -8.57
CA GLN A 290 20.70 -20.31 -7.67
C GLN A 290 21.95 -21.18 -7.86
N GLY A 291 21.79 -22.46 -8.19
CA GLY A 291 22.92 -23.33 -8.45
C GLY A 291 23.49 -23.07 -9.82
N ILE A 292 22.65 -22.77 -10.82
CA ILE A 292 23.20 -22.34 -12.13
C ILE A 292 24.12 -21.15 -11.97
N TRP A 293 23.65 -20.19 -11.18
CA TRP A 293 24.47 -18.98 -10.92
C TRP A 293 25.88 -19.30 -10.38
N ARG A 294 26.00 -20.34 -9.58
CA ARG A 294 27.26 -20.68 -8.88
C ARG A 294 28.02 -21.81 -9.48
N HIS A 295 27.46 -22.49 -10.48
CA HIS A 295 28.05 -23.68 -11.00
C HIS A 295 29.28 -23.43 -11.86
N VAL A 296 30.35 -24.20 -11.58
CA VAL A 296 31.59 -24.08 -12.31
C VAL A 296 31.65 -25.19 -13.37
N PRO A 297 31.50 -24.84 -14.67
CA PRO A 297 31.67 -25.87 -15.71
C PRO A 297 33.06 -26.47 -15.67
N GLU A 298 33.15 -27.75 -16.08
CA GLU A 298 34.45 -28.43 -16.27
C GLU A 298 35.27 -27.64 -17.26
N ARG A 299 34.65 -27.30 -18.39
CA ARG A 299 35.33 -26.61 -19.46
C ARG A 299 34.53 -25.44 -20.02
N CYS A 300 35.07 -24.22 -19.91
CA CYS A 300 34.60 -23.09 -20.71
C CYS A 300 35.62 -22.78 -21.79
N ALA A 301 35.13 -22.35 -22.94
CA ALA A 301 36.00 -21.61 -23.83
C ALA A 301 36.43 -20.33 -23.10
N HIS A 302 37.71 -19.94 -23.31
CA HIS A 302 38.28 -18.68 -22.81
C HIS A 302 38.48 -18.58 -21.31
N TRP A 303 37.46 -18.80 -20.52
CA TRP A 303 37.57 -18.47 -19.08
C TRP A 303 38.45 -19.43 -18.31
N PRO A 304 39.11 -18.95 -17.26
CA PRO A 304 39.94 -19.88 -16.48
C PRO A 304 39.10 -20.87 -15.64
N GLU A 305 39.71 -21.99 -15.26
CA GLU A 305 39.07 -22.88 -14.30
C GLU A 305 38.59 -22.16 -13.07
N GLY A 306 37.47 -22.63 -12.54
CA GLY A 306 36.89 -21.99 -11.36
C GLY A 306 35.93 -20.84 -11.70
N THR A 307 35.74 -20.52 -12.98
CA THR A 307 34.85 -19.47 -13.38
C THR A 307 33.39 -19.95 -13.31
N SER A 308 32.54 -19.14 -12.71
CA SER A 308 31.09 -19.33 -12.74
C SER A 308 30.48 -18.02 -13.10
N LEU A 309 29.15 -18.00 -13.32
CA LEU A 309 28.48 -16.76 -13.52
C LEU A 309 28.72 -15.82 -12.34
N SER A 310 28.56 -16.33 -11.13
CA SER A 310 28.81 -15.54 -9.97
C SER A 310 30.19 -14.88 -9.93
N SER A 311 31.22 -15.67 -10.16
CA SER A 311 32.58 -15.12 -10.11
C SER A 311 32.79 -14.08 -11.20
N LEU A 312 32.25 -14.31 -12.41
CA LEU A 312 32.27 -13.28 -13.46
C LEU A 312 31.58 -12.00 -13.13
N HIS A 313 30.51 -12.07 -12.31
CA HIS A 313 29.82 -10.86 -11.90
C HIS A 313 30.35 -10.26 -10.59
N GLY A 314 31.29 -10.90 -9.93
CA GLY A 314 31.68 -10.53 -8.58
C GLY A 314 30.57 -10.76 -7.55
N GLY A 315 29.67 -11.69 -7.80
CA GLY A 315 28.76 -12.13 -6.77
C GLY A 315 27.30 -11.92 -7.07
N ALA A 316 26.98 -10.92 -7.88
CA ALA A 316 25.54 -10.56 -8.05
C ALA A 316 25.23 -9.99 -9.38
N PRO A 317 24.00 -10.22 -9.87
CA PRO A 317 23.66 -9.56 -11.09
C PRO A 317 23.60 -8.03 -10.87
N ARG A 318 23.62 -7.29 -11.94
CA ARG A 318 23.44 -5.89 -11.86
C ARG A 318 21.97 -5.64 -11.56
N THR A 319 21.63 -4.38 -11.29
CA THR A 319 20.28 -4.01 -10.83
C THR A 319 19.27 -3.97 -11.94
N GLY A 320 18.04 -3.53 -11.66
CA GLY A 320 17.04 -3.42 -12.76
C GLY A 320 17.39 -2.49 -13.94
N VAL A 321 16.97 -2.90 -15.13
CA VAL A 321 17.11 -2.13 -16.37
C VAL A 321 15.96 -1.18 -16.54
N LYS A 322 16.26 0.07 -16.85
CA LYS A 322 15.26 1.14 -17.04
C LYS A 322 15.09 1.50 -18.55
N ARG A 323 16.12 1.20 -19.33
CA ARG A 323 16.12 1.63 -20.71
C ARG A 323 17.06 0.80 -21.60
N ILE A 324 16.59 0.56 -22.81
CA ILE A 324 17.35 -0.07 -23.87
C ILE A 324 17.21 0.80 -25.17
N ALA A 325 18.34 1.13 -25.74
CA ALA A 325 18.32 1.89 -26.95
C ALA A 325 19.54 1.64 -27.85
N ARG A 326 19.38 1.95 -29.13
CA ARG A 326 20.49 1.82 -30.05
C ARG A 326 21.47 2.93 -29.82
N ALA A 327 22.74 2.60 -29.66
CA ALA A 327 23.72 3.67 -29.35
C ALA A 327 24.44 4.14 -30.64
N SER A 328 25.12 5.28 -30.60
CA SER A 328 25.63 5.87 -31.81
C SER A 328 26.88 5.07 -32.26
N ASP A 329 27.41 4.16 -31.42
CA ASP A 329 28.49 3.23 -31.88
C ASP A 329 27.92 1.97 -32.55
N GLY A 330 26.60 1.92 -32.72
CA GLY A 330 25.93 0.76 -33.30
C GLY A 330 25.59 -0.39 -32.31
N ARG A 331 26.03 -0.29 -31.07
CA ARG A 331 25.72 -1.30 -30.06
C ARG A 331 24.47 -0.92 -29.35
N LEU A 332 24.04 -1.73 -28.38
CA LEU A 332 22.83 -1.44 -27.65
C LEU A 332 23.25 -0.92 -26.31
N ALA A 333 22.62 0.20 -25.93
CA ALA A 333 22.78 0.83 -24.64
C ALA A 333 21.77 0.35 -23.68
N VAL A 334 22.24 -0.14 -22.54
CA VAL A 334 21.35 -0.59 -21.48
C VAL A 334 21.60 0.32 -20.31
N THR A 335 20.56 0.95 -19.85
CA THR A 335 20.65 1.84 -18.68
C THR A 335 19.92 1.29 -17.51
N ASP A 336 20.60 1.19 -16.37
CA ASP A 336 20.04 0.61 -15.17
C ASP A 336 19.29 1.66 -14.30
N ASN A 337 18.70 1.21 -13.19
CA ASN A 337 17.87 2.05 -12.33
C ASN A 337 18.56 3.29 -11.81
N TRP A 338 19.88 3.25 -11.68
CA TRP A 338 20.66 4.31 -11.09
C TRP A 338 21.33 5.17 -12.16
N GLY A 339 20.84 5.06 -13.40
CA GLY A 339 21.35 5.86 -14.50
C GLY A 339 22.65 5.37 -15.13
N ASP A 340 23.20 4.23 -14.71
CA ASP A 340 24.43 3.70 -15.31
C ASP A 340 24.18 3.03 -16.66
N CYS A 341 24.95 3.44 -17.67
CA CYS A 341 24.69 3.08 -19.03
C CYS A 341 25.86 2.29 -19.59
N ARG A 342 25.61 1.08 -20.14
CA ARG A 342 26.70 0.24 -20.66
C ARG A 342 26.28 -0.35 -21.99
N HIS A 343 27.23 -0.64 -22.87
CA HIS A 343 26.93 -0.89 -24.25
C HIS A 343 27.23 -2.34 -24.59
N TYR A 344 26.42 -2.96 -25.42
CA TYR A 344 26.59 -4.40 -25.66
C TYR A 344 26.31 -4.70 -27.12
N ALA A 345 27.08 -5.64 -27.65
CA ALA A 345 26.79 -6.12 -29.04
C ALA A 345 25.46 -6.85 -29.15
N ALA A 346 24.97 -7.38 -28.03
CA ALA A 346 23.69 -8.11 -28.00
C ALA A 346 23.02 -8.01 -26.65
N VAL A 347 21.69 -8.00 -26.66
CA VAL A 347 20.90 -7.96 -25.45
C VAL A 347 19.81 -9.00 -25.57
N LEU A 348 19.68 -9.84 -24.54
CA LEU A 348 18.58 -10.73 -24.38
C LEU A 348 17.67 -10.21 -23.27
N THR A 349 16.36 -10.07 -23.56
CA THR A 349 15.44 -9.81 -22.52
C THR A 349 14.56 -11.01 -22.24
N THR A 350 14.34 -11.28 -20.96
CA THR A 350 13.57 -12.41 -20.54
C THR A 350 12.40 -12.05 -19.59
N CYS A 351 12.22 -10.78 -19.29
CA CYS A 351 11.10 -10.37 -18.53
C CYS A 351 9.81 -10.62 -19.30
N GLN A 352 8.69 -10.60 -18.60
CA GLN A 352 7.39 -10.83 -19.27
C GLN A 352 7.11 -9.67 -20.23
N SER A 353 6.46 -10.00 -21.36
CA SER A 353 6.51 -9.15 -22.57
C SER A 353 5.99 -7.74 -22.40
N TRP A 354 5.03 -7.54 -21.51
CA TRP A 354 4.46 -6.22 -21.32
C TRP A 354 5.44 -5.28 -20.75
N LEU A 355 6.43 -5.83 -20.03
CA LEU A 355 7.39 -4.99 -19.30
C LEU A 355 8.29 -4.22 -20.24
N LEU A 356 8.42 -4.67 -21.48
CA LEU A 356 9.19 -3.87 -22.47
C LEU A 356 8.47 -2.55 -22.86
N THR A 357 7.27 -2.31 -22.33
CA THR A 357 6.61 -1.01 -22.43
C THR A 357 6.40 -0.37 -21.01
N THR A 358 6.09 -1.23 -20.08
CA THR A 358 5.57 -0.82 -18.78
C THR A 358 6.71 -0.47 -17.77
N GLN A 359 7.77 -1.27 -17.80
CA GLN A 359 8.86 -1.17 -16.84
C GLN A 359 10.15 -0.67 -17.56
N ILE A 360 10.36 -1.01 -18.83
CA ILE A 360 11.56 -0.56 -19.55
C ILE A 360 11.16 0.43 -20.64
N ASP A 361 11.94 1.47 -20.81
CA ASP A 361 11.81 2.31 -21.97
C ASP A 361 12.61 1.68 -23.10
N CYS A 362 11.95 0.88 -23.90
CA CYS A 362 12.66 0.08 -24.93
C CYS A 362 12.39 0.74 -26.26
N GLU A 363 13.41 1.32 -26.81
CA GLU A 363 13.28 2.12 -28.01
C GLU A 363 12.46 1.42 -29.10
N GLU A 364 11.40 2.08 -29.54
CA GLU A 364 10.39 1.47 -30.35
C GLU A 364 10.92 0.81 -31.64
N SER A 365 11.98 1.38 -32.23
CA SER A 365 12.48 0.89 -33.50
C SER A 365 13.32 -0.40 -33.37
N LEU A 366 13.54 -0.86 -32.15
CA LEU A 366 14.30 -2.10 -31.94
C LEU A 366 13.52 -3.35 -32.28
N PHE A 367 12.18 -3.23 -32.30
CA PHE A 367 11.28 -4.29 -32.70
C PHE A 367 10.36 -3.78 -33.86
N SER A 368 10.00 -4.68 -34.76
CA SER A 368 9.11 -4.33 -35.82
C SER A 368 7.75 -4.10 -35.16
N GLN A 369 6.85 -3.43 -35.87
CA GLN A 369 5.53 -3.23 -35.40
C GLN A 369 4.77 -4.53 -35.24
N LYS A 370 5.07 -5.49 -36.12
CA LYS A 370 4.45 -6.80 -36.01
C LYS A 370 4.88 -7.45 -34.69
N MET A 371 6.12 -7.23 -34.28
CA MET A 371 6.62 -7.80 -33.03
C MET A 371 6.00 -7.12 -31.86
N TRP A 372 5.99 -5.80 -31.89
CA TRP A 372 5.31 -5.08 -30.80
C TRP A 372 3.89 -5.56 -30.58
N MET A 373 3.20 -5.83 -31.66
CA MET A 373 1.82 -6.18 -31.51
C MET A 373 1.78 -7.53 -30.83
N ALA A 374 2.71 -8.42 -31.17
CA ALA A 374 2.66 -9.72 -30.54
C ALA A 374 2.95 -9.55 -29.03
N LEU A 375 3.95 -8.75 -28.71
CA LEU A 375 4.40 -8.56 -27.35
C LEU A 375 3.29 -7.93 -26.50
N ASP A 376 2.57 -7.01 -27.13
CA ASP A 376 1.61 -6.19 -26.45
C ASP A 376 0.28 -6.81 -26.28
N ARG A 377 -0.08 -7.76 -27.14
CA ARG A 377 -1.41 -8.36 -27.16
C ARG A 377 -1.44 -9.60 -26.30
N THR A 378 -0.26 -10.01 -25.89
CA THR A 378 -0.12 -11.24 -25.17
C THR A 378 -0.83 -11.04 -23.83
N ARG A 379 -1.57 -12.08 -23.43
CA ARG A 379 -2.36 -12.06 -22.22
C ARG A 379 -1.73 -12.90 -21.10
N TYR A 380 -1.82 -12.39 -19.87
CA TYR A 380 -1.28 -13.02 -18.65
C TYR A 380 -2.35 -13.51 -17.71
N MET A 381 -2.12 -14.69 -17.15
CA MET A 381 -3.03 -15.30 -16.22
C MET A 381 -2.65 -14.95 -14.81
N GLN A 382 -3.67 -14.81 -13.98
CA GLN A 382 -3.54 -14.50 -12.59
C GLN A 382 -3.43 -15.80 -11.75
N SER A 383 -2.68 -15.73 -10.66
CA SER A 383 -2.51 -16.85 -9.78
C SER A 383 -2.20 -16.40 -8.38
N SER A 384 -2.77 -17.10 -7.40
CA SER A 384 -2.46 -16.95 -5.98
C SER A 384 -2.29 -18.27 -5.32
N LYS A 385 -1.36 -18.34 -4.37
CA LYS A 385 -1.12 -19.47 -3.54
C LYS A 385 -0.94 -18.95 -2.09
N THR A 386 -1.35 -19.73 -1.09
CA THR A 386 -1.27 -19.41 0.34
C THR A 386 -0.90 -20.67 1.04
N PHE A 387 0.24 -20.65 1.75
CA PHE A 387 0.80 -21.83 2.32
C PHE A 387 0.86 -21.61 3.87
N VAL A 388 0.71 -22.68 4.62
CA VAL A 388 1.08 -22.72 6.05
C VAL A 388 1.91 -23.94 6.27
N MET A 389 2.69 -23.92 7.34
CA MET A 389 3.45 -25.04 7.79
C MET A 389 2.70 -25.65 8.96
N VAL A 390 2.82 -26.95 9.12
CA VAL A 390 2.20 -27.64 10.24
C VAL A 390 3.26 -28.47 10.94
N ASP A 391 2.97 -28.81 12.21
CA ASP A 391 3.95 -29.45 13.08
C ASP A 391 4.29 -30.84 12.63
N ARG A 392 3.36 -31.48 11.96
CA ARG A 392 3.63 -32.81 11.47
C ARG A 392 2.60 -33.11 10.38
N PRO A 393 2.78 -34.20 9.58
CA PRO A 393 1.84 -34.60 8.55
C PRO A 393 0.59 -35.24 9.09
N PHE A 394 -0.11 -34.51 9.91
CA PHE A 394 -1.23 -35.05 10.72
C PHE A 394 -2.35 -35.60 9.89
N TRP A 395 -2.40 -35.18 8.62
CA TRP A 395 -3.47 -35.62 7.70
C TRP A 395 -3.45 -37.12 7.44
N LYS A 396 -2.29 -37.74 7.62
CA LYS A 396 -2.14 -39.18 7.45
C LYS A 396 -2.77 -39.99 8.58
N ASP A 397 -3.11 -39.36 9.70
CA ASP A 397 -3.86 -39.98 10.77
C ASP A 397 -5.23 -40.37 10.27
N LYS A 398 -5.73 -41.46 10.81
CA LYS A 398 -7.02 -42.02 10.47
C LYS A 398 -8.09 -41.59 11.44
N ASP A 399 -9.27 -41.37 10.90
CA ASP A 399 -10.45 -41.13 11.67
C ASP A 399 -11.01 -42.56 11.95
N PRO A 400 -10.81 -43.07 13.20
CA PRO A 400 -11.15 -44.48 13.47
C PRO A 400 -12.62 -44.82 13.17
N GLU A 401 -13.50 -43.83 13.28
CA GLU A 401 -14.90 -44.01 12.87
C GLU A 401 -15.11 -44.29 11.41
N THR A 402 -14.43 -43.54 10.51
CA THR A 402 -14.70 -43.65 9.09
C THR A 402 -13.67 -44.40 8.32
N GLY A 403 -12.47 -44.58 8.87
CA GLY A 403 -11.36 -45.09 8.05
C GLY A 403 -10.63 -44.05 7.16
N ARG A 404 -11.16 -42.84 7.08
CA ARG A 404 -10.58 -41.76 6.26
C ARG A 404 -9.40 -41.09 6.93
N ASP A 405 -8.46 -40.63 6.11
CA ASP A 405 -7.45 -39.67 6.51
C ASP A 405 -8.10 -38.43 7.02
N LEU A 406 -7.44 -37.75 7.95
CA LEU A 406 -8.02 -36.56 8.54
C LEU A 406 -8.10 -35.47 7.50
N MET A 407 -7.20 -35.51 6.54
CA MET A 407 -7.23 -34.51 5.49
C MET A 407 -6.69 -35.10 4.21
N SER A 408 -7.20 -34.62 3.09
CA SER A 408 -6.77 -35.14 1.80
C SER A 408 -6.29 -34.04 0.87
N MET A 409 -5.70 -34.44 -0.25
CA MET A 409 -5.55 -33.53 -1.38
C MET A 409 -6.97 -33.12 -1.69
N THR A 410 -7.27 -31.82 -1.70
CA THR A 410 -8.66 -31.34 -1.81
C THR A 410 -8.94 -30.57 -3.08
N LEU A 411 -9.95 -31.02 -3.84
CA LEU A 411 -10.42 -30.30 -5.00
C LEU A 411 -11.88 -29.90 -4.72
N THR A 412 -12.16 -28.62 -4.89
CA THR A 412 -13.46 -28.10 -4.57
C THR A 412 -13.85 -26.98 -5.46
N ASP A 413 -15.15 -26.68 -5.47
CA ASP A 413 -15.69 -25.46 -6.04
C ASP A 413 -15.70 -24.35 -5.04
N ARG A 414 -15.35 -24.66 -3.80
CA ARG A 414 -15.14 -23.62 -2.82
C ARG A 414 -13.88 -22.75 -3.16
N LEU A 415 -13.79 -21.58 -2.51
CA LEU A 415 -12.84 -20.54 -2.95
C LEU A 415 -11.36 -21.03 -2.87
N THR A 416 -11.05 -22.02 -2.06
CA THR A 416 -9.68 -22.55 -2.05
C THR A 416 -9.30 -23.27 -3.33
N ARG A 417 -10.29 -23.88 -3.98
CA ARG A 417 -10.09 -24.64 -5.25
C ARG A 417 -9.24 -25.87 -5.14
N GLY A 418 -7.96 -25.69 -4.93
CA GLY A 418 -7.04 -26.84 -4.78
C GLY A 418 -6.21 -26.69 -3.49
N THR A 419 -6.09 -27.77 -2.71
CA THR A 419 -5.29 -27.81 -1.49
C THR A 419 -4.32 -28.96 -1.60
N TYR A 420 -3.03 -28.70 -1.41
CA TYR A 420 -2.02 -29.75 -1.53
C TYR A 420 -1.29 -29.96 -0.24
N LEU A 421 -0.86 -31.21 -0.02
CA LEU A 421 -0.33 -31.59 1.22
C LEU A 421 1.06 -32.13 0.99
N PHE A 422 2.04 -31.58 1.73
CA PHE A 422 3.47 -31.92 1.49
C PHE A 422 4.09 -32.56 2.69
N ASP A 423 4.36 -33.82 2.55
CA ASP A 423 4.86 -34.62 3.63
C ASP A 423 6.40 -34.62 3.57
N ASN A 424 7.05 -34.10 4.60
CA ASN A 424 8.52 -34.06 4.60
C ASN A 424 9.15 -35.19 5.43
N GLY A 425 8.32 -36.15 5.82
CA GLY A 425 8.71 -37.24 6.70
C GLY A 425 7.98 -37.11 8.01
N ASP A 426 7.72 -38.24 8.66
CA ASP A 426 6.98 -38.27 9.96
C ASP A 426 7.57 -37.36 11.06
N ASP A 427 8.86 -37.04 10.97
CA ASP A 427 9.57 -36.28 12.00
C ASP A 427 9.96 -34.87 11.55
N LYS A 428 9.38 -34.40 10.45
CA LYS A 428 9.60 -33.03 9.98
C LYS A 428 8.28 -32.30 9.92
N PRO A 429 8.30 -30.97 9.93
CA PRO A 429 7.01 -30.30 9.72
C PRO A 429 6.47 -30.60 8.34
N GLY A 430 5.14 -30.50 8.20
CA GLY A 430 4.53 -30.65 6.91
C GLY A 430 4.34 -29.28 6.36
N VAL A 431 3.99 -29.20 5.08
CA VAL A 431 3.55 -27.96 4.44
C VAL A 431 2.21 -28.18 3.76
N ILE A 432 1.34 -27.17 3.86
CA ILE A 432 0.03 -27.28 3.21
C ILE A 432 -0.14 -26.09 2.35
N CYS A 433 -0.43 -26.32 1.05
CA CYS A 433 -0.79 -25.24 0.23
C CYS A 433 -2.27 -25.18 0.42
N LEU A 434 -2.72 -24.26 1.23
CA LEU A 434 -4.15 -24.19 1.55
C LEU A 434 -5.00 -23.93 0.33
N SER A 435 -4.49 -23.10 -0.55
CA SER A 435 -5.21 -22.72 -1.76
C SER A 435 -4.25 -22.35 -2.90
N TYR A 436 -4.36 -23.05 -4.03
CA TYR A 436 -3.74 -22.70 -5.27
C TYR A 436 -4.87 -22.38 -6.24
N ALA A 437 -4.94 -21.16 -6.69
CA ALA A 437 -6.07 -20.72 -7.49
C ALA A 437 -5.54 -19.91 -8.67
N TRP A 438 -6.37 -19.83 -9.72
CA TRP A 438 -6.03 -19.21 -10.99
C TRP A 438 -7.20 -18.32 -11.42
N MET A 439 -6.88 -17.35 -12.26
CA MET A 439 -7.90 -16.53 -12.89
C MET A 439 -8.88 -15.98 -11.86
N SER A 440 -10.20 -16.09 -12.11
CA SER A 440 -11.25 -15.53 -11.20
C SER A 440 -11.03 -15.80 -9.72
N ASP A 441 -10.73 -17.07 -9.42
CA ASP A 441 -10.54 -17.48 -8.04
C ASP A 441 -9.26 -16.89 -7.40
N ALA A 442 -8.24 -16.58 -8.21
CA ALA A 442 -7.08 -15.80 -7.76
C ALA A 442 -7.50 -14.35 -7.55
N LEU A 443 -8.23 -13.77 -8.51
CA LEU A 443 -8.71 -12.37 -8.40
C LEU A 443 -9.59 -12.11 -7.18
N LYS A 444 -10.32 -13.12 -6.72
CA LYS A 444 -11.04 -13.07 -5.43
C LYS A 444 -10.16 -12.71 -4.22
N MET A 445 -8.89 -13.15 -4.21
CA MET A 445 -7.90 -12.80 -3.15
C MET A 445 -7.10 -11.50 -3.39
N LEU A 446 -7.12 -10.96 -4.63
CA LEU A 446 -6.14 -9.93 -5.04
C LEU A 446 -5.90 -8.89 -3.96
N PRO A 447 -6.92 -8.10 -3.61
CA PRO A 447 -6.65 -7.03 -2.63
C PRO A 447 -6.48 -7.48 -1.15
N HIS A 448 -6.64 -8.76 -0.80
CA HIS A 448 -6.66 -9.15 0.61
C HIS A 448 -5.32 -9.56 1.18
N PRO A 449 -5.04 -9.23 2.46
CA PRO A 449 -3.76 -9.53 3.05
C PRO A 449 -3.70 -10.95 3.54
N VAL A 450 -2.50 -11.41 3.89
CA VAL A 450 -2.29 -12.85 4.10
C VAL A 450 -3.13 -13.50 5.19
N GLU A 451 -3.47 -12.71 6.21
CA GLU A 451 -4.22 -13.17 7.37
C GLU A 451 -5.63 -13.54 6.94
N LYS A 452 -6.21 -12.67 6.14
CA LYS A 452 -7.58 -12.83 5.62
C LYS A 452 -7.63 -13.98 4.58
N ARG A 453 -6.59 -14.10 3.77
CA ARG A 453 -6.46 -15.19 2.87
C ARG A 453 -6.45 -16.54 3.58
N VAL A 454 -5.64 -16.66 4.61
CA VAL A 454 -5.55 -17.87 5.34
C VAL A 454 -6.89 -18.17 6.10
N GLN A 455 -7.49 -17.15 6.65
CA GLN A 455 -8.75 -17.33 7.38
C GLN A 455 -9.88 -17.79 6.44
N LEU A 456 -10.02 -17.11 5.28
CA LEU A 456 -10.95 -17.54 4.26
C LEU A 456 -10.72 -19.02 3.90
N ALA A 457 -9.47 -19.44 3.76
CA ALA A 457 -9.20 -20.81 3.37
C ALA A 457 -9.49 -21.79 4.46
N LEU A 458 -9.12 -21.44 5.68
CA LEU A 458 -9.39 -22.32 6.81
C LEU A 458 -10.92 -22.46 7.03
N ASP A 459 -11.65 -21.38 6.85
CA ASP A 459 -13.12 -21.47 6.96
C ASP A 459 -13.70 -22.40 5.86
N ALA A 460 -13.25 -22.29 4.61
CA ALA A 460 -13.74 -23.19 3.59
C ALA A 460 -13.37 -24.61 3.91
N LEU A 461 -12.13 -24.83 4.36
CA LEU A 461 -11.73 -26.17 4.67
C LEU A 461 -12.44 -26.74 5.87
N LYS A 462 -12.83 -25.88 6.81
CA LYS A 462 -13.69 -26.33 7.92
C LYS A 462 -15.07 -26.85 7.40
N LYS A 463 -15.62 -26.26 6.35
CA LYS A 463 -16.89 -26.73 5.75
C LYS A 463 -16.67 -28.11 5.13
N ILE A 464 -15.48 -28.37 4.60
CA ILE A 464 -15.21 -29.66 4.02
C ILE A 464 -14.83 -30.72 5.05
N TYR A 465 -14.05 -30.30 6.03
CA TYR A 465 -13.56 -31.17 7.04
C TYR A 465 -14.00 -30.65 8.41
N PRO A 466 -15.31 -30.78 8.74
CA PRO A 466 -15.76 -30.14 9.97
C PRO A 466 -15.13 -30.71 11.23
N LYS A 467 -14.63 -31.93 11.17
CA LYS A 467 -14.01 -32.54 12.32
C LYS A 467 -12.50 -32.40 12.37
N THR A 468 -11.89 -31.73 11.41
CA THR A 468 -10.43 -31.65 11.41
C THR A 468 -9.97 -30.27 11.88
N ASP A 469 -9.10 -30.27 12.88
CA ASP A 469 -8.47 -29.08 13.42
C ASP A 469 -7.14 -28.81 12.69
N ILE A 470 -7.21 -28.06 11.61
CA ILE A 470 -6.01 -27.68 10.92
C ILE A 470 -5.29 -26.62 11.75
N ALA A 471 -6.04 -25.62 12.17
CA ALA A 471 -5.47 -24.48 12.89
C ALA A 471 -4.55 -24.92 14.00
N GLY A 472 -4.99 -25.89 14.77
CA GLY A 472 -4.20 -26.36 15.89
C GLY A 472 -2.82 -26.88 15.53
N HIS A 473 -2.61 -27.31 14.29
CA HIS A 473 -1.30 -27.88 13.89
C HIS A 473 -0.39 -26.85 13.23
N ILE A 474 -0.98 -25.71 12.87
CA ILE A 474 -0.26 -24.66 12.13
C ILE A 474 0.78 -24.02 13.04
N ILE A 475 2.02 -23.99 12.51
CA ILE A 475 3.15 -23.25 13.10
C ILE A 475 3.85 -22.42 12.02
N GLY A 476 4.79 -21.57 12.46
CA GLY A 476 5.53 -20.70 11.56
C GLY A 476 4.67 -19.58 11.05
N ASP A 477 5.17 -18.98 9.98
CA ASP A 477 4.55 -17.88 9.33
C ASP A 477 3.71 -18.37 8.12
N PRO A 478 2.64 -17.66 7.82
CA PRO A 478 1.89 -17.91 6.61
C PRO A 478 2.59 -17.24 5.43
N ILE A 479 2.58 -17.87 4.26
CA ILE A 479 3.14 -17.29 3.03
C ILE A 479 2.13 -17.24 1.92
N THR A 480 1.94 -16.09 1.27
CA THR A 480 1.05 -15.96 0.16
C THR A 480 1.79 -15.23 -0.97
N ILE A 481 1.20 -15.25 -2.18
CA ILE A 481 1.55 -14.41 -3.32
C ILE A 481 0.38 -14.20 -4.27
N SER A 482 0.36 -13.06 -4.97
CA SER A 482 -0.41 -12.79 -6.21
C SER A 482 0.47 -12.26 -7.36
N TRP A 483 0.72 -13.12 -8.35
CA TRP A 483 1.72 -12.75 -9.37
C TRP A 483 1.29 -11.53 -10.20
N GLU A 484 -0.01 -11.41 -10.48
CA GLU A 484 -0.59 -10.22 -11.16
C GLU A 484 -0.21 -8.90 -10.55
N ALA A 485 -0.03 -8.89 -9.22
CA ALA A 485 0.18 -7.66 -8.48
C ALA A 485 1.60 -7.11 -8.60
N ASP A 486 2.57 -7.95 -8.99
CA ASP A 486 3.99 -7.56 -8.87
C ASP A 486 4.41 -6.89 -10.17
N PRO A 487 4.96 -5.65 -10.13
CA PRO A 487 5.27 -4.93 -11.43
C PRO A 487 6.38 -5.60 -12.31
N HIS A 488 7.23 -6.42 -11.71
CA HIS A 488 8.26 -7.19 -12.45
C HIS A 488 7.76 -8.46 -13.11
N PHE A 489 6.45 -8.70 -12.94
CA PHE A 489 5.71 -9.77 -13.59
C PHE A 489 4.38 -9.10 -13.72
N LEU A 490 3.56 -9.42 -14.68
CA LEU A 490 2.23 -8.84 -14.51
C LEU A 490 1.29 -10.00 -14.69
N GLY A 491 1.54 -11.04 -13.87
CA GLY A 491 0.86 -12.32 -13.96
C GLY A 491 1.75 -13.52 -13.68
N ALA A 492 1.11 -14.63 -13.53
CA ALA A 492 1.77 -15.89 -13.28
C ALA A 492 2.47 -16.45 -14.52
N PHE A 493 1.81 -16.37 -15.65
CA PHE A 493 2.28 -16.87 -16.91
C PHE A 493 1.29 -16.44 -17.98
N LYS A 494 1.77 -16.42 -19.22
CA LYS A 494 0.93 -16.21 -20.40
C LYS A 494 -0.14 -17.27 -20.50
N GLY A 495 -1.28 -16.90 -21.07
CA GLY A 495 -2.18 -17.91 -21.61
C GLY A 495 -2.60 -17.48 -23.00
N ALA A 496 -2.52 -18.39 -23.96
CA ALA A 496 -2.68 -18.00 -25.34
C ALA A 496 -4.15 -17.88 -25.61
N LEU A 497 -4.62 -16.74 -26.02
CA LEU A 497 -6.02 -16.67 -26.44
C LEU A 497 -6.24 -17.21 -27.86
N PRO A 498 -7.50 -17.53 -28.20
CA PRO A 498 -7.79 -17.81 -29.60
C PRO A 498 -7.24 -16.74 -30.54
N GLY A 499 -6.65 -17.16 -31.66
CA GLY A 499 -6.13 -16.21 -32.62
C GLY A 499 -4.76 -15.67 -32.34
N HIS A 500 -4.13 -16.20 -31.31
CA HIS A 500 -2.79 -15.78 -30.95
C HIS A 500 -1.64 -16.58 -31.52
N TYR A 501 -1.92 -17.61 -32.34
CA TYR A 501 -0.85 -18.39 -32.95
C TYR A 501 0.11 -17.51 -33.69
N ARG A 502 -0.38 -16.58 -34.48
CA ARG A 502 0.52 -15.75 -35.28
C ARG A 502 1.47 -14.93 -34.39
N TYR A 503 0.95 -14.45 -33.27
CA TYR A 503 1.75 -13.64 -32.36
C TYR A 503 2.84 -14.50 -31.75
N ASN A 504 2.49 -15.70 -31.34
CA ASN A 504 3.47 -16.57 -30.72
C ASN A 504 4.52 -16.98 -31.75
N GLN A 505 4.09 -17.20 -33.01
CA GLN A 505 4.99 -17.59 -34.09
C GLN A 505 6.00 -16.49 -34.32
N ARG A 506 5.54 -15.25 -34.40
CA ARG A 506 6.47 -14.12 -34.54
C ARG A 506 7.55 -14.11 -33.42
N MET A 507 7.09 -14.21 -32.19
CA MET A 507 7.99 -14.14 -31.02
C MET A 507 8.93 -15.33 -30.92
N TYR A 508 8.42 -16.53 -31.20
CA TYR A 508 9.28 -17.73 -31.13
C TYR A 508 10.40 -17.68 -32.16
N ALA A 509 10.07 -17.12 -33.31
CA ALA A 509 11.01 -17.03 -34.46
C ALA A 509 11.92 -15.84 -34.39
N HIS A 510 11.74 -14.94 -33.40
CA HIS A 510 12.50 -13.67 -33.40
C HIS A 510 14.05 -13.87 -33.27
N PHE A 511 14.48 -15.01 -32.75
CA PHE A 511 15.98 -15.31 -32.66
C PHE A 511 16.63 -15.59 -34.00
N MET A 512 15.80 -15.78 -35.03
CA MET A 512 16.24 -16.01 -36.41
C MET A 512 16.19 -14.67 -37.13
N GLN A 513 17.35 -14.03 -37.26
CA GLN A 513 17.44 -12.63 -37.62
C GLN A 513 18.03 -12.32 -39.03
N ALA A 514 18.35 -13.33 -39.82
CA ALA A 514 19.03 -13.15 -41.13
C ALA A 514 18.26 -12.24 -42.10
N GLN A 515 16.94 -12.30 -42.03
CA GLN A 515 16.08 -11.40 -42.82
C GLN A 515 15.66 -10.17 -42.11
N MET A 516 16.20 -9.86 -40.95
CA MET A 516 15.67 -8.72 -40.22
C MET A 516 16.38 -7.51 -40.66
N PRO A 517 15.68 -6.34 -40.70
CA PRO A 517 16.35 -5.07 -40.80
C PRO A 517 17.43 -4.97 -39.74
N VAL A 518 18.52 -4.34 -40.11
CA VAL A 518 19.68 -4.22 -39.28
C VAL A 518 19.40 -3.52 -37.95
N GLU A 519 18.46 -2.55 -37.96
CA GLU A 519 18.15 -1.82 -36.74
C GLU A 519 17.47 -2.75 -35.70
N GLN A 520 16.88 -3.87 -36.14
CA GLN A 520 16.18 -4.78 -35.24
C GLN A 520 17.05 -5.93 -34.79
N ARG A 521 18.27 -6.01 -35.28
CA ARG A 521 19.12 -7.16 -34.94
C ARG A 521 19.91 -6.94 -33.66
N GLY A 522 20.09 -7.99 -32.89
CA GLY A 522 21.03 -7.97 -31.81
C GLY A 522 20.32 -7.95 -30.47
N ILE A 523 19.03 -7.69 -30.52
CA ILE A 523 18.20 -7.83 -29.36
C ILE A 523 17.49 -9.15 -29.55
N PHE A 524 17.32 -9.85 -28.44
CA PHE A 524 16.69 -11.13 -28.45
C PHE A 524 15.69 -11.24 -27.30
N ILE A 525 14.77 -12.18 -27.42
CA ILE A 525 13.84 -12.47 -26.35
C ILE A 525 13.74 -13.92 -26.04
N ALA A 526 13.39 -14.23 -24.80
CA ALA A 526 13.17 -15.60 -24.40
C ALA A 526 12.36 -15.65 -23.13
N GLY A 527 11.89 -16.86 -22.77
CA GLY A 527 11.15 -17.07 -21.58
C GLY A 527 9.82 -17.69 -21.87
N ASP A 528 9.05 -18.03 -20.85
CA ASP A 528 7.93 -18.95 -21.14
C ASP A 528 6.78 -18.27 -21.94
N ASP A 529 6.76 -16.94 -21.96
CA ASP A 529 5.82 -16.24 -22.85
C ASP A 529 6.27 -16.24 -24.34
N VAL A 530 7.56 -16.45 -24.61
CA VAL A 530 8.02 -16.66 -25.98
C VAL A 530 7.64 -18.11 -26.42
N SER A 531 7.57 -19.03 -25.47
CA SER A 531 7.29 -20.40 -25.70
C SER A 531 5.83 -20.69 -26.07
N TRP A 532 5.67 -21.86 -26.65
CA TRP A 532 4.42 -22.36 -27.01
C TRP A 532 3.68 -22.92 -25.77
N THR A 533 4.39 -23.14 -24.68
CA THR A 533 3.87 -23.82 -23.50
C THR A 533 4.08 -22.94 -22.30
N PRO A 534 3.42 -21.77 -22.25
CA PRO A 534 3.61 -20.78 -21.22
C PRO A 534 3.60 -21.15 -19.71
N ALA A 535 2.77 -22.02 -19.18
CA ALA A 535 2.91 -22.16 -17.71
C ALA A 535 3.82 -23.30 -17.31
N TRP A 536 4.84 -23.56 -18.14
CA TRP A 536 5.71 -24.71 -17.99
C TRP A 536 7.16 -24.29 -18.18
N VAL A 537 7.98 -24.62 -17.19
CA VAL A 537 9.34 -24.18 -17.20
C VAL A 537 10.12 -24.62 -18.46
N GLU A 538 9.86 -25.81 -18.98
CA GLU A 538 10.52 -26.28 -20.16
C GLU A 538 10.44 -25.28 -21.27
N GLY A 539 9.28 -24.60 -21.43
CA GLY A 539 9.19 -23.61 -22.47
C GLY A 539 10.15 -22.41 -22.33
N ALA A 540 10.41 -21.98 -21.09
CA ALA A 540 11.41 -20.97 -20.81
C ALA A 540 12.78 -21.48 -21.18
N VAL A 541 13.07 -22.72 -20.90
CA VAL A 541 14.44 -23.27 -21.12
C VAL A 541 14.59 -23.41 -22.62
N GLN A 542 13.52 -23.84 -23.35
CA GLN A 542 13.76 -24.15 -24.72
C GLN A 542 13.96 -22.83 -25.52
N THR A 543 13.18 -21.82 -25.20
CA THR A 543 13.37 -20.55 -25.85
C THR A 543 14.71 -19.90 -25.53
N SER A 544 15.14 -20.05 -24.31
CA SER A 544 16.43 -19.53 -23.93
C SER A 544 17.52 -20.09 -24.84
N LEU A 545 17.47 -21.40 -25.05
CA LEU A 545 18.42 -22.11 -25.85
C LEU A 545 18.41 -21.69 -27.27
N ASN A 546 17.24 -21.41 -27.80
CA ASN A 546 17.17 -20.81 -29.08
C ASN A 546 17.88 -19.49 -29.13
N ALA A 547 17.65 -18.67 -28.12
CA ALA A 547 18.27 -17.36 -28.12
C ALA A 547 19.79 -17.52 -27.95
N VAL A 548 20.23 -18.51 -27.22
CA VAL A 548 21.72 -18.79 -27.17
C VAL A 548 22.24 -19.01 -28.59
N TRP A 549 21.50 -19.76 -29.40
CA TRP A 549 21.88 -20.04 -30.74
C TRP A 549 21.98 -18.73 -31.56
N GLY A 550 20.92 -17.97 -31.50
CA GLY A 550 20.85 -16.67 -32.13
C GLY A 550 22.00 -15.74 -31.75
N ILE A 551 22.28 -15.64 -30.47
CA ILE A 551 23.34 -14.78 -30.02
C ILE A 551 24.72 -15.31 -30.45
N MET A 552 24.96 -16.61 -30.29
CA MET A 552 26.18 -17.22 -30.88
C MET A 552 26.32 -16.83 -32.34
N ASN A 553 25.27 -16.98 -33.13
CA ASN A 553 25.31 -16.67 -34.54
C ASN A 553 25.61 -15.18 -34.72
N HIS A 554 25.05 -14.38 -33.82
CA HIS A 554 25.18 -12.92 -33.93
C HIS A 554 26.62 -12.56 -33.75
N PHE A 555 27.35 -13.29 -32.92
CA PHE A 555 28.77 -12.99 -32.69
C PHE A 555 29.67 -13.70 -33.71
N GLY A 556 29.09 -14.09 -34.84
CA GLY A 556 29.76 -14.83 -35.89
C GLY A 556 30.20 -16.26 -35.56
N GLY A 557 29.58 -16.86 -34.57
CA GLY A 557 29.88 -18.23 -34.17
C GLY A 557 29.02 -19.24 -34.85
N LYS A 558 29.21 -20.52 -34.57
CA LYS A 558 28.38 -21.52 -35.20
C LYS A 558 28.52 -22.83 -34.44
N THR A 559 27.49 -23.66 -34.60
CA THR A 559 27.55 -24.97 -34.01
C THR A 559 28.63 -25.87 -34.67
N HIS A 560 29.11 -26.81 -33.93
CA HIS A 560 29.91 -27.89 -34.47
C HIS A 560 29.05 -28.73 -35.44
N ALA A 561 29.67 -29.18 -36.52
CA ALA A 561 29.00 -29.93 -37.57
C ALA A 561 28.35 -31.18 -37.01
N ASP A 562 28.92 -31.78 -35.98
CA ASP A 562 28.28 -33.01 -35.46
C ASP A 562 27.21 -32.74 -34.40
N ASN A 563 26.90 -31.46 -34.08
CA ASN A 563 25.86 -31.14 -33.06
C ASN A 563 25.08 -29.91 -33.49
N PRO A 564 24.38 -30.04 -34.57
CA PRO A 564 23.65 -28.88 -35.05
C PRO A 564 22.62 -28.37 -34.03
N GLY A 565 22.36 -27.09 -34.10
CA GLY A 565 21.59 -26.38 -33.09
C GLY A 565 20.26 -25.88 -33.67
N PRO A 566 19.42 -25.24 -32.85
CA PRO A 566 18.08 -24.80 -33.27
C PRO A 566 17.99 -24.05 -34.59
N GLY A 567 18.79 -23.04 -34.76
CA GLY A 567 18.71 -22.22 -35.95
C GLY A 567 19.27 -22.91 -37.18
N ASP A 568 20.07 -23.97 -36.98
CA ASP A 568 20.53 -24.77 -38.10
C ASP A 568 19.38 -25.53 -38.78
N VAL A 569 18.33 -25.84 -38.06
CA VAL A 569 17.24 -26.65 -38.60
C VAL A 569 15.87 -25.96 -38.57
N PHE A 570 15.84 -24.71 -38.08
CA PHE A 570 14.63 -24.00 -37.83
C PHE A 570 13.83 -23.81 -39.11
N ASP A 571 14.49 -23.40 -40.19
CA ASP A 571 13.75 -23.14 -41.42
C ASP A 571 13.14 -24.43 -41.94
N GLU A 572 13.73 -25.56 -41.65
CA GLU A 572 13.17 -26.83 -42.11
C GLU A 572 12.06 -27.40 -41.22
N ILE A 573 12.18 -27.36 -39.89
CA ILE A 573 11.20 -28.01 -39.03
C ILE A 573 10.50 -27.04 -38.06
N GLY A 574 10.67 -25.74 -38.28
CA GLY A 574 10.13 -24.80 -37.39
C GLY A 574 8.63 -24.67 -37.52
N GLN A 575 8.06 -23.80 -36.73
CA GLN A 575 6.61 -23.60 -36.65
C GLN A 575 6.17 -23.01 -37.93
N ILE A 576 5.14 -23.62 -38.43
CA ILE A 576 4.46 -23.14 -39.62
C ILE A 576 4.04 -21.69 -39.44
N ALA A 577 4.13 -20.89 -40.48
CA ALA A 577 3.57 -19.57 -40.51
C ALA A 577 2.18 -19.61 -41.17
N LEU A 578 1.23 -18.84 -40.65
CA LEU A 578 -0.11 -18.73 -41.23
C LEU A 578 -0.26 -17.53 -42.13
N ALA A 579 -1.28 -17.56 -42.95
CA ALA A 579 -1.53 -16.51 -43.94
C ALA A 579 -2.04 -15.25 -43.31
N ASP A 580 -1.83 -14.15 -44.01
CA ASP A 580 -2.55 -12.94 -43.73
C ASP A 580 -3.98 -13.14 -44.16
N LYS B 32 44.24 -2.63 32.26
CA LYS B 32 43.19 -1.90 33.03
C LYS B 32 41.90 -2.64 32.80
N LYS B 33 41.01 -2.64 33.77
CA LYS B 33 39.84 -3.46 33.70
C LYS B 33 38.85 -2.82 32.69
N PRO B 34 38.21 -3.64 31.85
CA PRO B 34 37.37 -3.05 30.81
C PRO B 34 36.12 -2.36 31.36
N ILE B 35 35.65 -1.32 30.68
CA ILE B 35 34.31 -0.84 30.91
C ILE B 35 33.34 -1.91 30.34
N THR B 36 32.23 -2.14 31.04
CA THR B 36 31.19 -3.04 30.57
C THR B 36 29.85 -2.40 30.86
N ILE B 37 28.78 -2.94 30.28
CA ILE B 37 27.45 -2.42 30.59
C ILE B 37 27.00 -3.00 31.95
N PHE B 38 27.38 -2.31 33.03
CA PHE B 38 27.31 -2.84 34.38
C PHE B 38 26.53 -1.79 35.12
N GLY B 39 25.26 -2.03 35.30
CA GLY B 39 24.36 -0.99 35.61
C GLY B 39 24.44 0.14 34.60
N PRO B 40 24.44 1.39 35.08
CA PRO B 40 24.49 1.76 36.51
C PRO B 40 23.23 1.53 37.30
N ASP B 41 22.08 1.38 36.66
CA ASP B 41 20.81 1.23 37.39
C ASP B 41 20.70 -0.09 38.19
N PHE B 42 21.14 -1.17 37.57
CA PHE B 42 21.13 -2.48 38.20
C PHE B 42 22.46 -3.13 37.86
N PRO B 43 23.45 -2.87 38.70
CA PRO B 43 24.78 -3.33 38.39
C PRO B 43 24.95 -4.76 38.85
N PHE B 44 24.23 -5.63 38.15
CA PHE B 44 24.35 -7.06 38.28
C PHE B 44 25.28 -7.63 37.24
N ALA B 45 26.12 -8.58 37.64
CA ALA B 45 27.13 -9.14 36.75
C ALA B 45 26.52 -10.30 35.94
N PHE B 46 25.77 -9.98 34.87
CA PHE B 46 25.08 -10.97 34.06
C PHE B 46 26.10 -11.90 33.42
N ASP B 47 27.20 -11.35 32.95
CA ASP B 47 28.25 -12.21 32.40
C ASP B 47 28.70 -13.26 33.42
N ASP B 48 28.93 -12.86 34.66
CA ASP B 48 29.36 -13.86 35.70
C ASP B 48 28.26 -14.88 35.93
N TRP B 49 27.02 -14.37 35.99
CA TRP B 49 25.89 -15.26 36.16
C TRP B 49 25.85 -16.33 35.10
N LEU B 50 26.06 -15.93 33.85
CA LEU B 50 25.98 -16.82 32.74
C LEU B 50 27.18 -17.76 32.66
N GLU B 51 28.32 -17.28 33.06
CA GLU B 51 29.57 -18.07 32.92
C GLU B 51 29.80 -19.05 34.06
N HIS B 52 29.15 -18.85 35.19
CA HIS B 52 29.43 -19.66 36.39
C HIS B 52 29.13 -21.13 36.11
N PRO B 53 30.02 -22.03 36.51
CA PRO B 53 29.77 -23.44 36.14
C PRO B 53 28.51 -24.09 36.70
N ALA B 54 27.99 -23.59 37.79
CA ALA B 54 26.79 -24.17 38.37
C ALA B 54 25.50 -23.99 37.55
N GLY B 55 25.48 -23.10 36.57
CA GLY B 55 24.22 -22.83 35.81
C GLY B 55 23.35 -21.77 36.50
N LEU B 56 22.24 -21.41 35.86
CA LEU B 56 21.42 -20.32 36.38
C LEU B 56 20.52 -20.71 37.51
N GLY B 57 20.38 -22.01 37.77
CA GLY B 57 19.59 -22.47 38.89
C GLY B 57 18.85 -23.73 38.60
N SER B 58 17.70 -23.91 39.23
CA SER B 58 16.92 -25.06 38.90
C SER B 58 15.43 -24.83 39.17
N ILE B 59 14.61 -25.77 38.72
CA ILE B 59 13.18 -25.76 38.95
C ILE B 59 12.88 -27.17 39.48
N PRO B 60 11.85 -27.34 40.34
CA PRO B 60 11.45 -28.67 40.78
C PRO B 60 11.17 -29.61 39.65
N ALA B 61 11.67 -30.86 39.83
CA ALA B 61 11.51 -31.92 38.84
C ALA B 61 10.08 -32.12 38.34
N ALA B 62 9.09 -31.91 39.21
CA ALA B 62 7.74 -32.15 38.84
C ALA B 62 7.25 -31.15 37.75
N ARG B 63 7.94 -30.03 37.61
CA ARG B 63 7.56 -29.05 36.62
C ARG B 63 8.35 -29.20 35.33
N HIS B 64 9.28 -30.13 35.27
CA HIS B 64 10.02 -30.36 34.06
C HIS B 64 9.06 -30.67 32.97
N GLY B 65 9.34 -30.12 31.77
CA GLY B 65 8.54 -30.38 30.60
C GLY B 65 7.34 -29.44 30.46
N GLU B 66 7.03 -28.68 31.50
CA GLU B 66 5.95 -27.75 31.43
C GLU B 66 6.29 -26.61 30.50
N GLU B 67 5.24 -26.08 29.88
CA GLU B 67 5.39 -25.06 28.84
C GLU B 67 5.33 -23.67 29.44
N VAL B 68 6.03 -22.74 28.79
CA VAL B 68 6.03 -21.32 29.11
C VAL B 68 6.01 -20.65 27.74
N ALA B 69 5.00 -19.82 27.50
CA ALA B 69 4.86 -19.09 26.25
C ALA B 69 5.78 -17.87 26.22
N ILE B 70 6.40 -17.74 25.06
CA ILE B 70 7.25 -16.62 24.77
C ILE B 70 6.79 -15.90 23.52
N VAL B 71 6.41 -14.64 23.67
CA VAL B 71 5.92 -13.84 22.56
C VAL B 71 7.04 -13.04 21.97
N GLY B 72 7.44 -13.47 20.78
CA GLY B 72 8.46 -12.82 19.98
C GLY B 72 9.72 -13.65 19.92
N ALA B 73 10.29 -13.74 18.73
CA ALA B 73 11.53 -14.51 18.54
C ALA B 73 12.67 -13.59 18.16
N GLY B 74 12.73 -12.44 18.82
CA GLY B 74 13.92 -11.64 18.75
C GLY B 74 14.92 -12.15 19.79
N ILE B 75 15.93 -11.36 20.04
CA ILE B 75 17.02 -11.77 20.96
C ILE B 75 16.46 -11.97 22.37
N ALA B 76 15.56 -11.12 22.83
CA ALA B 76 15.07 -11.30 24.20
C ALA B 76 14.21 -12.56 24.37
N GLY B 77 13.34 -12.82 23.44
CA GLY B 77 12.54 -14.03 23.52
C GLY B 77 13.40 -15.28 23.43
N LEU B 78 14.37 -15.28 22.55
CA LEU B 78 15.18 -16.44 22.29
C LEU B 78 16.24 -16.71 23.35
N VAL B 79 16.81 -15.69 23.93
CA VAL B 79 17.64 -15.86 25.14
C VAL B 79 16.85 -16.47 26.28
N ALA B 80 15.66 -15.93 26.53
CA ALA B 80 14.87 -16.47 27.61
C ALA B 80 14.46 -17.88 27.28
N ALA B 81 13.97 -18.13 26.07
CA ALA B 81 13.61 -19.48 25.72
C ALA B 81 14.83 -20.46 25.94
N TYR B 82 15.97 -20.06 25.47
CA TYR B 82 17.15 -20.94 25.50
C TYR B 82 17.51 -21.28 26.91
N GLU B 83 17.54 -20.31 27.82
CA GLU B 83 17.93 -20.57 29.22
C GLU B 83 16.85 -21.30 29.98
N LEU B 84 15.52 -21.05 29.66
CA LEU B 84 14.49 -21.79 30.30
C LEU B 84 14.44 -23.27 29.90
N MET B 85 14.68 -23.58 28.64
CA MET B 85 14.84 -24.94 28.16
C MET B 85 15.97 -25.62 28.95
N LYS B 86 17.08 -24.95 29.14
CA LYS B 86 18.21 -25.55 29.93
C LYS B 86 17.80 -25.89 31.37
N LEU B 87 16.90 -25.11 31.91
CA LEU B 87 16.33 -25.39 33.23
C LEU B 87 15.23 -26.47 33.27
N GLY B 88 14.91 -27.04 32.13
CA GLY B 88 14.03 -28.14 32.09
C GLY B 88 12.62 -27.84 31.70
N LEU B 89 12.32 -26.59 31.38
CA LEU B 89 10.99 -26.22 30.84
C LEU B 89 10.92 -26.37 29.33
N LYS B 90 9.70 -26.32 28.78
CA LYS B 90 9.51 -26.36 27.37
C LYS B 90 9.02 -24.98 26.90
N PRO B 91 9.94 -24.12 26.51
CA PRO B 91 9.42 -22.82 26.00
C PRO B 91 8.70 -23.05 24.69
N VAL B 92 7.62 -22.28 24.48
CA VAL B 92 6.92 -22.22 23.24
C VAL B 92 6.98 -20.77 22.81
N VAL B 93 7.72 -20.53 21.75
CA VAL B 93 8.01 -19.26 21.23
C VAL B 93 6.96 -19.05 20.10
N TYR B 94 6.31 -17.89 20.10
CA TYR B 94 5.47 -17.40 19.02
C TYR B 94 6.11 -16.22 18.32
N GLU B 95 5.99 -16.18 17.01
CA GLU B 95 6.53 -15.10 16.24
C GLU B 95 5.55 -14.74 15.17
N ALA B 96 5.20 -13.47 15.17
CA ALA B 96 4.24 -12.94 14.22
C ALA B 96 4.83 -12.56 12.84
N SER B 97 6.15 -12.29 12.73
CA SER B 97 6.73 -11.75 11.53
C SER B 97 8.01 -12.58 11.23
N LYS B 98 9.19 -12.05 11.46
CA LYS B 98 10.47 -12.70 11.09
C LYS B 98 11.26 -13.13 12.30
N MET B 99 11.84 -14.29 12.25
CA MET B 99 12.80 -14.65 13.28
C MET B 99 13.88 -13.58 13.37
N GLY B 100 14.28 -13.25 14.61
CA GLY B 100 15.38 -12.34 14.93
C GLY B 100 14.92 -10.95 15.29
N GLY B 101 13.70 -10.61 14.97
CA GLY B 101 13.24 -9.24 15.20
C GLY B 101 14.13 -8.17 14.67
N ARG B 102 14.60 -7.29 15.54
CA ARG B 102 15.38 -6.18 15.10
C ARG B 102 16.85 -6.56 14.94
N LEU B 103 17.17 -7.84 14.97
CA LEU B 103 18.50 -8.31 14.51
C LEU B 103 18.23 -9.01 13.16
N ARG B 104 18.36 -8.24 12.07
CA ARG B 104 17.93 -8.64 10.74
C ARG B 104 18.97 -8.37 9.69
N SER B 105 19.45 -9.42 9.02
CA SER B 105 20.56 -9.33 8.10
C SER B 105 20.05 -9.87 6.78
N GLN B 106 19.80 -8.97 5.83
CA GLN B 106 19.26 -9.35 4.51
C GLN B 106 20.33 -9.59 3.49
N ALA B 107 20.34 -10.78 2.91
CA ALA B 107 21.27 -11.09 1.84
C ALA B 107 20.93 -10.43 0.53
N PHE B 108 21.95 -9.94 -0.16
CA PHE B 108 21.76 -9.39 -1.49
C PHE B 108 21.55 -10.49 -2.53
N ASN B 109 20.75 -10.21 -3.56
CA ASN B 109 20.63 -11.11 -4.76
C ASN B 109 21.86 -11.83 -5.17
N GLY B 110 21.79 -13.16 -5.14
CA GLY B 110 22.80 -13.99 -5.78
C GLY B 110 24.07 -14.22 -5.04
N THR B 111 24.18 -13.63 -3.85
CA THR B 111 25.45 -13.62 -3.11
C THR B 111 25.46 -14.62 -2.02
N ASP B 112 26.65 -14.96 -1.57
CA ASP B 112 26.83 -15.71 -0.33
C ASP B 112 27.55 -14.87 0.72
N GLY B 113 26.94 -14.65 1.87
CA GLY B 113 27.66 -14.00 2.98
C GLY B 113 27.73 -12.48 2.85
N ILE B 114 26.96 -11.89 1.93
CA ILE B 114 26.95 -10.44 1.76
C ILE B 114 25.63 -9.91 2.18
N ILE B 115 25.60 -9.21 3.31
CA ILE B 115 24.29 -8.83 3.90
C ILE B 115 24.24 -7.32 4.19
N ALA B 116 23.04 -6.82 4.36
CA ALA B 116 22.80 -5.51 4.84
C ALA B 116 22.17 -5.68 6.23
N GLU B 117 22.72 -4.97 7.21
CA GLU B 117 22.20 -5.02 8.57
C GLU B 117 21.04 -4.04 8.70
N LEU B 118 19.82 -4.53 8.75
CA LEU B 118 18.67 -3.62 8.76
C LEU B 118 18.29 -3.14 10.12
N GLY B 119 18.63 -3.90 11.19
CA GLY B 119 18.39 -3.44 12.59
C GLY B 119 19.77 -3.14 13.20
N GLY B 120 20.10 -3.83 14.27
CA GLY B 120 21.31 -3.54 15.00
C GLY B 120 22.47 -3.94 14.15
N MET B 121 23.50 -3.13 14.17
CA MET B 121 24.72 -3.43 13.39
C MET B 121 26.08 -3.30 14.02
N ARG B 122 26.19 -2.49 15.04
CA ARG B 122 27.49 -2.16 15.69
C ARG B 122 27.34 -2.36 17.19
N PHE B 123 27.99 -3.40 17.66
CA PHE B 123 27.80 -3.86 18.98
C PHE B 123 29.02 -3.53 19.84
N PRO B 124 28.85 -2.60 20.78
CA PRO B 124 29.95 -2.26 21.67
C PRO B 124 30.45 -3.45 22.44
N VAL B 125 31.79 -3.63 22.49
CA VAL B 125 32.35 -4.76 23.20
C VAL B 125 32.06 -4.73 24.71
N SER B 126 31.60 -3.59 25.23
CA SER B 126 31.13 -3.54 26.59
C SER B 126 29.83 -4.38 26.85
N SER B 127 29.19 -4.85 25.76
CA SER B 127 27.97 -5.65 25.83
C SER B 127 28.31 -7.11 26.15
N THR B 128 28.70 -7.39 27.39
CA THR B 128 29.20 -8.70 27.74
C THR B 128 28.16 -9.81 27.71
N ALA B 129 26.93 -9.52 28.14
CA ALA B 129 25.91 -10.55 28.07
C ALA B 129 25.59 -10.95 26.62
N PHE B 130 25.49 -9.96 25.73
CA PHE B 130 25.34 -10.28 24.31
C PHE B 130 26.49 -11.08 23.74
N TYR B 131 27.70 -10.59 23.95
CA TYR B 131 28.86 -11.31 23.45
C TYR B 131 29.04 -12.68 24.03
N HIS B 132 28.46 -12.96 25.19
CA HIS B 132 28.42 -14.34 25.67
C HIS B 132 27.76 -15.24 24.68
N TYR B 133 26.65 -14.79 24.08
CA TYR B 133 25.95 -15.64 23.16
C TYR B 133 26.67 -15.63 21.81
N VAL B 134 27.30 -14.51 21.46
CA VAL B 134 28.11 -14.49 20.22
C VAL B 134 29.23 -15.54 20.26
N ASP B 135 29.90 -15.62 21.40
CA ASP B 135 31.04 -16.58 21.58
C ASP B 135 30.55 -18.02 21.65
N LYS B 136 29.41 -18.20 22.29
CA LYS B 136 28.82 -19.50 22.44
C LYS B 136 28.59 -20.09 21.08
N LEU B 137 28.23 -19.24 20.08
CA LEU B 137 27.96 -19.76 18.78
C LEU B 137 29.24 -19.77 17.92
N GLY B 138 30.37 -19.27 18.41
CA GLY B 138 31.60 -19.31 17.63
C GLY B 138 31.62 -18.31 16.51
N LEU B 139 30.82 -17.27 16.62
CA LEU B 139 30.68 -16.35 15.48
C LEU B 139 31.87 -15.38 15.48
N GLU B 140 32.26 -14.95 14.30
CA GLU B 140 33.32 -14.00 14.11
C GLU B 140 32.77 -12.59 14.09
N THR B 141 33.53 -11.67 14.68
CA THR B 141 33.20 -10.25 14.65
C THR B 141 34.42 -9.51 14.15
N LYS B 142 34.22 -8.27 13.67
CA LYS B 142 35.33 -7.39 13.33
C LYS B 142 34.94 -5.95 13.55
N PRO B 143 35.95 -5.07 13.71
CA PRO B 143 35.70 -3.71 14.12
C PRO B 143 34.79 -3.07 13.13
N PHE B 144 33.80 -2.37 13.64
CA PHE B 144 32.88 -1.65 12.76
C PHE B 144 33.53 -0.38 12.23
N PRO B 145 33.31 -0.04 10.93
CA PRO B 145 34.01 1.10 10.30
C PRO B 145 33.35 2.44 10.67
N ASN B 146 33.41 2.75 11.96
CA ASN B 146 32.99 4.06 12.43
C ASN B 146 34.04 5.14 12.05
N PRO B 147 33.61 6.35 11.94
CA PRO B 147 34.51 7.45 11.59
C PRO B 147 35.64 7.62 12.59
N LEU B 148 36.84 7.87 12.08
CA LEU B 148 38.03 8.15 12.88
C LEU B 148 38.38 6.99 13.79
N THR B 149 38.38 5.78 13.25
CA THR B 149 38.85 4.61 13.94
C THR B 149 39.78 3.98 12.96
N PRO B 150 40.61 3.04 13.44
CA PRO B 150 41.42 2.23 12.53
C PRO B 150 40.62 1.45 11.50
N ALA B 151 39.36 1.15 11.76
CA ALA B 151 38.58 0.38 10.79
C ALA B 151 38.10 1.25 9.66
N SER B 152 38.25 2.56 9.79
CA SER B 152 37.84 3.47 8.75
C SER B 152 39.08 4.21 8.24
N ARG B 153 39.35 4.18 6.96
CA ARG B 153 40.55 4.86 6.49
C ARG B 153 40.38 6.35 6.51
N SER B 154 39.17 6.82 6.23
CA SER B 154 38.94 8.24 6.15
C SER B 154 37.52 8.60 6.46
N THR B 155 37.33 9.86 6.83
CA THR B 155 36.05 10.42 7.13
C THR B 155 35.88 11.74 6.44
N VAL B 156 34.64 12.03 6.00
CA VAL B 156 34.33 13.33 5.37
C VAL B 156 33.17 13.91 6.09
N ILE B 157 33.26 15.20 6.38
CA ILE B 157 32.21 15.91 7.02
C ILE B 157 31.74 16.96 6.04
N ASP B 158 30.45 17.09 5.85
CA ASP B 158 29.93 18.04 4.92
C ASP B 158 28.83 18.75 5.63
N LEU B 159 29.04 20.06 5.83
CA LEU B 159 28.11 20.91 6.58
C LEU B 159 27.97 22.28 5.93
N GLU B 160 26.74 22.71 5.74
CA GLU B 160 26.52 23.95 5.06
C GLU B 160 27.40 24.11 3.81
N GLY B 161 27.51 23.04 3.03
CA GLY B 161 28.14 23.12 1.73
C GLY B 161 29.64 23.10 1.80
N GLN B 162 30.18 22.90 2.99
CA GLN B 162 31.66 22.84 3.14
C GLN B 162 32.15 21.46 3.54
N THR B 163 33.17 21.01 2.86
CA THR B 163 33.56 19.64 2.96
C THR B 163 34.91 19.52 3.57
N TYR B 164 35.06 18.68 4.58
CA TYR B 164 36.33 18.47 5.25
C TYR B 164 36.69 17.03 5.19
N TYR B 165 37.92 16.76 4.76
CA TYR B 165 38.44 15.42 4.69
C TYR B 165 39.39 15.18 5.84
N ALA B 166 39.32 14.01 6.48
CA ALA B 166 40.21 13.68 7.59
C ALA B 166 40.58 12.24 7.53
N GLU B 167 41.87 11.94 7.72
CA GLU B 167 42.31 10.58 8.03
C GLU B 167 42.57 10.40 9.53
N LYS B 168 42.61 11.50 10.28
CA LYS B 168 42.75 11.45 11.74
C LYS B 168 42.09 12.66 12.29
N ALA B 169 41.70 12.63 13.56
CA ALA B 169 40.98 13.77 14.12
C ALA B 169 41.70 15.15 13.97
N ALA B 170 43.01 15.14 14.01
CA ALA B 170 43.74 16.39 13.94
C ALA B 170 43.61 17.06 12.58
N ASP B 171 43.33 16.30 11.53
CA ASP B 171 43.10 16.86 10.19
C ASP B 171 41.92 17.82 10.16
N LEU B 172 41.03 17.76 11.13
CA LEU B 172 39.82 18.56 11.09
C LEU B 172 40.00 19.97 11.61
N PRO B 173 39.11 20.89 11.19
CA PRO B 173 39.29 22.24 11.68
C PRO B 173 39.18 22.28 13.20
N ALA B 174 39.74 23.35 13.76
CA ALA B 174 39.83 23.51 15.20
C ALA B 174 38.46 23.38 15.89
N LEU B 175 37.40 23.83 15.26
CA LEU B 175 36.10 23.82 15.91
C LEU B 175 35.77 22.40 16.43
N PHE B 176 36.17 21.38 15.69
CA PHE B 176 35.80 20.02 16.08
C PHE B 176 36.50 19.58 17.34
N GLN B 177 37.76 19.96 17.51
CA GLN B 177 38.45 19.63 18.75
C GLN B 177 37.83 20.39 19.94
N GLU B 178 37.34 21.59 19.67
CA GLU B 178 36.71 22.41 20.69
C GLU B 178 35.44 21.77 21.15
N VAL B 179 34.67 21.24 20.19
CA VAL B 179 33.40 20.58 20.52
C VAL B 179 33.69 19.39 21.40
N THR B 180 34.63 18.54 20.97
CA THR B 180 35.07 17.37 21.78
C THR B 180 35.49 17.77 23.18
N ASP B 181 36.38 18.76 23.29
CA ASP B 181 36.84 19.18 24.60
C ASP B 181 35.65 19.62 25.44
N ALA B 182 34.73 20.35 24.84
CA ALA B 182 33.64 20.87 25.63
C ALA B 182 32.76 19.74 26.18
N TRP B 183 32.52 18.74 25.33
CA TRP B 183 31.70 17.57 25.67
C TRP B 183 32.38 16.74 26.81
N ALA B 184 33.66 16.40 26.66
CA ALA B 184 34.44 15.77 27.71
C ALA B 184 34.34 16.52 29.04
N ASP B 185 34.51 17.83 28.93
CA ASP B 185 34.38 18.66 30.08
C ASP B 185 32.97 18.71 30.64
N ALA B 186 31.94 18.74 29.82
CA ALA B 186 30.61 18.87 30.38
C ALA B 186 30.27 17.56 31.09
N LEU B 187 30.80 16.47 30.57
CA LEU B 187 30.49 15.17 31.17
C LEU B 187 31.22 15.00 32.54
N GLU B 188 32.48 15.45 32.60
CA GLU B 188 33.26 15.38 33.84
C GLU B 188 32.69 16.30 34.87
N SER B 189 32.34 17.53 34.47
CA SER B 189 31.77 18.50 35.39
C SER B 189 30.37 18.15 35.85
N GLY B 190 29.49 17.75 34.94
CA GLY B 190 28.08 17.57 35.28
C GLY B 190 27.72 16.14 35.71
N ALA B 191 28.56 15.14 35.46
CA ALA B 191 28.16 13.78 35.83
C ALA B 191 29.24 12.94 36.55
N ARG B 192 30.40 13.53 36.84
CA ARG B 192 31.45 12.80 37.52
C ARG B 192 31.74 11.51 36.76
N PHE B 193 31.89 11.72 35.46
CA PHE B 193 32.06 10.67 34.51
C PHE B 193 33.24 9.75 34.87
N GLY B 194 34.39 10.36 35.15
CA GLY B 194 35.64 9.64 35.42
C GLY B 194 35.51 8.72 36.61
N ASP B 195 34.83 9.21 37.65
CA ASP B 195 34.52 8.48 38.87
C ASP B 195 33.57 7.35 38.58
N ILE B 196 32.52 7.62 37.83
CA ILE B 196 31.56 6.59 37.52
C ILE B 196 32.28 5.51 36.70
N GLN B 197 33.05 5.90 35.71
CA GLN B 197 33.70 4.91 34.89
C GLN B 197 34.73 4.09 35.67
N GLN B 198 35.38 4.73 36.64
CA GLN B 198 36.29 3.94 37.49
C GLN B 198 35.49 2.89 38.29
N ALA B 199 34.34 3.31 38.82
CA ALA B 199 33.50 2.40 39.57
C ALA B 199 33.00 1.25 38.71
N ILE B 200 32.72 1.54 37.45
CA ILE B 200 32.30 0.46 36.55
C ILE B 200 33.47 -0.50 36.33
N ARG B 201 34.63 0.04 36.01
CA ARG B 201 35.81 -0.81 35.84
C ARG B 201 36.06 -1.76 37.02
N ASP B 202 35.94 -1.26 38.23
CA ASP B 202 36.24 -2.07 39.39
C ASP B 202 35.05 -2.82 39.87
N ARG B 203 33.89 -2.61 39.24
CA ARG B 203 32.65 -3.18 39.70
C ARG B 203 32.48 -2.93 41.17
N ASP B 204 32.68 -1.67 41.56
CA ASP B 204 32.45 -1.19 42.89
C ASP B 204 31.02 -0.74 43.00
N VAL B 205 30.17 -1.63 43.46
CA VAL B 205 28.74 -1.47 43.42
C VAL B 205 28.28 -0.36 44.32
N PRO B 206 28.73 -0.33 45.60
CA PRO B 206 28.25 0.75 46.46
C PRO B 206 28.67 2.13 45.91
N ARG B 207 29.89 2.28 45.39
CA ARG B 207 30.35 3.56 44.89
C ARG B 207 29.64 4.00 43.62
N LEU B 208 29.42 3.05 42.72
CA LEU B 208 28.65 3.30 41.49
C LEU B 208 27.23 3.74 41.79
N LYS B 209 26.55 3.01 42.67
CA LYS B 209 25.17 3.38 43.01
C LYS B 209 25.10 4.75 43.67
N GLU B 210 26.07 5.06 44.52
CA GLU B 210 26.07 6.34 45.24
C GLU B 210 26.14 7.46 44.21
N LEU B 211 27.16 7.39 43.38
CA LEU B 211 27.33 8.36 42.28
C LEU B 211 26.15 8.42 41.31
N TRP B 212 25.67 7.26 40.90
CA TRP B 212 24.54 7.22 39.98
C TRP B 212 23.25 7.70 40.59
N ASN B 213 22.95 7.22 41.80
CA ASN B 213 21.70 7.64 42.42
C ASN B 213 21.63 9.15 42.59
N THR B 214 22.77 9.79 42.77
CA THR B 214 22.78 11.27 42.89
C THR B 214 22.23 11.88 41.60
N LEU B 215 22.63 11.31 40.45
CA LEU B 215 22.23 11.86 39.16
C LEU B 215 20.80 11.69 38.76
N VAL B 216 20.16 10.65 39.26
CA VAL B 216 18.82 10.25 38.83
C VAL B 216 17.78 11.33 39.03
N PRO B 217 17.58 11.82 40.28
CA PRO B 217 16.54 12.90 40.41
C PRO B 217 16.93 14.24 39.76
N LEU B 218 18.20 14.48 39.58
CA LEU B 218 18.65 15.70 38.98
C LEU B 218 18.50 15.75 37.45
N TRP B 219 18.54 14.60 36.78
CA TRP B 219 18.57 14.58 35.31
C TRP B 219 17.44 13.82 34.62
N ASP B 220 16.61 13.12 35.37
CA ASP B 220 15.46 12.45 34.80
C ASP B 220 14.67 13.40 33.95
N ASP B 221 14.39 14.56 34.54
CA ASP B 221 13.41 15.52 34.01
C ASP B 221 14.01 16.52 33.02
N ARG B 222 15.28 16.34 32.67
CA ARG B 222 15.96 17.24 31.81
C ARG B 222 16.49 16.55 30.53
N THR B 223 16.46 17.28 29.41
CA THR B 223 16.94 16.78 28.14
C THR B 223 18.46 16.83 28.02
N PHE B 224 18.95 15.97 27.15
CA PHE B 224 20.28 16.00 26.64
C PHE B 224 20.65 17.37 26.10
N TYR B 225 19.78 17.98 25.29
CA TYR B 225 20.13 19.30 24.73
C TYR B 225 20.33 20.29 25.93
N ASP B 226 19.39 20.32 26.87
CA ASP B 226 19.56 21.13 28.10
C ASP B 226 20.92 20.85 28.80
N PHE B 227 21.25 19.59 29.04
CA PHE B 227 22.54 19.31 29.59
C PHE B 227 23.67 19.93 28.76
N VAL B 228 23.52 19.92 27.43
CA VAL B 228 24.57 20.45 26.55
C VAL B 228 24.59 21.98 26.65
N ALA B 229 23.44 22.61 26.48
CA ALA B 229 23.36 24.04 26.35
C ALA B 229 23.84 24.70 27.65
N THR B 230 23.34 24.17 28.78
CA THR B 230 23.61 24.74 30.10
C THR B 230 24.95 24.30 30.65
N SER B 231 25.69 23.47 29.95
CA SER B 231 27.01 23.17 30.46
C SER B 231 27.91 24.44 30.29
N LYS B 232 28.85 24.60 31.21
CA LYS B 232 29.81 25.69 31.14
C LYS B 232 30.60 25.65 29.86
N ALA B 233 31.10 24.47 29.50
CA ALA B 233 31.94 24.34 28.32
C ALA B 233 31.24 24.78 27.05
N PHE B 234 29.94 24.50 26.92
CA PHE B 234 29.18 24.85 25.71
C PHE B 234 28.54 26.24 25.84
N ALA B 235 28.21 26.66 27.05
CA ALA B 235 27.59 27.98 27.19
C ALA B 235 28.56 29.11 26.80
N LYS B 236 29.85 28.85 26.91
CA LYS B 236 30.83 29.82 26.49
C LYS B 236 31.28 29.66 25.04
N LEU B 237 30.67 28.72 24.29
CA LEU B 237 30.97 28.54 22.87
C LEU B 237 29.81 29.07 22.07
N SER B 238 30.04 29.31 20.78
CA SER B 238 28.99 29.79 19.88
C SER B 238 27.86 28.79 19.77
N PHE B 239 26.71 29.25 19.33
CA PHE B 239 25.63 28.37 18.97
C PHE B 239 26.10 27.31 17.95
N GLN B 240 26.86 27.72 16.95
CA GLN B 240 27.39 26.80 15.99
C GLN B 240 28.14 25.58 16.59
N HIS B 241 28.86 25.73 17.70
CA HIS B 241 29.55 24.59 18.29
C HIS B 241 28.51 23.52 18.75
N ARG B 242 27.44 23.97 19.37
CA ARG B 242 26.30 23.14 19.77
C ARG B 242 25.66 22.42 18.57
N GLU B 243 25.43 23.21 17.51
CA GLU B 243 24.82 22.77 16.27
C GLU B 243 25.65 21.70 15.53
N VAL B 244 26.94 21.93 15.45
CA VAL B 244 27.82 20.97 14.85
C VAL B 244 27.82 19.68 15.70
N PHE B 245 27.85 19.85 17.01
CA PHE B 245 27.78 18.71 17.91
C PHE B 245 26.57 17.81 17.65
N GLY B 246 25.39 18.41 17.48
CA GLY B 246 24.22 17.72 16.98
C GLY B 246 24.34 17.01 15.63
N GLN B 247 25.00 17.65 14.67
CA GLN B 247 24.97 17.19 13.30
C GLN B 247 25.97 16.07 13.10
N VAL B 248 27.15 16.21 13.68
CA VAL B 248 28.18 15.23 13.50
C VAL B 248 28.95 14.90 14.77
N GLY B 249 28.51 15.42 15.90
CA GLY B 249 29.34 15.38 17.11
C GLY B 249 30.66 16.14 16.98
N PHE B 250 31.73 15.49 17.40
CA PHE B 250 33.07 16.03 17.18
C PHE B 250 33.76 15.36 15.99
N GLY B 251 32.95 14.81 15.08
CA GLY B 251 33.45 14.16 13.89
C GLY B 251 33.35 12.64 13.92
N THR B 252 32.73 12.09 14.97
CA THR B 252 32.49 10.65 15.06
C THR B 252 30.99 10.27 15.15
N GLY B 253 30.09 11.23 15.00
CA GLY B 253 28.66 10.89 15.03
C GLY B 253 27.80 11.99 15.61
N GLY B 254 26.62 12.16 15.01
CA GLY B 254 25.68 13.20 15.40
C GLY B 254 24.91 12.84 16.67
N TRP B 255 24.37 13.82 17.37
CA TRP B 255 23.65 13.52 18.58
C TRP B 255 22.23 14.08 18.50
N ASP B 256 21.89 14.78 17.41
CA ASP B 256 20.70 15.64 17.44
C ASP B 256 19.41 14.88 17.57
N SER B 257 19.37 13.65 17.07
CA SER B 257 18.13 12.90 17.19
C SER B 257 17.86 12.53 18.67
N ASP B 258 18.91 12.38 19.48
CA ASP B 258 18.83 12.07 20.92
C ASP B 258 18.71 13.31 21.83
N PHE B 259 18.79 14.52 21.30
CA PHE B 259 18.70 15.75 22.06
C PHE B 259 17.41 15.86 22.92
N PRO B 260 16.25 15.43 22.40
CA PRO B 260 15.06 15.43 23.24
C PRO B 260 14.98 14.37 24.35
N ASN B 261 15.89 13.40 24.37
CA ASN B 261 15.76 12.31 25.31
C ASN B 261 16.16 12.76 26.71
N SER B 262 15.75 12.06 27.75
CA SER B 262 16.24 12.31 29.08
C SER B 262 17.71 12.16 29.12
N MET B 263 18.40 13.07 29.79
CA MET B 263 19.86 12.96 29.85
C MET B 263 20.33 11.69 30.53
N LEU B 264 19.49 11.11 31.37
CA LEU B 264 19.90 9.86 32.04
C LEU B 264 20.26 8.77 31.02
N GLU B 265 19.54 8.75 29.93
CA GLU B 265 19.76 7.78 28.86
C GLU B 265 21.11 7.94 28.24
N ILE B 266 21.44 9.18 28.00
CA ILE B 266 22.71 9.48 27.40
C ILE B 266 23.82 9.12 28.33
N PHE B 267 23.64 9.45 29.63
CA PHE B 267 24.68 9.18 30.58
C PHE B 267 24.99 7.69 30.49
N ARG B 268 23.93 6.89 30.47
CA ARG B 268 24.11 5.41 30.47
C ARG B 268 24.93 4.94 29.28
N VAL B 269 24.60 5.56 28.16
CA VAL B 269 25.32 5.28 26.92
C VAL B 269 26.78 5.52 27.07
N VAL B 270 27.15 6.74 27.46
CA VAL B 270 28.59 7.09 27.43
C VAL B 270 29.32 6.47 28.60
N MET B 271 28.68 6.43 29.75
CA MET B 271 29.34 5.86 30.89
C MET B 271 29.73 4.39 30.62
N THR B 272 28.92 3.63 29.88
CA THR B 272 29.20 2.19 29.65
C THR B 272 29.87 1.89 28.31
N ASN B 273 30.38 2.95 27.65
CA ASN B 273 31.08 2.88 26.39
C ASN B 273 30.26 2.23 25.28
N CYS B 274 28.95 2.43 25.32
CA CYS B 274 28.11 1.92 24.26
C CYS B 274 28.56 2.54 22.94
N ASP B 275 29.07 3.77 23.01
CA ASP B 275 29.42 4.60 21.84
C ASP B 275 30.85 4.45 21.36
N ASP B 276 31.60 3.44 21.79
CA ASP B 276 32.90 3.17 21.14
C ASP B 276 33.24 1.70 21.16
N HIS B 277 34.38 1.39 20.55
CA HIS B 277 34.83 0.03 20.32
C HIS B 277 33.65 -0.91 19.96
N GLN B 278 33.09 -0.69 18.77
CA GLN B 278 32.00 -1.49 18.31
C GLN B 278 32.45 -2.48 17.25
N HIS B 279 31.98 -3.72 17.34
CA HIS B 279 32.14 -4.73 16.27
C HIS B 279 30.82 -5.03 15.47
N LEU B 280 30.92 -5.46 14.20
CA LEU B 280 29.83 -6.07 13.48
C LEU B 280 30.07 -7.54 13.57
N VAL B 281 29.02 -8.30 13.34
CA VAL B 281 29.12 -9.76 13.25
C VAL B 281 29.31 -10.14 11.80
N VAL B 282 30.39 -10.86 11.47
CA VAL B 282 30.65 -11.25 10.09
C VAL B 282 29.61 -12.26 9.62
N GLY B 283 29.04 -11.97 8.47
CA GLY B 283 27.94 -12.76 7.91
C GLY B 283 26.56 -12.32 8.42
N GLY B 284 26.54 -11.42 9.40
CA GLY B 284 25.28 -10.75 9.88
C GLY B 284 24.93 -11.20 11.28
N VAL B 285 24.58 -10.22 12.09
CA VAL B 285 24.12 -10.45 13.45
C VAL B 285 22.84 -11.30 13.58
N GLU B 286 22.06 -11.45 12.50
CA GLU B 286 20.93 -12.37 12.52
C GLU B 286 21.38 -13.81 12.82
N GLN B 287 22.63 -14.09 12.54
CA GLN B 287 23.17 -15.37 12.96
C GLN B 287 23.12 -15.55 14.43
N VAL B 288 22.97 -14.51 15.21
CA VAL B 288 22.84 -14.74 16.67
C VAL B 288 21.52 -15.43 17.06
N PRO B 289 20.34 -14.76 16.76
CA PRO B 289 19.09 -15.37 17.04
C PRO B 289 18.89 -16.73 16.32
N GLN B 290 19.28 -16.82 15.07
CA GLN B 290 19.14 -18.06 14.33
C GLN B 290 20.02 -19.19 14.89
N GLY B 291 21.18 -18.86 15.41
CA GLY B 291 22.06 -19.86 16.03
C GLY B 291 21.57 -20.27 17.40
N ILE B 292 21.08 -19.33 18.20
CA ILE B 292 20.46 -19.71 19.48
C ILE B 292 19.32 -20.69 19.31
N TRP B 293 18.48 -20.42 18.31
CA TRP B 293 17.36 -21.32 17.96
C TRP B 293 17.80 -22.74 17.71
N ARG B 294 18.94 -22.90 17.06
CA ARG B 294 19.44 -24.24 16.67
C ARG B 294 20.47 -24.85 17.64
N HIS B 295 20.94 -24.10 18.60
CA HIS B 295 22.09 -24.53 19.39
C HIS B 295 21.72 -25.60 20.40
N VAL B 296 22.53 -26.66 20.45
CA VAL B 296 22.36 -27.77 21.36
C VAL B 296 23.24 -27.59 22.60
N PRO B 297 22.65 -27.32 23.75
CA PRO B 297 23.49 -27.20 24.94
C PRO B 297 24.11 -28.54 25.31
N GLU B 298 25.31 -28.50 25.90
CA GLU B 298 25.99 -29.72 26.41
C GLU B 298 25.10 -30.42 27.41
N ARG B 299 24.49 -29.64 28.30
CA ARG B 299 23.64 -30.18 29.32
C ARG B 299 22.33 -29.38 29.50
N CYS B 300 21.17 -30.00 29.29
CA CYS B 300 19.92 -29.44 29.84
C CYS B 300 19.48 -30.29 31.01
N ALA B 301 18.95 -29.69 32.05
CA ALA B 301 18.03 -30.42 32.92
C ALA B 301 16.88 -31.02 32.08
N HIS B 302 16.47 -32.25 32.46
CA HIS B 302 15.34 -32.95 31.82
C HIS B 302 15.52 -33.39 30.34
N TRP B 303 15.84 -32.48 29.43
CA TRP B 303 15.80 -32.85 28.02
C TRP B 303 16.92 -33.81 27.55
N PRO B 304 16.60 -34.67 26.58
CA PRO B 304 17.66 -35.57 26.13
C PRO B 304 18.77 -34.80 25.36
N GLU B 305 19.95 -35.39 25.28
CA GLU B 305 20.99 -34.88 24.41
C GLU B 305 20.48 -34.65 23.00
N GLY B 306 21.01 -33.60 22.36
CA GLY B 306 20.58 -33.26 21.02
C GLY B 306 19.36 -32.36 21.01
N THR B 307 18.85 -31.98 22.18
CA THR B 307 17.67 -31.08 22.20
C THR B 307 18.13 -29.63 21.93
N SER B 308 17.44 -28.94 21.05
CA SER B 308 17.57 -27.48 20.88
C SER B 308 16.22 -26.88 20.94
N LEU B 309 16.10 -25.54 20.95
CA LEU B 309 14.80 -24.90 20.80
C LEU B 309 14.08 -25.36 19.51
N SER B 310 14.81 -25.43 18.41
CA SER B 310 14.27 -25.91 17.18
C SER B 310 13.64 -27.30 17.27
N SER B 311 14.38 -28.22 17.82
CA SER B 311 13.89 -29.61 17.90
C SER B 311 12.67 -29.67 18.83
N LEU B 312 12.67 -28.91 19.94
CA LEU B 312 11.48 -28.83 20.80
C LEU B 312 10.26 -28.27 20.11
N HIS B 313 10.44 -27.35 19.16
CA HIS B 313 9.34 -26.82 18.43
C HIS B 313 8.97 -27.57 17.16
N GLY B 314 9.73 -28.61 16.80
CA GLY B 314 9.57 -29.23 15.49
C GLY B 314 9.95 -28.31 14.33
N GLY B 315 10.78 -27.30 14.57
CA GLY B 315 11.40 -26.58 13.46
C GLY B 315 11.13 -25.10 13.47
N ALA B 316 10.01 -24.66 14.06
CA ALA B 316 9.63 -23.27 13.92
C ALA B 316 8.82 -22.79 15.09
N PRO B 317 8.92 -21.49 15.40
CA PRO B 317 8.07 -20.98 16.41
C PRO B 317 6.61 -21.03 15.93
N ARG B 318 5.69 -20.91 16.85
CA ARG B 318 4.26 -20.81 16.45
C ARG B 318 4.00 -19.46 15.86
N THR B 319 2.80 -19.22 15.30
CA THR B 319 2.51 -17.99 14.59
C THR B 319 2.29 -16.85 15.53
N GLY B 320 1.89 -15.68 15.01
CA GLY B 320 1.58 -14.52 15.86
C GLY B 320 0.48 -14.69 16.91
N VAL B 321 0.66 -14.03 18.04
CA VAL B 321 -0.31 -14.03 19.15
C VAL B 321 -1.34 -12.90 18.99
N LYS B 322 -2.60 -13.23 19.13
CA LYS B 322 -3.72 -12.27 18.93
C LYS B 322 -4.38 -11.86 20.31
N ARG B 323 -4.16 -12.71 21.29
CA ARG B 323 -4.83 -12.53 22.57
C ARG B 323 -4.14 -13.29 23.69
N ILE B 324 -4.06 -12.62 24.84
CA ILE B 324 -3.61 -13.14 26.11
C ILE B 324 -4.71 -12.82 27.17
N ALA B 325 -5.15 -13.84 27.86
CA ALA B 325 -6.10 -13.65 28.91
C ALA B 325 -6.00 -14.70 30.06
N ARG B 326 -6.53 -14.34 31.22
CA ARG B 326 -6.55 -15.28 32.32
C ARG B 326 -7.61 -16.32 32.06
N ALA B 327 -7.24 -17.59 32.18
CA ALA B 327 -8.20 -18.65 31.91
C ALA B 327 -8.87 -19.15 33.22
N SER B 328 -9.93 -19.96 33.09
CA SER B 328 -10.70 -20.30 34.28
C SER B 328 -9.98 -21.43 35.03
N ASP B 329 -8.91 -21.99 34.48
CA ASP B 329 -8.03 -22.90 35.27
C ASP B 329 -6.93 -22.16 36.03
N GLY B 330 -6.93 -20.83 35.94
CA GLY B 330 -5.92 -20.01 36.59
C GLY B 330 -4.65 -19.77 35.77
N ARG B 331 -4.49 -20.48 34.68
CA ARG B 331 -3.35 -20.25 33.78
C ARG B 331 -3.63 -19.11 32.79
N LEU B 332 -2.66 -18.85 31.94
CA LEU B 332 -2.82 -17.82 30.93
C LEU B 332 -3.09 -18.46 29.59
N ALA B 333 -4.18 -17.98 28.96
CA ALA B 333 -4.57 -18.41 27.64
C ALA B 333 -3.97 -17.51 26.63
N VAL B 334 -3.26 -18.12 25.68
CA VAL B 334 -2.66 -17.43 24.56
C VAL B 334 -3.32 -17.94 23.32
N THR B 335 -3.94 -17.03 22.61
CA THR B 335 -4.60 -17.35 21.34
C THR B 335 -3.83 -16.80 20.17
N ASP B 336 -3.53 -17.66 19.22
CA ASP B 336 -2.77 -17.29 18.03
C ASP B 336 -3.64 -16.74 16.87
N ASN B 337 -3.00 -16.34 15.77
CA ASN B 337 -3.72 -15.69 14.66
C ASN B 337 -4.85 -16.51 14.09
N TRP B 338 -4.72 -17.82 14.18
CA TRP B 338 -5.66 -18.72 13.55
C TRP B 338 -6.71 -19.22 14.55
N GLY B 339 -6.82 -18.56 15.71
CA GLY B 339 -7.77 -18.94 16.75
C GLY B 339 -7.37 -20.09 17.66
N ASP B 340 -6.18 -20.65 17.52
CA ASP B 340 -5.72 -21.72 18.39
C ASP B 340 -5.32 -21.21 19.81
N CYS B 341 -5.92 -21.80 20.82
CA CYS B 341 -5.77 -21.30 22.17
C CYS B 341 -5.05 -22.31 23.07
N ARG B 342 -3.97 -21.91 23.75
CA ARG B 342 -3.18 -22.85 24.56
C ARG B 342 -2.87 -22.24 25.88
N HIS B 343 -2.76 -23.04 26.92
CA HIS B 343 -2.72 -22.48 28.28
C HIS B 343 -1.33 -22.62 28.88
N TYR B 344 -0.88 -21.64 29.67
CA TYR B 344 0.49 -21.69 30.18
C TYR B 344 0.54 -21.14 31.58
N ALA B 345 1.42 -21.71 32.41
CA ALA B 345 1.61 -21.18 33.79
C ALA B 345 2.25 -19.81 33.75
N ALA B 346 2.94 -19.48 32.67
CA ALA B 346 3.67 -18.22 32.56
C ALA B 346 3.78 -17.81 31.10
N VAL B 347 3.77 -16.50 30.85
CA VAL B 347 3.90 -15.94 29.53
C VAL B 347 4.91 -14.81 29.66
N LEU B 348 5.92 -14.80 28.77
CA LEU B 348 6.79 -13.71 28.63
C LEU B 348 6.48 -13.01 27.32
N THR B 349 6.27 -11.68 27.34
CA THR B 349 6.15 -10.98 26.09
C THR B 349 7.38 -10.10 25.87
N THR B 350 7.87 -10.10 24.64
CA THR B 350 9.00 -9.28 24.30
C THR B 350 8.75 -8.32 23.13
N CYS B 351 7.52 -8.25 22.64
CA CYS B 351 7.27 -7.33 21.60
C CYS B 351 7.38 -5.93 22.17
N GLN B 352 7.45 -4.93 21.28
CA GLN B 352 7.52 -3.53 21.77
C GLN B 352 6.19 -3.15 22.47
N SER B 353 6.32 -2.31 23.51
CA SER B 353 5.26 -2.18 24.55
C SER B 353 3.91 -1.78 24.03
N TRP B 354 3.86 -1.02 22.94
CA TRP B 354 2.55 -0.53 22.45
C TRP B 354 1.72 -1.67 21.92
N LEU B 355 2.41 -2.71 21.48
CA LEU B 355 1.77 -3.84 20.81
C LEU B 355 0.86 -4.62 21.77
N LEU B 356 1.06 -4.48 23.08
CA LEU B 356 0.14 -5.13 24.01
C LEU B 356 -1.23 -4.43 24.03
N THR B 357 -1.38 -3.36 23.27
CA THR B 357 -2.72 -2.75 23.04
C THR B 357 -3.12 -2.79 21.55
N THR B 358 -2.13 -2.60 20.72
CA THR B 358 -2.34 -2.34 19.32
C THR B 358 -2.47 -3.65 18.48
N GLN B 359 -1.64 -4.63 18.80
CA GLN B 359 -1.52 -5.90 18.02
C GLN B 359 -2.10 -7.09 18.88
N ILE B 360 -2.03 -7.02 20.21
CA ILE B 360 -2.55 -8.11 21.03
C ILE B 360 -3.76 -7.59 21.83
N ASP B 361 -4.77 -8.41 21.98
CA ASP B 361 -5.81 -8.10 22.94
C ASP B 361 -5.41 -8.67 24.31
N CYS B 362 -4.72 -7.88 25.09
CA CYS B 362 -4.08 -8.35 26.33
C CYS B 362 -4.94 -7.89 27.46
N GLU B 363 -5.62 -8.82 28.08
CA GLU B 363 -6.63 -8.53 29.08
C GLU B 363 -6.15 -7.51 30.12
N GLU B 364 -6.95 -6.48 30.32
CA GLU B 364 -6.46 -5.28 31.01
C GLU B 364 -5.96 -5.57 32.45
N SER B 365 -6.60 -6.54 33.11
CA SER B 365 -6.35 -6.80 34.49
C SER B 365 -5.07 -7.61 34.73
N LEU B 366 -4.40 -8.01 33.65
CA LEU B 366 -3.09 -8.70 33.78
C LEU B 366 -1.97 -7.81 34.18
N PHE B 367 -2.12 -6.49 33.93
CA PHE B 367 -1.15 -5.49 34.36
C PHE B 367 -1.85 -4.40 35.25
N SER B 368 -1.12 -3.84 36.20
CA SER B 368 -1.70 -2.79 37.05
C SER B 368 -1.87 -1.58 36.15
N GLN B 369 -2.70 -0.65 36.57
CA GLN B 369 -2.86 0.58 35.82
C GLN B 369 -1.53 1.34 35.76
N LYS B 370 -0.72 1.21 36.82
CA LYS B 370 0.58 1.86 36.84
C LYS B 370 1.47 1.29 35.74
N MET B 371 1.33 0.00 35.50
CA MET B 371 2.12 -0.66 34.45
C MET B 371 1.63 -0.27 33.08
N TRP B 372 0.34 -0.30 32.92
CA TRP B 372 -0.21 0.16 31.63
C TRP B 372 0.28 1.54 31.24
N MET B 373 0.27 2.45 32.20
CA MET B 373 0.66 3.77 31.90
C MET B 373 2.12 3.76 31.46
N ALA B 374 2.96 2.93 32.09
CA ALA B 374 4.36 2.93 31.69
C ALA B 374 4.48 2.42 30.23
N LEU B 375 3.76 1.33 29.95
CA LEU B 375 3.84 0.63 28.67
C LEU B 375 3.34 1.53 27.54
N ASP B 376 2.27 2.27 27.87
CA ASP B 376 1.56 3.10 26.93
C ASP B 376 2.14 4.45 26.65
N ARG B 377 2.91 4.99 27.60
CA ARG B 377 3.49 6.32 27.47
C ARG B 377 4.87 6.25 26.86
N THR B 378 5.38 5.04 26.75
CA THR B 378 6.71 4.86 26.24
C THR B 378 6.73 5.36 24.78
N ARG B 379 7.83 6.03 24.44
CA ARG B 379 8.01 6.64 23.10
C ARG B 379 9.00 5.87 22.24
N TYR B 380 8.69 5.76 20.97
CA TYR B 380 9.58 5.04 20.02
C TYR B 380 10.23 5.97 19.02
N MET B 381 11.48 5.72 18.72
CA MET B 381 12.20 6.49 17.75
C MET B 381 12.11 5.86 16.37
N GLN B 382 12.10 6.72 15.37
CA GLN B 382 12.05 6.34 13.97
C GLN B 382 13.46 6.14 13.39
N SER B 383 13.58 5.21 12.46
CA SER B 383 14.87 4.98 11.82
C SER B 383 14.67 4.42 10.42
N SER B 384 15.50 4.86 9.47
CA SER B 384 15.59 4.32 8.12
C SER B 384 17.03 4.07 7.74
N LYS B 385 17.27 3.00 6.98
CA LYS B 385 18.55 2.71 6.41
C LYS B 385 18.27 2.28 4.98
N THR B 386 19.21 2.61 4.07
CA THR B 386 19.14 2.26 2.65
C THR B 386 20.52 1.83 2.24
N PHE B 387 20.64 0.61 1.70
CA PHE B 387 21.89 0.04 1.42
C PHE B 387 21.94 -0.31 -0.08
N VAL B 388 23.13 -0.28 -0.67
CA VAL B 388 23.41 -0.89 -1.97
C VAL B 388 24.70 -1.65 -1.86
N MET B 389 24.89 -2.60 -2.76
CA MET B 389 26.09 -3.36 -2.87
C MET B 389 26.88 -2.74 -4.04
N VAL B 390 28.18 -2.87 -3.97
CA VAL B 390 29.02 -2.41 -5.06
C VAL B 390 30.01 -3.50 -5.39
N ASP B 391 30.58 -3.41 -6.60
CA ASP B 391 31.36 -4.50 -7.18
C ASP B 391 32.65 -4.68 -6.48
N ARG B 392 33.14 -3.64 -5.87
CA ARG B 392 34.37 -3.74 -5.11
C ARG B 392 34.47 -2.51 -4.19
N PRO B 393 35.38 -2.52 -3.20
CA PRO B 393 35.54 -1.40 -2.27
C PRO B 393 36.25 -0.22 -2.93
N PHE B 394 35.65 0.33 -3.97
CA PHE B 394 36.33 1.29 -4.87
C PHE B 394 36.70 2.55 -4.16
N TRP B 395 36.09 2.79 -3.01
CA TRP B 395 36.31 3.98 -2.24
C TRP B 395 37.73 4.09 -1.71
N LYS B 396 38.42 2.96 -1.57
CA LYS B 396 39.83 2.94 -1.14
C LYS B 396 40.79 3.43 -2.22
N ASP B 397 40.34 3.49 -3.50
CA ASP B 397 41.14 4.09 -4.58
C ASP B 397 41.38 5.52 -4.25
N LYS B 398 42.55 5.99 -4.64
CA LYS B 398 43.01 7.36 -4.44
C LYS B 398 42.74 8.25 -5.64
N ASP B 399 42.38 9.48 -5.35
CA ASP B 399 42.27 10.53 -6.36
C ASP B 399 43.71 11.07 -6.48
N PRO B 400 44.42 10.72 -7.57
CA PRO B 400 45.86 11.06 -7.67
C PRO B 400 46.08 12.57 -7.60
N GLU B 401 45.09 13.36 -8.00
CA GLU B 401 45.20 14.81 -7.80
C GLU B 401 45.25 15.26 -6.37
N THR B 402 44.36 14.73 -5.53
CA THR B 402 44.20 15.26 -4.16
C THR B 402 44.82 14.39 -3.10
N GLY B 403 45.15 13.14 -3.41
CA GLY B 403 45.53 12.17 -2.37
C GLY B 403 44.38 11.60 -1.53
N ARG B 404 43.15 12.05 -1.76
CA ARG B 404 41.98 11.55 -1.03
C ARG B 404 41.46 10.23 -1.58
N ASP B 405 40.92 9.41 -0.68
CA ASP B 405 40.03 8.32 -1.05
C ASP B 405 38.87 8.83 -1.90
N LEU B 406 38.37 7.99 -2.80
CA LEU B 406 37.30 8.42 -3.66
C LEU B 406 36.03 8.63 -2.83
N MET B 407 35.92 7.88 -1.73
CA MET B 407 34.75 8.01 -0.89
C MET B 407 35.13 7.71 0.54
N SER B 408 34.47 8.35 1.48
CA SER B 408 34.77 8.18 2.88
C SER B 408 33.54 7.82 3.68
N MET B 409 33.74 7.40 4.93
CA MET B 409 32.67 7.48 5.92
C MET B 409 32.14 8.92 5.89
N THR B 410 30.86 9.13 5.65
CA THR B 410 30.36 10.49 5.42
C THR B 410 29.34 10.94 6.44
N LEU B 411 29.61 12.07 7.10
CA LEU B 411 28.71 12.68 8.02
C LEU B 411 28.37 14.03 7.48
N THR B 412 27.07 14.32 7.39
CA THR B 412 26.62 15.48 6.74
C THR B 412 25.32 15.93 7.32
N ASP B 413 25.00 17.22 7.10
CA ASP B 413 23.68 17.77 7.35
C ASP B 413 22.74 17.55 6.20
N ARG B 414 23.28 17.03 5.09
CA ARG B 414 22.39 16.64 4.00
C ARG B 414 21.54 15.40 4.38
N LEU B 415 20.51 15.10 3.58
CA LEU B 415 19.43 14.17 3.99
C LEU B 415 19.95 12.74 4.28
N THR B 416 21.07 12.37 3.74
CA THR B 416 21.64 11.05 4.04
C THR B 416 22.13 10.93 5.47
N ARG B 417 22.62 12.03 6.03
CA ARG B 417 23.15 12.12 7.40
C ARG B 417 24.42 11.27 7.63
N GLY B 418 24.28 9.94 7.62
CA GLY B 418 25.45 9.06 7.85
C GLY B 418 25.54 8.06 6.70
N THR B 419 26.72 7.89 6.12
CA THR B 419 26.98 6.93 5.07
C THR B 419 28.12 6.08 5.55
N TYR B 420 27.92 4.77 5.56
CA TYR B 420 28.97 3.83 6.01
C TYR B 420 29.40 2.90 4.89
N LEU B 421 30.69 2.53 4.94
CA LEU B 421 31.32 1.78 3.92
C LEU B 421 31.81 0.45 4.49
N PHE B 422 31.41 -0.66 3.85
CA PHE B 422 31.74 -1.99 4.37
C PHE B 422 32.61 -2.75 3.40
N ASP B 423 33.85 -2.90 3.79
CA ASP B 423 34.85 -3.57 3.00
C ASP B 423 34.88 -5.06 3.33
N ASN B 424 34.51 -5.91 2.37
CA ASN B 424 34.52 -7.32 2.59
C ASN B 424 35.78 -8.02 2.08
N GLY B 425 36.78 -7.23 1.71
CA GLY B 425 38.00 -7.73 1.10
C GLY B 425 38.09 -7.23 -0.34
N ASP B 426 39.32 -7.06 -0.82
CA ASP B 426 39.55 -6.55 -2.19
C ASP B 426 38.86 -7.35 -3.32
N ASP B 427 38.56 -8.62 -3.06
CA ASP B 427 38.00 -9.52 -4.08
C ASP B 427 36.54 -9.89 -3.81
N LYS B 428 35.87 -9.16 -2.92
CA LYS B 428 34.46 -9.39 -2.66
C LYS B 428 33.71 -8.10 -2.95
N PRO B 429 32.39 -8.19 -3.15
CA PRO B 429 31.67 -6.93 -3.25
C PRO B 429 31.68 -6.13 -1.94
N GLY B 430 31.48 -4.83 -2.06
CA GLY B 430 31.40 -3.99 -0.90
C GLY B 430 29.97 -3.76 -0.65
N VAL B 431 29.67 -3.25 0.54
CA VAL B 431 28.33 -2.78 0.88
C VAL B 431 28.46 -1.33 1.34
N ILE B 432 27.47 -0.52 0.95
CA ILE B 432 27.42 0.84 1.39
C ILE B 432 26.07 1.10 2.00
N CYS B 433 26.05 1.60 3.23
CA CYS B 433 24.87 2.09 3.78
C CYS B 433 24.79 3.52 3.33
N LEU B 434 24.01 3.76 2.31
CA LEU B 434 23.97 5.11 1.74
C LEU B 434 23.48 6.15 2.72
N SER B 435 22.54 5.75 3.56
CA SER B 435 21.97 6.64 4.57
C SER B 435 21.46 5.84 5.74
N TYR B 436 21.94 6.18 6.94
CA TYR B 436 21.39 5.73 8.20
C TYR B 436 20.87 6.98 8.91
N ALA B 437 19.56 7.08 9.08
CA ALA B 437 18.94 8.31 9.60
C ALA B 437 17.95 7.97 10.70
N TRP B 438 17.70 8.97 11.55
CA TRP B 438 16.87 8.82 12.79
C TRP B 438 15.89 9.95 12.88
N MET B 439 14.79 9.72 13.55
CA MET B 439 13.84 10.79 13.86
C MET B 439 13.41 11.56 12.63
N SER B 440 13.48 12.91 12.63
CA SER B 440 13.08 13.76 11.48
C SER B 440 13.66 13.31 10.11
N ASP B 441 14.94 12.98 10.11
CA ASP B 441 15.56 12.63 8.85
C ASP B 441 15.09 11.24 8.32
N ALA B 442 14.66 10.36 9.24
CA ALA B 442 14.03 9.09 8.85
C ALA B 442 12.61 9.39 8.37
N LEU B 443 11.89 10.25 9.08
CA LEU B 443 10.50 10.61 8.67
C LEU B 443 10.45 11.30 7.31
N LYS B 444 11.55 11.95 6.90
CA LYS B 444 11.69 12.46 5.50
C LYS B 444 11.58 11.35 4.41
N MET B 445 12.01 10.13 4.74
CA MET B 445 11.87 8.98 3.81
C MET B 445 10.57 8.17 3.95
N LEU B 446 9.81 8.36 5.03
CA LEU B 446 8.74 7.40 5.44
C LEU B 446 7.89 6.91 4.29
N PRO B 447 7.15 7.83 3.64
CA PRO B 447 6.29 7.36 2.57
C PRO B 447 6.99 6.98 1.24
N HIS B 448 8.31 7.13 1.07
CA HIS B 448 8.95 6.92 -0.24
C HIS B 448 9.49 5.54 -0.52
N PRO B 449 9.37 5.07 -1.75
CA PRO B 449 9.79 3.72 -2.06
C PRO B 449 11.27 3.66 -2.28
N VAL B 450 11.84 2.46 -2.34
CA VAL B 450 13.29 2.28 -2.27
C VAL B 450 14.08 2.96 -3.40
N GLU B 451 13.46 3.07 -4.56
CA GLU B 451 14.09 3.64 -5.75
C GLU B 451 14.36 5.10 -5.50
N LYS B 452 13.35 5.78 -4.98
CA LYS B 452 13.45 7.19 -4.68
C LYS B 452 14.45 7.42 -3.52
N ARG B 453 14.46 6.54 -2.53
CA ARG B 453 15.34 6.69 -1.40
C ARG B 453 16.79 6.62 -1.85
N VAL B 454 17.06 5.67 -2.70
CA VAL B 454 18.36 5.52 -3.27
C VAL B 454 18.78 6.70 -4.17
N GLN B 455 17.83 7.20 -4.94
CA GLN B 455 18.12 8.30 -5.84
C GLN B 455 18.42 9.61 -5.04
N LEU B 456 17.59 9.89 -4.03
CA LEU B 456 17.76 11.02 -3.17
C LEU B 456 19.16 10.90 -2.50
N ALA B 457 19.57 9.72 -2.13
CA ALA B 457 20.82 9.60 -1.42
C ALA B 457 21.97 9.75 -2.37
N LEU B 458 21.85 9.17 -3.55
CA LEU B 458 22.90 9.29 -4.55
C LEU B 458 23.06 10.76 -5.01
N ASP B 459 21.96 11.49 -5.11
CA ASP B 459 22.01 12.89 -5.50
C ASP B 459 22.67 13.74 -4.40
N ALA B 460 22.37 13.46 -3.12
CA ALA B 460 23.06 14.14 -2.06
C ALA B 460 24.51 13.82 -2.09
N LEU B 461 24.85 12.55 -2.28
CA LEU B 461 26.26 12.16 -2.29
C LEU B 461 27.03 12.70 -3.48
N LYS B 462 26.34 12.88 -4.60
CA LYS B 462 26.94 13.56 -5.74
C LYS B 462 27.34 15.05 -5.41
N LYS B 463 26.55 15.74 -4.60
CA LYS B 463 26.91 17.09 -4.13
C LYS B 463 28.18 17.02 -3.26
N ILE B 464 28.34 15.97 -2.47
CA ILE B 464 29.55 15.87 -1.63
C ILE B 464 30.79 15.40 -2.40
N TYR B 465 30.57 14.44 -3.29
CA TYR B 465 31.61 13.84 -4.05
C TYR B 465 31.29 14.01 -5.55
N PRO B 466 31.48 15.23 -6.10
CA PRO B 466 31.03 15.46 -7.48
C PRO B 466 31.80 14.66 -8.48
N LYS B 467 33.00 14.22 -8.14
CA LYS B 467 33.83 13.48 -9.04
C LYS B 467 33.76 11.95 -8.85
N THR B 468 32.93 11.47 -7.93
CA THR B 468 32.91 10.03 -7.68
C THR B 468 31.64 9.46 -8.29
N ASP B 469 31.85 8.45 -9.11
CA ASP B 469 30.77 7.64 -9.72
C ASP B 469 30.41 6.46 -8.83
N ILE B 470 29.43 6.66 -7.97
CA ILE B 470 28.97 5.59 -7.15
C ILE B 470 28.10 4.66 -7.95
N ALA B 471 27.11 5.24 -8.61
CA ALA B 471 26.15 4.54 -9.41
C ALA B 471 26.81 3.46 -10.27
N GLY B 472 27.91 3.83 -10.92
CA GLY B 472 28.60 2.90 -11.80
C GLY B 472 29.09 1.62 -11.12
N HIS B 473 29.29 1.66 -9.81
CA HIS B 473 29.81 0.44 -9.09
C HIS B 473 28.71 -0.42 -8.48
N ILE B 474 27.49 0.12 -8.45
CA ILE B 474 26.36 -0.48 -7.78
C ILE B 474 25.92 -1.71 -8.57
N ILE B 475 25.80 -2.83 -7.86
CA ILE B 475 25.20 -4.07 -8.36
C ILE B 475 24.22 -4.63 -7.32
N GLY B 476 23.51 -5.67 -7.70
CA GLY B 476 22.54 -6.28 -6.83
C GLY B 476 21.30 -5.39 -6.67
N ASP B 477 20.52 -5.72 -5.67
CA ASP B 477 19.29 -5.07 -5.36
C ASP B 477 19.54 -4.03 -4.25
N PRO B 478 18.77 -2.95 -4.25
CA PRO B 478 18.79 -1.98 -3.18
C PRO B 478 17.94 -2.50 -2.03
N ILE B 479 18.35 -2.27 -0.79
CA ILE B 479 17.56 -2.67 0.40
C ILE B 479 17.35 -1.52 1.32
N THR B 480 16.11 -1.21 1.68
CA THR B 480 15.75 -0.19 2.61
C THR B 480 14.82 -0.78 3.73
N ILE B 481 14.65 -0.01 4.82
CA ILE B 481 13.66 -0.23 5.86
C ILE B 481 13.23 1.08 6.56
N SER B 482 11.99 1.15 6.99
CA SER B 482 11.49 2.09 8.03
C SER B 482 10.83 1.36 9.20
N TRP B 483 11.50 1.34 10.36
CA TRP B 483 10.98 0.52 11.45
C TRP B 483 9.62 1.02 11.99
N GLU B 484 9.42 2.34 12.04
CA GLU B 484 8.11 2.96 12.40
C GLU B 484 6.93 2.40 11.66
N ALA B 485 7.15 2.01 10.41
CA ALA B 485 6.08 1.63 9.51
C ALA B 485 5.53 0.24 9.78
N ASP B 486 6.32 -0.61 10.45
CA ASP B 486 6.00 -2.06 10.52
C ASP B 486 5.10 -2.28 11.75
N PRO B 487 3.90 -2.86 11.57
CA PRO B 487 2.98 -3.00 12.77
C PRO B 487 3.50 -3.91 13.92
N HIS B 488 4.44 -4.82 13.63
CA HIS B 488 5.08 -5.67 14.65
C HIS B 488 6.21 -5.02 15.43
N PHE B 489 6.52 -3.77 15.06
CA PHE B 489 7.43 -2.89 15.76
C PHE B 489 6.73 -1.57 15.54
N LEU B 490 6.85 -0.62 16.39
CA LEU B 490 6.26 0.65 15.92
C LEU B 490 7.35 1.66 16.12
N GLY B 491 8.51 1.34 15.54
CA GLY B 491 9.71 2.10 15.72
C GLY B 491 10.94 1.20 15.84
N ALA B 492 12.08 1.85 15.72
CA ALA B 492 13.37 1.22 15.78
C ALA B 492 13.71 0.80 17.24
N PHE B 493 13.39 1.65 18.20
CA PHE B 493 13.73 1.42 19.58
C PHE B 493 13.08 2.55 20.36
N LYS B 494 12.90 2.31 21.65
CA LYS B 494 12.48 3.34 22.63
C LYS B 494 13.47 4.46 22.68
N GLY B 495 12.99 5.66 22.98
CA GLY B 495 13.85 6.70 23.50
C GLY B 495 13.17 7.31 24.72
N ALA B 496 13.90 7.38 25.82
CA ALA B 496 13.29 7.77 27.09
C ALA B 496 13.11 9.27 27.06
N LEU B 497 11.90 9.75 27.20
CA LEU B 497 11.72 11.18 27.35
C LEU B 497 12.03 11.65 28.79
N PRO B 498 12.25 12.96 28.99
CA PRO B 498 12.32 13.49 30.33
C PRO B 498 11.12 13.06 31.14
N GLY B 499 11.34 12.69 32.39
CA GLY B 499 10.26 12.29 33.27
C GLY B 499 9.78 10.87 33.14
N HIS B 500 10.46 10.10 32.32
CA HIS B 500 10.13 8.69 32.14
C HIS B 500 10.87 7.70 33.04
N TYR B 501 11.72 8.19 33.94
CA TYR B 501 12.41 7.29 34.86
C TYR B 501 11.47 6.38 35.57
N ARG B 502 10.37 6.93 36.11
CA ARG B 502 9.45 6.13 36.90
C ARG B 502 8.82 5.04 36.04
N TYR B 503 8.55 5.36 34.79
CA TYR B 503 7.91 4.35 33.91
C TYR B 503 8.89 3.23 33.66
N ASN B 504 10.13 3.59 33.37
CA ASN B 504 11.12 2.56 33.13
C ASN B 504 11.33 1.73 34.38
N GLN B 505 11.28 2.35 35.59
CA GLN B 505 11.53 1.65 36.83
C GLN B 505 10.48 0.62 37.06
N ARG B 506 9.24 0.99 36.82
CA ARG B 506 8.15 0.04 36.92
C ARG B 506 8.34 -1.18 36.03
N MET B 507 8.66 -0.91 34.76
CA MET B 507 8.77 -1.96 33.78
C MET B 507 9.95 -2.84 34.08
N TYR B 508 11.08 -2.26 34.45
CA TYR B 508 12.31 -3.10 34.70
C TYR B 508 12.13 -4.00 35.91
N ALA B 509 11.34 -3.54 36.89
CA ALA B 509 11.11 -4.27 38.16
C ALA B 509 9.95 -5.26 38.06
N HIS B 510 9.26 -5.32 36.90
CA HIS B 510 8.01 -6.08 36.81
C HIS B 510 8.21 -7.62 36.97
N PHE B 511 9.41 -8.09 36.72
CA PHE B 511 9.81 -9.52 36.99
C PHE B 511 9.83 -9.91 38.46
N MET B 512 9.82 -8.90 39.33
CA MET B 512 9.88 -9.14 40.78
C MET B 512 8.45 -9.01 41.26
N GLN B 513 7.80 -10.15 41.46
CA GLN B 513 6.36 -10.24 41.59
C GLN B 513 5.86 -10.63 42.99
N ALA B 514 6.73 -10.79 43.97
CA ALA B 514 6.30 -11.22 45.34
C ALA B 514 5.25 -10.36 45.97
N GLN B 515 5.25 -9.07 45.68
CA GLN B 515 4.24 -8.13 46.16
C GLN B 515 3.09 -7.94 45.23
N MET B 516 3.01 -8.67 44.14
CA MET B 516 2.00 -8.34 43.16
C MET B 516 0.72 -9.02 43.48
N PRO B 517 -0.42 -8.38 43.18
CA PRO B 517 -1.68 -9.07 43.19
C PRO B 517 -1.63 -10.32 42.34
N VAL B 518 -2.25 -11.37 42.79
CA VAL B 518 -2.19 -12.66 42.17
C VAL B 518 -2.64 -12.67 40.72
N GLU B 519 -3.61 -11.82 40.39
CA GLU B 519 -4.12 -11.74 39.05
C GLU B 519 -3.07 -11.14 38.09
N GLN B 520 -2.04 -10.44 38.59
CA GLN B 520 -0.99 -9.85 37.76
C GLN B 520 0.23 -10.70 37.67
N ARG B 521 0.25 -11.82 38.35
CA ARG B 521 1.48 -12.67 38.34
C ARG B 521 1.51 -13.68 37.21
N GLY B 522 2.68 -13.94 36.68
CA GLY B 522 2.87 -15.06 35.77
C GLY B 522 3.05 -14.55 34.35
N ILE B 523 2.80 -13.26 34.12
CA ILE B 523 3.06 -12.65 32.84
C ILE B 523 4.24 -11.83 33.15
N PHE B 524 5.20 -11.83 32.21
CA PHE B 524 6.45 -11.14 32.32
C PHE B 524 6.73 -10.38 31.07
N ILE B 525 7.61 -9.39 31.17
CA ILE B 525 8.05 -8.62 30.03
C ILE B 525 9.56 -8.53 29.95
N ALA B 526 10.07 -8.38 28.75
CA ALA B 526 11.50 -8.15 28.52
C ALA B 526 11.71 -7.51 27.15
N GLY B 527 12.95 -7.06 26.92
CA GLY B 527 13.32 -6.52 25.64
C GLY B 527 13.86 -5.11 25.82
N ASP B 528 14.38 -4.50 24.77
CA ASP B 528 15.20 -3.31 25.00
C ASP B 528 14.35 -2.07 25.44
N ASP B 529 13.05 -2.13 25.23
CA ASP B 529 12.16 -1.12 25.81
C ASP B 529 11.89 -1.26 27.32
N VAL B 530 12.10 -2.46 27.87
CA VAL B 530 12.12 -2.68 29.29
C VAL B 530 13.46 -2.19 29.88
N SER B 531 14.52 -2.23 29.07
CA SER B 531 15.84 -1.88 29.50
C SER B 531 16.04 -0.37 29.67
N TRP B 532 17.13 -0.05 30.34
CA TRP B 532 17.50 1.29 30.57
C TRP B 532 18.24 1.85 29.37
N THR B 533 18.69 0.97 28.48
CA THR B 533 19.53 1.31 27.38
C THR B 533 18.90 0.85 26.07
N PRO B 534 17.73 1.41 25.73
CA PRO B 534 16.92 0.99 24.61
C PRO B 534 17.51 0.79 23.22
N ALA B 535 18.41 1.57 22.70
CA ALA B 535 18.80 1.22 21.31
C ALA B 535 20.04 0.29 21.24
N TRP B 536 20.19 -0.55 22.25
CA TRP B 536 21.42 -1.33 22.47
C TRP B 536 21.00 -2.72 22.84
N VAL B 537 21.44 -3.68 22.05
CA VAL B 537 21.02 -5.06 22.23
C VAL B 537 21.28 -5.64 23.67
N GLU B 538 22.39 -5.24 24.31
CA GLU B 538 22.65 -5.69 25.66
C GLU B 538 21.45 -5.47 26.57
N GLY B 539 20.80 -4.32 26.44
CA GLY B 539 19.60 -4.10 27.25
C GLY B 539 18.46 -5.11 27.07
N ALA B 540 18.25 -5.58 25.82
CA ALA B 540 17.36 -6.68 25.57
C ALA B 540 17.84 -7.97 26.23
N VAL B 541 19.11 -8.25 26.18
CA VAL B 541 19.62 -9.49 26.78
C VAL B 541 19.49 -9.42 28.26
N GLN B 542 19.79 -8.27 28.86
CA GLN B 542 19.81 -8.23 30.32
C GLN B 542 18.41 -8.33 30.89
N THR B 543 17.44 -7.65 30.28
CA THR B 543 16.10 -7.78 30.80
C THR B 543 15.55 -9.22 30.61
N SER B 544 15.95 -9.86 29.53
CA SER B 544 15.52 -11.21 29.27
C SER B 544 15.95 -12.12 30.40
N LEU B 545 17.22 -11.99 30.79
CA LEU B 545 17.77 -12.73 31.88
C LEU B 545 17.08 -12.47 33.18
N ASN B 546 16.69 -11.25 33.45
CA ASN B 546 15.87 -10.99 34.61
C ASN B 546 14.58 -11.75 34.56
N ALA B 547 13.99 -11.80 33.37
CA ALA B 547 12.68 -12.41 33.26
C ALA B 547 12.87 -13.92 33.40
N VAL B 548 14.01 -14.45 32.96
CA VAL B 548 14.32 -15.86 33.19
C VAL B 548 14.33 -16.14 34.70
N TRP B 549 14.94 -15.26 35.48
CA TRP B 549 14.97 -15.40 36.93
C TRP B 549 13.51 -15.39 37.48
N GLY B 550 12.75 -14.43 37.04
CA GLY B 550 11.33 -14.29 37.47
C GLY B 550 10.53 -15.55 37.17
N ILE B 551 10.66 -16.07 35.96
CA ILE B 551 9.93 -17.26 35.58
C ILE B 551 10.42 -18.48 36.32
N MET B 552 11.73 -18.69 36.38
CA MET B 552 12.22 -19.74 37.26
C MET B 552 11.56 -19.69 38.64
N ASN B 553 11.55 -18.51 39.26
CA ASN B 553 11.01 -18.36 40.59
C ASN B 553 9.52 -18.68 40.56
N HIS B 554 8.88 -18.28 39.46
CA HIS B 554 7.45 -18.44 39.39
C HIS B 554 7.18 -19.98 39.38
N PHE B 555 8.07 -20.78 38.82
CA PHE B 555 7.86 -22.23 38.81
C PHE B 555 8.34 -22.93 40.08
N GLY B 556 8.55 -22.17 41.12
CA GLY B 556 9.07 -22.64 42.39
C GLY B 556 10.57 -22.99 42.38
N GLY B 557 11.31 -22.46 41.43
CA GLY B 557 12.73 -22.73 41.32
C GLY B 557 13.55 -21.70 42.02
N LYS B 558 14.88 -21.88 41.98
CA LYS B 558 15.76 -20.93 42.61
C LYS B 558 17.17 -21.14 42.13
N THR B 559 17.96 -20.08 42.22
CA THR B 559 19.37 -20.17 41.89
C THR B 559 20.13 -21.05 42.88
N HIS B 560 21.20 -21.63 42.39
CA HIS B 560 22.22 -22.22 43.22
C HIS B 560 22.88 -21.19 44.14
N ALA B 561 23.11 -21.61 45.37
CA ALA B 561 23.65 -20.72 46.38
C ALA B 561 24.99 -20.12 45.95
N ASP B 562 25.79 -20.80 45.16
CA ASP B 562 27.05 -20.20 44.75
C ASP B 562 26.95 -19.27 43.50
N ASN B 563 25.75 -19.10 42.90
CA ASN B 563 25.61 -18.31 41.66
C ASN B 563 24.28 -17.58 41.73
N PRO B 564 24.18 -16.70 42.70
CA PRO B 564 22.94 -15.97 42.85
C PRO B 564 22.60 -15.13 41.61
N GLY B 565 21.33 -14.88 41.46
CA GLY B 565 20.77 -14.31 40.23
C GLY B 565 20.12 -12.96 40.44
N PRO B 566 19.67 -12.35 39.34
CA PRO B 566 19.07 -11.01 39.45
C PRO B 566 18.10 -10.79 40.59
N GLY B 567 17.14 -11.64 40.73
CA GLY B 567 16.10 -11.35 41.76
C GLY B 567 16.62 -11.62 43.19
N ASP B 568 17.73 -12.33 43.31
CA ASP B 568 18.30 -12.59 44.62
C ASP B 568 18.95 -11.32 45.19
N VAL B 569 19.37 -10.41 44.35
CA VAL B 569 20.01 -9.19 44.79
C VAL B 569 19.34 -7.90 44.39
N PHE B 570 18.17 -8.02 43.75
CA PHE B 570 17.49 -6.91 43.18
C PHE B 570 17.06 -5.90 44.25
N ASP B 571 16.48 -6.37 45.35
CA ASP B 571 16.01 -5.44 46.38
C ASP B 571 17.16 -4.70 46.99
N GLU B 572 18.36 -5.27 46.99
CA GLU B 572 19.51 -4.60 47.53
C GLU B 572 20.20 -3.62 46.57
N ILE B 573 20.39 -3.99 45.31
CA ILE B 573 21.14 -3.13 44.41
C ILE B 573 20.33 -2.71 43.18
N GLY B 574 19.02 -2.95 43.21
CA GLY B 574 18.22 -2.57 42.09
C GLY B 574 18.04 -1.06 41.94
N GLN B 575 17.24 -0.68 40.98
CA GLN B 575 17.04 0.75 40.63
C GLN B 575 16.25 1.40 41.68
N ILE B 576 16.75 2.54 42.06
CA ILE B 576 16.10 3.37 43.01
C ILE B 576 14.68 3.67 42.53
N ALA B 577 13.74 3.73 43.44
CA ALA B 577 12.39 4.23 43.15
C ALA B 577 12.31 5.73 43.52
N LEU B 578 11.60 6.52 42.73
CA LEU B 578 11.37 7.92 43.07
C LEU B 578 10.01 8.16 43.70
N ALA B 579 9.88 9.28 44.39
CA ALA B 579 8.68 9.65 45.11
C ALA B 579 7.54 9.95 44.19
N ASP B 580 6.34 9.85 44.74
CA ASP B 580 5.18 10.41 44.13
C ASP B 580 5.32 11.92 44.32
N LYS C 32 -40.53 5.76 -36.58
CA LYS C 32 -40.36 4.27 -36.37
C LYS C 32 -40.22 4.08 -34.86
N LYS C 33 -40.66 2.94 -34.37
CA LYS C 33 -40.66 2.73 -32.94
C LYS C 33 -39.22 2.48 -32.47
N PRO C 34 -38.82 3.08 -31.32
CA PRO C 34 -37.42 2.97 -30.90
C PRO C 34 -37.06 1.56 -30.46
N ILE C 35 -35.79 1.20 -30.67
CA ILE C 35 -35.24 0.05 -30.01
C ILE C 35 -35.13 0.41 -28.50
N THR C 36 -35.43 -0.57 -27.65
CA THR C 36 -35.23 -0.42 -26.25
C THR C 36 -34.68 -1.68 -25.64
N ILE C 37 -34.19 -1.59 -24.41
CA ILE C 37 -33.66 -2.80 -23.77
C ILE C 37 -34.86 -3.56 -23.28
N PHE C 38 -35.40 -4.38 -24.18
CA PHE C 38 -36.67 -5.08 -24.01
C PHE C 38 -36.36 -6.56 -24.20
N GLY C 39 -36.17 -7.27 -23.11
CA GLY C 39 -35.60 -8.59 -23.16
C GLY C 39 -34.21 -8.44 -23.82
N PRO C 40 -33.82 -9.39 -24.64
CA PRO C 40 -34.69 -10.45 -25.12
C PRO C 40 -35.04 -11.55 -24.12
N ASP C 41 -34.25 -11.69 -23.05
CA ASP C 41 -34.45 -12.80 -22.15
C ASP C 41 -35.79 -12.72 -21.36
N PHE C 42 -36.11 -11.53 -20.91
CA PHE C 42 -37.31 -11.29 -20.14
C PHE C 42 -37.91 -9.98 -20.64
N PRO C 43 -38.69 -10.05 -21.72
CA PRO C 43 -39.13 -8.86 -22.39
C PRO C 43 -40.36 -8.29 -21.68
N PHE C 44 -40.11 -7.78 -20.50
CA PHE C 44 -41.08 -7.11 -19.68
C PHE C 44 -40.92 -5.63 -19.88
N ALA C 45 -42.04 -4.94 -19.93
CA ALA C 45 -42.03 -3.50 -20.17
C ALA C 45 -41.89 -2.77 -18.84
N PHE C 46 -40.66 -2.68 -18.35
CA PHE C 46 -40.36 -2.02 -17.08
C PHE C 46 -40.77 -0.55 -17.16
N ASP C 47 -40.49 0.09 -18.28
CA ASP C 47 -40.84 1.50 -18.41
C ASP C 47 -42.37 1.73 -18.22
N ASP C 48 -43.17 0.82 -18.75
CA ASP C 48 -44.63 0.94 -18.66
C ASP C 48 -45.02 0.68 -17.23
N TRP C 49 -44.46 -0.38 -16.64
CA TRP C 49 -44.70 -0.70 -15.25
C TRP C 49 -44.41 0.54 -14.36
N LEU C 50 -43.35 1.29 -14.66
CA LEU C 50 -42.96 2.45 -13.86
C LEU C 50 -43.84 3.66 -14.09
N GLU C 51 -44.28 3.83 -15.33
CA GLU C 51 -45.01 5.00 -15.75
C GLU C 51 -46.50 4.92 -15.48
N HIS C 52 -47.02 3.72 -15.30
CA HIS C 52 -48.44 3.53 -15.16
C HIS C 52 -48.98 4.28 -13.95
N PRO C 53 -50.15 4.92 -14.06
CA PRO C 53 -50.55 5.80 -12.92
C PRO C 53 -50.97 5.08 -11.63
N ALA C 54 -51.30 3.81 -11.72
CA ALA C 54 -51.59 3.02 -10.54
C ALA C 54 -50.41 2.73 -9.56
N GLY C 55 -49.15 2.92 -9.96
CA GLY C 55 -48.03 2.54 -9.08
C GLY C 55 -47.77 1.04 -9.12
N LEU C 56 -46.70 0.63 -8.48
CA LEU C 56 -46.19 -0.72 -8.64
C LEU C 56 -46.94 -1.75 -7.85
N GLY C 57 -47.88 -1.31 -6.99
CA GLY C 57 -48.71 -2.23 -6.28
C GLY C 57 -48.90 -1.83 -4.83
N SER C 58 -49.10 -2.82 -3.97
CA SER C 58 -49.29 -2.49 -2.57
C SER C 58 -48.91 -3.63 -1.65
N ILE C 59 -48.83 -3.27 -0.37
CA ILE C 59 -48.50 -4.18 0.70
C ILE C 59 -49.56 -4.01 1.79
N PRO C 60 -49.97 -5.08 2.45
CA PRO C 60 -50.96 -4.91 3.53
C PRO C 60 -50.56 -3.89 4.57
N ALA C 61 -51.53 -3.04 4.94
CA ALA C 61 -51.33 -1.93 5.86
C ALA C 61 -50.62 -2.34 7.15
N ALA C 62 -50.85 -3.56 7.59
CA ALA C 62 -50.23 -4.01 8.81
C ALA C 62 -48.71 -4.15 8.72
N ARG C 63 -48.16 -4.13 7.50
CA ARG C 63 -46.72 -4.24 7.30
C ARG C 63 -46.10 -2.90 7.00
N HIS C 64 -46.89 -1.84 6.91
CA HIS C 64 -46.34 -0.51 6.70
C HIS C 64 -45.28 -0.25 7.79
N GLY C 65 -44.19 0.41 7.42
CA GLY C 65 -43.19 0.83 8.39
C GLY C 65 -42.22 -0.30 8.70
N GLU C 66 -42.49 -1.51 8.24
CA GLU C 66 -41.52 -2.55 8.43
C GLU C 66 -40.27 -2.33 7.60
N GLU C 67 -39.14 -2.73 8.19
CA GLU C 67 -37.84 -2.52 7.60
C GLU C 67 -37.45 -3.66 6.62
N VAL C 68 -36.75 -3.25 5.56
CA VAL C 68 -36.11 -4.16 4.65
C VAL C 68 -34.66 -3.67 4.44
N ALA C 69 -33.72 -4.59 4.67
CA ALA C 69 -32.29 -4.26 4.54
C ALA C 69 -31.87 -4.33 3.10
N ILE C 70 -31.12 -3.29 2.71
CA ILE C 70 -30.57 -3.17 1.36
C ILE C 70 -29.06 -3.00 1.38
N VAL C 71 -28.37 -4.01 0.90
CA VAL C 71 -26.92 -3.98 0.93
C VAL C 71 -26.38 -3.33 -0.33
N GLY C 72 -25.88 -2.12 -0.17
CA GLY C 72 -25.26 -1.39 -1.25
C GLY C 72 -26.08 -0.21 -1.63
N ALA C 73 -25.44 0.95 -1.82
CA ALA C 73 -26.14 2.15 -2.23
C ALA C 73 -25.74 2.58 -3.66
N GLY C 74 -25.61 1.61 -4.55
CA GLY C 74 -25.48 1.89 -5.95
C GLY C 74 -26.87 2.02 -6.52
N ILE C 75 -26.93 2.06 -7.84
CA ILE C 75 -28.22 2.27 -8.52
C ILE C 75 -29.25 1.18 -8.26
N ALA C 76 -28.83 -0.09 -8.23
CA ALA C 76 -29.78 -1.13 -7.94
C ALA C 76 -30.33 -1.02 -6.48
N GLY C 77 -29.45 -0.81 -5.50
CA GLY C 77 -29.89 -0.68 -4.11
C GLY C 77 -30.84 0.50 -3.95
N LEU C 78 -30.50 1.62 -4.57
CA LEU C 78 -31.28 2.83 -4.36
C LEU C 78 -32.60 2.79 -5.11
N VAL C 79 -32.63 2.22 -6.30
CA VAL C 79 -33.88 2.08 -7.03
C VAL C 79 -34.83 1.22 -6.20
N ALA C 80 -34.33 0.08 -5.69
CA ALA C 80 -35.18 -0.77 -4.88
C ALA C 80 -35.65 -0.07 -3.60
N ALA C 81 -34.73 0.58 -2.90
CA ALA C 81 -35.10 1.29 -1.67
C ALA C 81 -36.20 2.32 -1.98
N TYR C 82 -36.03 3.11 -3.02
CA TYR C 82 -36.96 4.20 -3.37
C TYR C 82 -38.39 3.69 -3.62
N GLU C 83 -38.51 2.65 -4.43
CA GLU C 83 -39.81 2.11 -4.77
C GLU C 83 -40.42 1.36 -3.59
N LEU C 84 -39.59 0.70 -2.77
CA LEU C 84 -40.10 0.04 -1.57
C LEU C 84 -40.63 1.05 -0.54
N MET C 85 -39.92 2.16 -0.39
CA MET C 85 -40.41 3.27 0.45
C MET C 85 -41.78 3.76 -0.03
N LYS C 86 -41.92 3.91 -1.34
CA LYS C 86 -43.20 4.32 -1.90
C LYS C 86 -44.31 3.36 -1.55
N LEU C 87 -43.99 2.07 -1.48
CA LEU C 87 -44.97 1.05 -1.12
C LEU C 87 -45.20 0.94 0.40
N GLY C 88 -44.58 1.82 1.18
CA GLY C 88 -44.88 1.90 2.59
C GLY C 88 -43.91 1.16 3.50
N LEU C 89 -42.86 0.55 2.95
CA LEU C 89 -41.82 -0.05 3.78
C LEU C 89 -40.73 0.94 4.17
N LYS C 90 -39.94 0.58 5.17
CA LYS C 90 -38.81 1.42 5.57
C LYS C 90 -37.54 0.73 5.10
N PRO C 91 -37.04 1.09 3.92
CA PRO C 91 -35.78 0.45 3.55
C PRO C 91 -34.65 0.97 4.41
N VAL C 92 -33.73 0.08 4.72
CA VAL C 92 -32.51 0.47 5.42
C VAL C 92 -31.34 0.08 4.53
N VAL C 93 -30.70 1.10 3.97
CA VAL C 93 -29.67 0.92 3.02
C VAL C 93 -28.34 0.89 3.84
N TYR C 94 -27.48 -0.08 3.56
CA TYR C 94 -26.09 -0.11 4.07
C TYR C 94 -25.13 0.14 2.92
N GLU C 95 -24.07 0.92 3.17
CA GLU C 95 -23.08 1.22 2.15
C GLU C 95 -21.65 1.20 2.73
N ALA C 96 -20.87 0.25 2.27
CA ALA C 96 -19.51 0.02 2.81
C ALA C 96 -18.46 1.02 2.35
N SER C 97 -18.69 1.68 1.23
CA SER C 97 -17.70 2.52 0.66
C SER C 97 -18.35 3.84 0.21
N LYS C 98 -18.60 4.03 -1.08
CA LYS C 98 -19.14 5.33 -1.56
C LYS C 98 -20.56 5.26 -2.09
N MET C 99 -21.33 6.30 -1.81
CA MET C 99 -22.67 6.36 -2.39
C MET C 99 -22.58 6.38 -3.91
N GLY C 100 -23.42 5.57 -4.57
CA GLY C 100 -23.46 5.50 -6.04
C GLY C 100 -22.79 4.30 -6.70
N GLY C 101 -22.00 3.58 -5.93
CA GLY C 101 -21.22 2.48 -6.40
C GLY C 101 -20.51 2.82 -7.69
N ARG C 102 -20.78 2.04 -8.72
CA ARG C 102 -20.09 2.19 -10.01
C ARG C 102 -20.70 3.34 -10.89
N LEU C 103 -21.59 4.17 -10.32
CA LEU C 103 -21.90 5.47 -10.91
C LEU C 103 -21.20 6.49 -10.07
N ARG C 104 -20.00 6.90 -10.49
CA ARG C 104 -19.11 7.74 -9.67
C ARG C 104 -18.53 8.90 -10.51
N SER C 105 -18.83 10.12 -10.13
CA SER C 105 -18.41 11.32 -10.83
C SER C 105 -17.48 12.20 -9.95
N GLN C 106 -16.15 12.08 -10.10
CA GLN C 106 -15.22 12.78 -9.20
C GLN C 106 -14.92 14.18 -9.71
N ALA C 107 -15.12 15.18 -8.86
CA ALA C 107 -14.84 16.57 -9.23
C ALA C 107 -13.33 16.84 -9.20
N PHE C 108 -12.84 17.60 -10.18
CA PHE C 108 -11.44 18.07 -10.17
C PHE C 108 -11.23 19.21 -9.16
N ASN C 109 -10.02 19.29 -8.60
CA ASN C 109 -9.61 20.46 -7.76
C ASN C 109 -10.13 21.80 -8.18
N GLY C 110 -10.88 22.45 -7.29
CA GLY C 110 -11.20 23.86 -7.41
C GLY C 110 -12.31 24.23 -8.34
N THR C 111 -12.90 23.23 -8.99
CA THR C 111 -13.90 23.46 -10.05
C THR C 111 -15.32 23.30 -9.57
N ASP C 112 -16.26 23.84 -10.33
CA ASP C 112 -17.67 23.54 -10.19
C ASP C 112 -18.19 22.84 -11.43
N GLY C 113 -18.75 21.67 -11.28
CA GLY C 113 -19.46 21.03 -12.39
C GLY C 113 -18.53 20.35 -13.37
N ILE C 114 -17.27 20.16 -13.01
CA ILE C 114 -16.33 19.51 -13.90
C ILE C 114 -15.85 18.21 -13.32
N ILE C 115 -16.27 17.10 -13.92
CA ILE C 115 -16.11 15.79 -13.29
C ILE C 115 -15.51 14.76 -14.25
N ALA C 116 -14.95 13.72 -13.67
CA ALA C 116 -14.48 12.60 -14.41
C ALA C 116 -15.37 11.41 -14.06
N GLU C 117 -15.92 10.75 -15.07
CA GLU C 117 -16.80 9.63 -14.85
C GLU C 117 -15.96 8.41 -14.64
N LEU C 118 -15.89 7.92 -13.40
CA LEU C 118 -14.99 6.80 -13.11
C LEU C 118 -15.59 5.45 -13.44
N GLY C 119 -16.90 5.39 -13.35
CA GLY C 119 -17.63 4.16 -13.65
C GLY C 119 -18.39 4.38 -14.93
N GLY C 120 -19.71 4.24 -14.86
CA GLY C 120 -20.52 4.30 -16.08
C GLY C 120 -20.52 5.72 -16.59
N MET C 121 -20.40 5.88 -17.92
CA MET C 121 -20.36 7.23 -18.51
C MET C 121 -21.24 7.53 -19.74
N ARG C 122 -21.60 6.50 -20.50
CA ARG C 122 -22.32 6.68 -21.78
C ARG C 122 -23.56 5.79 -21.79
N PHE C 123 -24.69 6.44 -21.63
CA PHE C 123 -25.91 5.68 -21.41
C PHE C 123 -26.76 5.57 -22.67
N PRO C 124 -26.88 4.36 -23.22
CA PRO C 124 -27.68 4.26 -24.43
C PRO C 124 -29.13 4.67 -24.17
N VAL C 125 -29.69 5.44 -25.08
CA VAL C 125 -31.09 5.89 -24.92
C VAL C 125 -32.08 4.75 -24.98
N SER C 126 -31.65 3.56 -25.40
CA SER C 126 -32.49 2.37 -25.27
C SER C 126 -32.74 1.95 -23.80
N SER C 127 -31.99 2.56 -22.86
CA SER C 127 -32.08 2.28 -21.41
C SER C 127 -33.27 2.99 -20.80
N THR C 128 -34.46 2.52 -21.10
CA THR C 128 -35.68 3.26 -20.70
C THR C 128 -35.95 3.23 -19.20
N ALA C 129 -35.66 2.13 -18.53
CA ALA C 129 -35.84 2.16 -17.07
C ALA C 129 -34.90 3.15 -16.39
N PHE C 130 -33.63 3.11 -16.78
CA PHE C 130 -32.69 4.09 -16.25
C PHE C 130 -33.11 5.54 -16.49
N TYR C 131 -33.45 5.84 -17.73
CA TYR C 131 -33.80 7.19 -18.10
C TYR C 131 -35.09 7.65 -17.42
N HIS C 132 -35.96 6.72 -17.05
CA HIS C 132 -37.09 7.07 -16.18
C HIS C 132 -36.66 7.84 -14.93
N TYR C 133 -35.58 7.39 -14.28
CA TYR C 133 -35.12 8.03 -13.07
C TYR C 133 -34.38 9.31 -13.43
N VAL C 134 -33.63 9.28 -14.54
CA VAL C 134 -32.91 10.48 -14.99
C VAL C 134 -33.94 11.62 -15.19
N ASP C 135 -35.02 11.31 -15.88
CA ASP C 135 -36.08 12.30 -16.11
C ASP C 135 -36.77 12.70 -14.83
N LYS C 136 -37.03 11.73 -13.97
CA LYS C 136 -37.70 11.99 -12.69
C LYS C 136 -36.94 13.03 -11.88
N LEU C 137 -35.61 13.05 -12.00
CA LEU C 137 -34.81 14.03 -11.32
C LEU C 137 -34.62 15.32 -12.12
N GLY C 138 -35.08 15.38 -13.36
CA GLY C 138 -34.88 16.57 -14.21
C GLY C 138 -33.45 16.77 -14.62
N LEU C 139 -32.67 15.70 -14.74
CA LEU C 139 -31.26 15.87 -15.05
C LEU C 139 -31.10 16.08 -16.55
N GLU C 140 -30.05 16.79 -16.92
CA GLU C 140 -29.73 17.08 -18.29
C GLU C 140 -28.70 16.08 -18.82
N THR C 141 -28.93 15.64 -20.06
CA THR C 141 -27.99 14.76 -20.75
C THR C 141 -27.59 15.37 -22.09
N LYS C 142 -26.49 14.90 -22.64
CA LYS C 142 -26.11 15.31 -23.99
C LYS C 142 -25.39 14.18 -24.67
N PRO C 143 -25.32 14.22 -26.01
CA PRO C 143 -24.71 13.12 -26.74
C PRO C 143 -23.27 12.92 -26.32
N PHE C 144 -22.88 11.67 -26.13
CA PHE C 144 -21.52 11.33 -25.74
C PHE C 144 -20.63 11.39 -26.98
N PRO C 145 -19.44 11.99 -26.85
CA PRO C 145 -18.53 12.13 -28.00
C PRO C 145 -17.85 10.83 -28.38
N ASN C 146 -18.66 9.88 -28.83
CA ASN C 146 -18.16 8.66 -29.39
C ASN C 146 -17.62 8.97 -30.80
N PRO C 147 -16.65 8.18 -31.26
CA PRO C 147 -16.02 8.37 -32.55
C PRO C 147 -17.04 8.29 -33.68
N LEU C 148 -16.89 9.18 -34.65
CA LEU C 148 -17.71 9.17 -35.88
C LEU C 148 -19.17 9.35 -35.56
N THR C 149 -19.47 10.26 -34.66
CA THR C 149 -20.83 10.69 -34.37
C THR C 149 -20.78 12.18 -34.47
N PRO C 150 -21.94 12.84 -34.64
CA PRO C 150 -22.02 14.30 -34.58
C PRO C 150 -21.42 14.96 -33.31
N ALA C 151 -21.36 14.25 -32.19
CA ALA C 151 -20.79 14.79 -30.97
C ALA C 151 -19.29 14.79 -30.99
N SER C 152 -18.68 14.10 -31.95
CA SER C 152 -17.23 14.05 -32.05
C SER C 152 -16.89 14.68 -33.37
N ARG C 153 -16.02 15.66 -33.42
CA ARG C 153 -15.67 16.28 -34.71
C ARG C 153 -14.77 15.37 -35.52
N SER C 154 -13.90 14.62 -34.86
CA SER C 154 -12.95 13.84 -35.57
C SER C 154 -12.46 12.68 -34.76
N THR C 155 -11.96 11.70 -35.49
CA THR C 155 -11.43 10.51 -34.92
C THR C 155 -10.05 10.18 -35.52
N VAL C 156 -9.17 9.65 -34.72
CA VAL C 156 -7.89 9.20 -35.21
C VAL C 156 -7.70 7.76 -34.81
N ILE C 157 -7.27 6.94 -35.77
CA ILE C 157 -6.99 5.55 -35.52
C ILE C 157 -5.47 5.39 -35.63
N ASP C 158 -4.86 4.71 -34.67
CA ASP C 158 -3.43 4.51 -34.80
C ASP C 158 -3.18 3.06 -34.60
N LEU C 159 -2.69 2.37 -35.63
CA LEU C 159 -2.47 0.92 -35.56
C LEU C 159 -1.13 0.58 -36.19
N GLU C 160 -0.37 -0.28 -35.53
CA GLU C 160 0.97 -0.66 -36.02
C GLU C 160 1.76 0.52 -36.61
N GLY C 161 1.68 1.64 -35.91
CA GLY C 161 2.46 2.80 -36.22
C GLY C 161 1.97 3.63 -37.35
N GLN C 162 0.78 3.31 -37.87
CA GLN C 162 0.15 4.07 -38.96
C GLN C 162 -1.07 4.77 -38.46
N THR C 163 -1.14 6.06 -38.75
CA THR C 163 -2.19 6.93 -38.22
C THR C 163 -3.14 7.37 -39.29
N TYR C 164 -4.45 7.32 -39.04
CA TYR C 164 -5.51 7.70 -40.01
C TYR C 164 -6.38 8.68 -39.34
N TYR C 165 -6.67 9.78 -40.03
CA TYR C 165 -7.59 10.80 -39.54
C TYR C 165 -8.89 10.74 -40.28
N ALA C 166 -10.01 10.93 -39.59
CA ALA C 166 -11.32 10.89 -40.21
C ALA C 166 -12.24 11.90 -39.58
N GLU C 167 -13.02 12.61 -40.38
CA GLU C 167 -14.17 13.35 -39.87
C GLU C 167 -15.50 12.70 -40.25
N LYS C 168 -15.44 11.66 -41.07
CA LYS C 168 -16.59 10.77 -41.34
C LYS C 168 -16.04 9.41 -41.70
N ALA C 169 -16.85 8.38 -41.56
CA ALA C 169 -16.39 7.04 -41.81
C ALA C 169 -15.72 6.87 -43.18
N ALA C 170 -16.25 7.56 -44.20
CA ALA C 170 -15.74 7.39 -45.57
C ALA C 170 -14.29 7.85 -45.69
N ASP C 171 -13.86 8.75 -44.81
CA ASP C 171 -12.46 9.18 -44.82
C ASP C 171 -11.46 8.07 -44.48
N LEU C 172 -11.93 6.94 -43.95
CA LEU C 172 -11.02 5.85 -43.55
C LEU C 172 -10.68 4.92 -44.70
N PRO C 173 -9.49 4.31 -44.65
CA PRO C 173 -9.18 3.30 -45.65
C PRO C 173 -10.26 2.24 -45.78
N ALA C 174 -10.25 1.62 -46.95
CA ALA C 174 -11.29 0.68 -47.36
C ALA C 174 -11.47 -0.44 -46.36
N LEU C 175 -10.37 -0.89 -45.76
CA LEU C 175 -10.42 -1.99 -44.80
C LEU C 175 -11.48 -1.76 -43.75
N PHE C 176 -11.67 -0.51 -43.32
CA PHE C 176 -12.64 -0.25 -42.25
C PHE C 176 -14.10 -0.46 -42.63
N GLN C 177 -14.46 -0.10 -43.86
CA GLN C 177 -15.81 -0.35 -44.36
C GLN C 177 -16.00 -1.84 -44.60
N GLU C 178 -14.93 -2.52 -44.96
CA GLU C 178 -15.01 -3.99 -45.14
C GLU C 178 -15.31 -4.73 -43.83
N VAL C 179 -14.66 -4.29 -42.74
CA VAL C 179 -14.91 -4.82 -41.39
C VAL C 179 -16.37 -4.57 -40.98
N THR C 180 -16.82 -3.33 -41.08
CA THR C 180 -18.24 -3.05 -40.84
C THR C 180 -19.22 -3.88 -41.62
N ASP C 181 -19.00 -3.98 -42.92
CA ASP C 181 -19.91 -4.78 -43.74
C ASP C 181 -19.86 -6.18 -43.30
N ALA C 182 -18.69 -6.68 -42.92
CA ALA C 182 -18.63 -8.11 -42.56
C ALA C 182 -19.30 -8.39 -41.24
N TRP C 183 -19.21 -7.44 -40.33
CA TRP C 183 -19.89 -7.52 -39.02
C TRP C 183 -21.41 -7.45 -39.20
N ALA C 184 -21.89 -6.44 -39.93
CA ALA C 184 -23.35 -6.40 -40.26
C ALA C 184 -23.84 -7.72 -40.85
N ASP C 185 -23.12 -8.20 -41.84
CA ASP C 185 -23.47 -9.47 -42.46
C ASP C 185 -23.37 -10.67 -41.55
N ALA C 186 -22.37 -10.73 -40.67
CA ALA C 186 -22.28 -11.88 -39.75
C ALA C 186 -23.43 -11.85 -38.75
N LEU C 187 -23.82 -10.68 -38.31
CA LEU C 187 -24.94 -10.58 -37.39
C LEU C 187 -26.30 -10.96 -38.08
N GLU C 188 -26.53 -10.52 -39.32
CA GLU C 188 -27.76 -10.83 -40.03
C GLU C 188 -27.80 -12.30 -40.36
N SER C 189 -26.67 -12.87 -40.78
CA SER C 189 -26.62 -14.31 -41.08
C SER C 189 -26.61 -15.27 -39.92
N GLY C 190 -25.98 -14.87 -38.82
CA GLY C 190 -25.82 -15.77 -37.70
C GLY C 190 -26.76 -15.53 -36.54
N ALA C 191 -27.48 -14.41 -36.54
CA ALA C 191 -28.42 -14.17 -35.45
C ALA C 191 -29.83 -13.71 -35.78
N ARG C 192 -30.17 -13.59 -37.06
CA ARG C 192 -31.44 -12.96 -37.47
C ARG C 192 -31.63 -11.65 -36.77
N PHE C 193 -30.57 -10.85 -36.84
CA PHE C 193 -30.52 -9.56 -36.24
C PHE C 193 -31.73 -8.68 -36.61
N GLY C 194 -31.99 -8.50 -37.89
CA GLY C 194 -33.07 -7.60 -38.36
C GLY C 194 -34.46 -8.00 -37.86
N ASP C 195 -34.75 -9.29 -37.92
CA ASP C 195 -35.97 -9.86 -37.40
C ASP C 195 -36.10 -9.65 -35.89
N ILE C 196 -35.00 -9.83 -35.13
CA ILE C 196 -35.06 -9.67 -33.68
C ILE C 196 -35.26 -8.22 -33.37
N GLN C 197 -34.61 -7.32 -34.09
CA GLN C 197 -34.75 -5.91 -33.79
C GLN C 197 -36.16 -5.43 -34.12
N GLN C 198 -36.76 -5.98 -35.18
CA GLN C 198 -38.14 -5.57 -35.53
C GLN C 198 -39.10 -5.96 -34.41
N ALA C 199 -38.94 -7.18 -33.93
CA ALA C 199 -39.69 -7.69 -32.82
C ALA C 199 -39.53 -6.90 -31.55
N ILE C 200 -38.34 -6.34 -31.29
CA ILE C 200 -38.11 -5.45 -30.18
C ILE C 200 -38.84 -4.11 -30.39
N ARG C 201 -38.67 -3.51 -31.56
CA ARG C 201 -39.42 -2.30 -31.91
C ARG C 201 -40.93 -2.43 -31.66
N ASP C 202 -41.53 -3.53 -32.05
CA ASP C 202 -42.97 -3.69 -31.95
C ASP C 202 -43.37 -4.33 -30.65
N ARG C 203 -42.40 -4.64 -29.80
CA ARG C 203 -42.64 -5.36 -28.57
C ARG C 203 -43.52 -6.59 -28.82
N ASP C 204 -43.21 -7.30 -29.89
CA ASP C 204 -43.87 -8.53 -30.25
C ASP C 204 -43.19 -9.67 -29.46
N VAL C 205 -43.77 -9.98 -28.31
CA VAL C 205 -43.17 -10.84 -27.34
C VAL C 205 -43.09 -12.28 -27.81
N PRO C 206 -44.17 -12.80 -28.41
CA PRO C 206 -44.06 -14.18 -28.85
C PRO C 206 -43.03 -14.39 -29.97
N ARG C 207 -42.90 -13.43 -30.87
CA ARG C 207 -41.96 -13.53 -31.93
C ARG C 207 -40.51 -13.41 -31.39
N LEU C 208 -40.28 -12.43 -30.50
CA LEU C 208 -38.98 -12.15 -29.92
C LEU C 208 -38.46 -13.37 -29.19
N LYS C 209 -39.31 -13.96 -28.40
CA LYS C 209 -38.92 -15.18 -27.64
C LYS C 209 -38.59 -16.39 -28.51
N GLU C 210 -39.33 -16.50 -29.61
CA GLU C 210 -39.16 -17.59 -30.51
C GLU C 210 -37.78 -17.47 -31.16
N LEU C 211 -37.48 -16.29 -31.68
CA LEU C 211 -36.21 -16.03 -32.29
C LEU C 211 -35.07 -16.22 -31.24
N TRP C 212 -35.24 -15.54 -30.12
CA TRP C 212 -34.20 -15.53 -29.09
C TRP C 212 -33.97 -16.91 -28.53
N ASN C 213 -35.07 -17.61 -28.28
CA ASN C 213 -34.92 -18.93 -27.72
C ASN C 213 -34.29 -19.93 -28.64
N THR C 214 -34.32 -19.65 -29.94
CA THR C 214 -33.57 -20.46 -30.88
C THR C 214 -32.07 -20.30 -30.65
N LEU C 215 -31.64 -19.06 -30.41
CA LEU C 215 -30.21 -18.69 -30.31
C LEU C 215 -29.55 -19.18 -29.05
N VAL C 216 -30.30 -19.23 -27.96
CA VAL C 216 -29.77 -19.55 -26.62
C VAL C 216 -28.96 -20.83 -26.54
N PRO C 217 -29.54 -21.97 -26.91
CA PRO C 217 -28.68 -23.18 -26.84
C PRO C 217 -27.61 -23.27 -27.89
N LEU C 218 -27.73 -22.52 -28.99
CA LEU C 218 -26.72 -22.49 -30.04
C LEU C 218 -25.51 -21.62 -29.73
N TRP C 219 -25.66 -20.58 -28.92
CA TRP C 219 -24.57 -19.63 -28.70
C TRP C 219 -24.07 -19.46 -27.26
N ASP C 220 -24.76 -20.07 -26.30
CA ASP C 220 -24.36 -20.01 -24.89
C ASP C 220 -22.92 -20.41 -24.80
N ASP C 221 -22.60 -21.56 -25.38
CA ASP C 221 -21.34 -22.22 -25.20
C ASP C 221 -20.26 -21.75 -26.14
N ARG C 222 -20.54 -20.68 -26.90
CA ARG C 222 -19.57 -20.23 -27.87
C ARG C 222 -19.16 -18.75 -27.61
N THR C 223 -17.89 -18.44 -27.90
CA THR C 223 -17.38 -17.12 -27.70
C THR C 223 -17.72 -16.21 -28.87
N PHE C 224 -17.65 -14.93 -28.58
CA PHE C 224 -17.72 -13.90 -29.53
C PHE C 224 -16.64 -14.08 -30.60
N TYR C 225 -15.39 -14.36 -30.19
CA TYR C 225 -14.40 -14.52 -31.24
C TYR C 225 -14.76 -15.68 -32.18
N ASP C 226 -15.19 -16.80 -31.63
CA ASP C 226 -15.65 -17.91 -32.45
C ASP C 226 -16.79 -17.44 -33.42
N PHE C 227 -17.76 -16.68 -32.93
CA PHE C 227 -18.77 -16.15 -33.80
C PHE C 227 -18.14 -15.35 -34.93
N VAL C 228 -17.13 -14.56 -34.60
CA VAL C 228 -16.50 -13.69 -35.61
C VAL C 228 -15.69 -14.53 -36.64
N ALA C 229 -14.81 -15.38 -36.14
CA ALA C 229 -13.95 -16.16 -36.97
C ALA C 229 -14.71 -17.09 -37.92
N THR C 230 -15.71 -17.77 -37.38
CA THR C 230 -16.49 -18.74 -38.14
C THR C 230 -17.64 -18.13 -38.88
N SER C 231 -17.78 -16.82 -38.89
CA SER C 231 -18.78 -16.19 -39.77
C SER C 231 -18.25 -16.22 -41.19
N LYS C 232 -19.14 -16.38 -42.17
CA LYS C 232 -18.75 -16.39 -43.58
C LYS C 232 -18.02 -15.08 -43.92
N ALA C 233 -18.59 -13.96 -43.49
CA ALA C 233 -18.08 -12.69 -43.93
C ALA C 233 -16.62 -12.50 -43.50
N PHE C 234 -16.27 -12.98 -42.31
CA PHE C 234 -14.92 -12.76 -41.76
C PHE C 234 -13.99 -13.89 -42.18
N ALA C 235 -14.49 -15.12 -42.37
CA ALA C 235 -13.66 -16.22 -42.78
C ALA C 235 -13.04 -15.95 -44.15
N LYS C 236 -13.70 -15.17 -44.98
CA LYS C 236 -13.20 -14.91 -46.29
C LYS C 236 -12.33 -13.65 -46.31
N LEU C 237 -12.19 -12.99 -45.17
CA LEU C 237 -11.30 -11.85 -45.08
C LEU C 237 -9.98 -12.24 -44.39
N SER C 238 -9.02 -11.36 -44.51
CA SER C 238 -7.66 -11.64 -43.97
C SER C 238 -7.74 -11.66 -42.43
N PHE C 239 -6.77 -12.31 -41.80
CA PHE C 239 -6.67 -12.26 -40.35
C PHE C 239 -6.64 -10.83 -39.83
N GLN C 240 -5.95 -9.97 -40.51
CA GLN C 240 -5.90 -8.58 -40.13
C GLN C 240 -7.25 -7.84 -40.05
N HIS C 241 -8.25 -8.23 -40.87
CA HIS C 241 -9.59 -7.62 -40.74
C HIS C 241 -10.13 -7.92 -39.34
N ARG C 242 -10.10 -9.19 -38.93
CA ARG C 242 -10.53 -9.69 -37.61
C ARG C 242 -9.81 -8.90 -36.49
N GLU C 243 -8.50 -8.80 -36.66
CA GLU C 243 -7.60 -8.16 -35.72
C GLU C 243 -7.89 -6.70 -35.53
N VAL C 244 -8.14 -6.01 -36.63
CA VAL C 244 -8.48 -4.60 -36.60
C VAL C 244 -9.87 -4.45 -35.99
N PHE C 245 -10.77 -5.39 -36.28
CA PHE C 245 -12.10 -5.40 -35.62
C PHE C 245 -11.93 -5.42 -34.08
N GLY C 246 -11.04 -6.28 -33.62
CA GLY C 246 -10.72 -6.32 -32.19
C GLY C 246 -10.19 -5.02 -31.61
N GLN C 247 -9.33 -4.37 -32.34
CA GLN C 247 -8.60 -3.24 -31.80
C GLN C 247 -9.46 -1.99 -31.81
N VAL C 248 -10.18 -1.77 -32.88
CA VAL C 248 -10.93 -0.53 -33.03
C VAL C 248 -12.30 -0.71 -33.62
N GLY C 249 -12.74 -1.95 -33.80
CA GLY C 249 -13.94 -2.23 -34.57
C GLY C 249 -13.81 -1.73 -36.01
N PHE C 250 -14.90 -1.12 -36.48
CA PHE C 250 -14.89 -0.50 -37.79
C PHE C 250 -14.63 1.00 -37.67
N GLY C 251 -13.94 1.37 -36.62
CA GLY C 251 -13.60 2.75 -36.40
C GLY C 251 -14.50 3.44 -35.39
N THR C 252 -15.35 2.69 -34.71
CA THR C 252 -16.15 3.29 -33.62
C THR C 252 -15.92 2.64 -32.26
N GLY C 253 -15.00 1.68 -32.17
CA GLY C 253 -14.78 1.00 -30.88
C GLY C 253 -14.30 -0.43 -31.02
N GLY C 254 -13.42 -0.85 -30.12
CA GLY C 254 -12.81 -2.17 -30.16
C GLY C 254 -13.69 -3.21 -29.52
N TRP C 255 -13.43 -4.44 -29.80
CA TRP C 255 -14.24 -5.48 -29.26
C TRP C 255 -13.37 -6.50 -28.55
N ASP C 256 -12.03 -6.38 -28.59
CA ASP C 256 -11.17 -7.53 -28.25
C ASP C 256 -11.28 -7.96 -26.80
N SER C 257 -11.53 -7.03 -25.90
CA SER C 257 -11.74 -7.43 -24.52
C SER C 257 -12.97 -8.32 -24.30
N ASP C 258 -14.00 -8.19 -25.15
CA ASP C 258 -15.20 -8.99 -25.07
C ASP C 258 -15.15 -10.28 -25.88
N PHE C 259 -14.11 -10.48 -26.68
CA PHE C 259 -13.96 -11.68 -27.50
C PHE C 259 -14.16 -13.00 -26.75
N PRO C 260 -13.63 -13.12 -25.49
CA PRO C 260 -13.84 -14.34 -24.71
C PRO C 260 -15.27 -14.54 -24.16
N ASN C 261 -16.11 -13.53 -24.19
CA ASN C 261 -17.42 -13.66 -23.61
C ASN C 261 -18.36 -14.54 -24.43
N SER C 262 -19.38 -15.09 -23.79
CA SER C 262 -20.46 -15.80 -24.51
C SER C 262 -21.05 -14.87 -25.53
N MET C 263 -21.17 -15.36 -26.75
CA MET C 263 -21.75 -14.53 -27.81
C MET C 263 -23.17 -14.07 -27.46
N LEU C 264 -23.88 -14.84 -26.63
CA LEU C 264 -25.24 -14.41 -26.18
C LEU C 264 -25.19 -13.03 -25.57
N GLU C 265 -24.09 -12.69 -24.88
CA GLU C 265 -23.94 -11.36 -24.24
C GLU C 265 -23.82 -10.28 -25.29
N ILE C 266 -23.01 -10.56 -26.30
CA ILE C 266 -22.80 -9.59 -27.34
C ILE C 266 -24.12 -9.43 -28.13
N PHE C 267 -24.83 -10.52 -28.38
CA PHE C 267 -26.08 -10.39 -29.15
C PHE C 267 -26.96 -9.35 -28.43
N ARG C 268 -27.07 -9.51 -27.10
CA ARG C 268 -27.98 -8.67 -26.27
C ARG C 268 -27.63 -7.21 -26.42
N VAL C 269 -26.33 -6.94 -26.37
CA VAL C 269 -25.82 -5.60 -26.53
C VAL C 269 -26.19 -4.94 -27.87
N VAL C 270 -25.92 -5.64 -28.98
CA VAL C 270 -26.15 -5.00 -30.28
C VAL C 270 -27.65 -5.02 -30.58
N MET C 271 -28.34 -6.11 -30.24
CA MET C 271 -29.78 -6.20 -30.55
C MET C 271 -30.60 -5.10 -29.89
N THR C 272 -30.21 -4.63 -28.71
CA THR C 272 -30.93 -3.63 -27.96
C THR C 272 -30.29 -2.26 -28.05
N ASN C 273 -29.35 -2.11 -29.00
CA ASN C 273 -28.64 -0.84 -29.26
C ASN C 273 -27.93 -0.26 -28.04
N CYS C 274 -27.40 -1.12 -27.19
CA CYS C 274 -26.60 -0.62 -26.09
C CYS C 274 -25.40 0.13 -26.66
N ASP C 275 -24.93 -0.31 -27.85
CA ASP C 275 -23.71 0.23 -28.45
C ASP C 275 -23.91 1.44 -29.37
N ASP C 276 -25.06 2.10 -29.37
CA ASP C 276 -25.15 3.40 -30.08
C ASP C 276 -26.12 4.38 -29.42
N HIS C 277 -26.16 5.61 -29.94
CA HIS C 277 -26.96 6.70 -29.39
C HIS C 277 -26.87 6.71 -27.85
N GLN C 278 -25.69 7.10 -27.37
CA GLN C 278 -25.42 7.21 -25.96
C GLN C 278 -25.34 8.70 -25.53
N HIS C 279 -25.87 8.97 -24.35
CA HIS C 279 -25.73 10.28 -23.72
C HIS C 279 -24.95 10.17 -22.40
N LEU C 280 -24.26 11.26 -22.05
CA LEU C 280 -23.67 11.46 -20.72
C LEU C 280 -24.65 12.31 -19.96
N VAL C 281 -24.59 12.24 -18.64
CA VAL C 281 -25.38 13.09 -17.74
C VAL C 281 -24.52 14.29 -17.42
N VAL C 282 -25.05 15.49 -17.66
CA VAL C 282 -24.28 16.72 -17.47
C VAL C 282 -24.16 16.97 -15.99
N GLY C 283 -22.94 17.19 -15.54
CA GLY C 283 -22.61 17.33 -14.13
C GLY C 283 -22.29 16.01 -13.46
N GLY C 284 -22.47 14.89 -14.17
CA GLY C 284 -22.05 13.59 -13.71
C GLY C 284 -23.26 12.71 -13.42
N VAL C 285 -23.14 11.44 -13.82
CA VAL C 285 -24.18 10.44 -13.57
C VAL C 285 -24.34 10.11 -12.08
N GLU C 286 -23.33 10.37 -11.26
CA GLU C 286 -23.48 10.19 -9.81
C GLU C 286 -24.70 10.98 -9.28
N GLN C 287 -25.10 12.04 -9.99
CA GLN C 287 -26.33 12.78 -9.59
C GLN C 287 -27.59 11.90 -9.63
N VAL C 288 -27.53 10.78 -10.35
CA VAL C 288 -28.69 9.89 -10.33
C VAL C 288 -28.87 9.18 -8.98
N PRO C 289 -27.85 8.45 -8.50
CA PRO C 289 -28.04 7.83 -7.17
C PRO C 289 -28.22 8.87 -6.05
N GLN C 290 -27.43 9.94 -6.08
CA GLN C 290 -27.51 11.01 -5.09
C GLN C 290 -28.89 11.67 -5.11
N GLY C 291 -29.46 11.86 -6.29
CA GLY C 291 -30.81 12.48 -6.40
C GLY C 291 -31.91 11.56 -5.96
N ILE C 292 -31.80 10.27 -6.29
CA ILE C 292 -32.78 9.30 -5.80
C ILE C 292 -32.80 9.28 -4.28
N TRP C 293 -31.61 9.32 -3.65
CA TRP C 293 -31.48 9.37 -2.20
C TRP C 293 -32.26 10.50 -1.56
N ARG C 294 -32.24 11.66 -2.19
CA ARG C 294 -32.88 12.86 -1.67
C ARG C 294 -34.25 13.13 -2.25
N HIS C 295 -34.71 12.36 -3.23
CA HIS C 295 -35.96 12.73 -3.92
C HIS C 295 -37.24 12.43 -3.10
N VAL C 296 -38.13 13.43 -3.03
CA VAL C 296 -39.40 13.33 -2.30
C VAL C 296 -40.51 12.97 -3.27
N PRO C 297 -41.03 11.75 -3.23
CA PRO C 297 -42.15 11.39 -4.11
C PRO C 297 -43.39 12.21 -3.78
N GLU C 298 -44.22 12.48 -4.79
CA GLU C 298 -45.52 13.15 -4.59
C GLU C 298 -46.31 12.38 -3.57
N ARG C 299 -46.41 11.07 -3.79
CA ARG C 299 -47.21 10.20 -2.96
C ARG C 299 -46.46 8.93 -2.56
N CYS C 300 -46.26 8.73 -1.25
CA CYS C 300 -45.90 7.39 -0.72
C CYS C 300 -47.13 6.86 0.01
N ALA C 301 -47.32 5.54 -0.06
CA ALA C 301 -48.14 4.83 0.92
C ALA C 301 -47.48 5.03 2.29
N HIS C 302 -48.31 5.18 3.32
CA HIS C 302 -47.87 5.28 4.71
C HIS C 302 -47.04 6.52 5.17
N TRP C 303 -45.96 6.85 4.48
CA TRP C 303 -45.09 7.92 4.95
C TRP C 303 -45.74 9.30 4.82
N PRO C 304 -45.37 10.24 5.70
CA PRO C 304 -45.85 11.63 5.52
C PRO C 304 -45.20 12.33 4.35
N GLU C 305 -45.86 13.37 3.83
CA GLU C 305 -45.25 14.26 2.85
C GLU C 305 -43.87 14.69 3.32
N GLY C 306 -42.97 14.87 2.36
CA GLY C 306 -41.60 15.35 2.63
C GLY C 306 -40.64 14.22 2.92
N THR C 307 -41.14 12.99 2.88
CA THR C 307 -40.30 11.84 3.18
C THR C 307 -39.43 11.47 1.94
N SER C 308 -38.14 11.31 2.18
CA SER C 308 -37.25 10.77 1.16
C SER C 308 -36.47 9.66 1.82
N LEU C 309 -35.71 8.91 1.01
CA LEU C 309 -34.83 7.92 1.56
C LEU C 309 -33.92 8.56 2.61
N SER C 310 -33.35 9.71 2.26
CA SER C 310 -32.48 10.44 3.15
C SER C 310 -33.14 10.71 4.52
N SER C 311 -34.31 11.32 4.50
CA SER C 311 -34.97 11.68 5.73
C SER C 311 -35.24 10.43 6.54
N LEU C 312 -35.73 9.37 5.90
CA LEU C 312 -35.96 8.09 6.61
C LEU C 312 -34.74 7.51 7.27
N HIS C 313 -33.56 7.77 6.73
CA HIS C 313 -32.33 7.32 7.33
C HIS C 313 -31.68 8.34 8.22
N GLY C 314 -32.23 9.54 8.31
CA GLY C 314 -31.54 10.58 9.05
C GLY C 314 -30.28 11.08 8.37
N GLY C 315 -30.18 10.90 7.06
CA GLY C 315 -29.13 11.54 6.29
C GLY C 315 -28.20 10.62 5.53
N ALA C 316 -28.02 9.41 6.04
CA ALA C 316 -26.99 8.56 5.49
C ALA C 316 -27.33 7.10 5.61
N PRO C 317 -26.89 6.31 4.64
CA PRO C 317 -27.06 4.88 4.85
C PRO C 317 -26.24 4.41 6.05
N ARG C 318 -26.54 3.20 6.49
CA ARG C 318 -25.72 2.56 7.49
C ARG C 318 -24.39 2.13 6.90
N THR C 319 -23.46 1.75 7.76
CA THR C 319 -22.12 1.42 7.29
C THR C 319 -22.10 0.07 6.54
N GLY C 320 -20.91 -0.40 6.19
CA GLY C 320 -20.78 -1.70 5.56
C GLY C 320 -21.32 -2.90 6.36
N VAL C 321 -21.76 -3.94 5.65
CA VAL C 321 -22.28 -5.16 6.24
C VAL C 321 -21.16 -6.17 6.31
N LYS C 322 -21.07 -6.87 7.46
CA LYS C 322 -20.03 -7.85 7.72
C LYS C 322 -20.63 -9.27 7.73
N ARG C 323 -21.93 -9.40 7.99
CA ARG C 323 -22.53 -10.71 8.18
C ARG C 323 -24.03 -10.67 7.90
N ILE C 324 -24.54 -11.74 7.29
CA ILE C 324 -25.97 -11.96 7.13
C ILE C 324 -26.20 -13.40 7.54
N ALA C 325 -27.14 -13.64 8.47
CA ALA C 325 -27.49 -14.98 8.92
C ALA C 325 -28.98 -15.08 9.33
N ARG C 326 -29.54 -16.29 9.31
CA ARG C 326 -30.90 -16.53 9.77
C ARG C 326 -30.90 -16.41 11.29
N ALA C 327 -31.71 -15.52 11.83
CA ALA C 327 -31.81 -15.39 13.28
C ALA C 327 -32.80 -16.39 13.89
N SER C 328 -32.81 -16.52 15.20
CA SER C 328 -33.65 -17.53 15.83
C SER C 328 -35.10 -17.12 15.90
N ASP C 329 -35.45 -15.84 15.62
CA ASP C 329 -36.86 -15.41 15.47
C ASP C 329 -37.34 -15.63 14.03
N GLY C 330 -36.52 -16.27 13.19
CA GLY C 330 -36.89 -16.53 11.76
C GLY C 330 -36.47 -15.46 10.79
N ARG C 331 -36.22 -14.25 11.26
CA ARG C 331 -35.86 -13.19 10.41
C ARG C 331 -34.35 -13.28 10.01
N LEU C 332 -33.88 -12.29 9.25
CA LEU C 332 -32.50 -12.26 8.85
C LEU C 332 -31.78 -11.20 9.67
N ALA C 333 -30.68 -11.66 10.28
CA ALA C 333 -29.82 -10.81 11.04
C ALA C 333 -28.69 -10.20 10.15
N VAL C 334 -28.67 -8.88 10.07
CA VAL C 334 -27.62 -8.17 9.38
C VAL C 334 -26.72 -7.45 10.36
N THR C 335 -25.45 -7.88 10.41
CA THR C 335 -24.45 -7.30 11.29
C THR C 335 -23.52 -6.40 10.50
N ASP C 336 -23.40 -5.16 10.95
CA ASP C 336 -22.52 -4.17 10.34
C ASP C 336 -21.03 -4.23 10.82
N ASN C 337 -20.20 -3.37 10.26
CA ASN C 337 -18.75 -3.37 10.54
C ASN C 337 -18.44 -3.16 11.97
N TRP C 338 -19.32 -2.47 12.67
CA TRP C 338 -19.11 -2.18 14.07
C TRP C 338 -19.76 -3.20 15.03
N GLY C 339 -20.19 -4.36 14.54
CA GLY C 339 -20.83 -5.38 15.37
C GLY C 339 -22.31 -5.15 15.67
N ASP C 340 -22.90 -4.07 15.16
CA ASP C 340 -24.35 -3.79 15.39
C ASP C 340 -25.22 -4.74 14.52
N CYS C 341 -26.12 -5.46 15.18
CA CYS C 341 -26.90 -6.47 14.56
C CYS C 341 -28.41 -6.09 14.58
N ARG C 342 -29.06 -6.09 13.42
CA ARG C 342 -30.49 -5.76 13.29
C ARG C 342 -31.17 -6.78 12.45
N HIS C 343 -32.49 -6.96 12.67
CA HIS C 343 -33.23 -8.09 12.12
C HIS C 343 -34.25 -7.61 11.09
N TYR C 344 -34.40 -8.34 9.99
CA TYR C 344 -35.28 -7.91 8.94
C TYR C 344 -36.04 -9.09 8.39
N ALA C 345 -37.28 -8.84 7.93
CA ALA C 345 -38.07 -9.86 7.25
C ALA C 345 -37.47 -10.17 5.89
N ALA C 346 -36.75 -9.21 5.31
CA ALA C 346 -36.18 -9.33 3.98
C ALA C 346 -34.90 -8.57 3.86
N VAL C 347 -34.02 -9.09 3.01
CA VAL C 347 -32.72 -8.48 2.74
C VAL C 347 -32.47 -8.59 1.25
N LEU C 348 -32.17 -7.44 0.64
CA LEU C 348 -31.66 -7.35 -0.70
C LEU C 348 -30.17 -7.10 -0.75
N THR C 349 -29.41 -7.93 -1.44
CA THR C 349 -27.98 -7.59 -1.63
C THR C 349 -27.77 -7.21 -3.04
N THR C 350 -27.09 -6.10 -3.24
CA THR C 350 -26.69 -5.64 -4.56
C THR C 350 -25.15 -5.57 -4.81
N CYS C 351 -24.33 -5.97 -3.84
CA CYS C 351 -22.89 -5.99 -4.08
C CYS C 351 -22.56 -7.00 -5.16
N GLN C 352 -21.37 -6.86 -5.76
CA GLN C 352 -20.97 -7.88 -6.74
C GLN C 352 -20.83 -9.29 -6.08
N SER C 353 -21.15 -10.33 -6.85
CA SER C 353 -21.53 -11.61 -6.31
C SER C 353 -20.45 -12.28 -5.45
N TRP C 354 -19.18 -12.03 -5.75
CA TRP C 354 -18.08 -12.67 -4.99
C TRP C 354 -18.02 -12.18 -3.57
N LEU C 355 -18.53 -10.96 -3.37
CA LEU C 355 -18.49 -10.33 -2.07
C LEU C 355 -19.34 -11.03 -1.01
N LEU C 356 -20.29 -11.87 -1.42
CA LEU C 356 -21.06 -12.66 -0.44
C LEU C 356 -20.19 -13.73 0.18
N THR C 357 -18.97 -13.91 -0.31
CA THR C 357 -18.04 -14.87 0.34
C THR C 357 -16.81 -14.12 0.91
N THR C 358 -16.39 -13.13 0.19
CA THR C 358 -15.13 -12.48 0.36
C THR C 358 -15.25 -11.33 1.41
N GLN C 359 -16.35 -10.61 1.38
CA GLN C 359 -16.47 -9.40 2.19
C GLN C 359 -17.60 -9.58 3.22
N ILE C 360 -18.64 -10.39 2.93
CA ILE C 360 -19.70 -10.64 3.90
C ILE C 360 -19.65 -12.09 4.32
N ASP C 361 -19.78 -12.38 5.61
CA ASP C 361 -19.95 -13.75 6.06
C ASP C 361 -21.47 -14.01 5.88
N CYS C 362 -21.85 -14.58 4.75
CA CYS C 362 -23.26 -14.81 4.37
C CYS C 362 -23.52 -16.28 4.56
N GLU C 363 -24.29 -16.61 5.58
CA GLU C 363 -24.56 -17.99 5.99
C GLU C 363 -24.93 -18.87 4.78
N GLU C 364 -24.20 -19.97 4.64
CA GLU C 364 -24.23 -20.77 3.46
C GLU C 364 -25.67 -21.29 3.11
N SER C 365 -26.48 -21.59 4.13
CA SER C 365 -27.80 -22.19 3.92
C SER C 365 -28.83 -21.19 3.42
N LEU C 366 -28.45 -19.89 3.40
CA LEU C 366 -29.33 -18.88 2.82
C LEU C 366 -29.49 -18.92 1.28
N PHE C 367 -28.56 -19.56 0.59
CA PHE C 367 -28.66 -19.80 -0.87
C PHE C 367 -28.54 -21.30 -1.14
N SER C 368 -29.19 -21.82 -2.16
CA SER C 368 -29.01 -23.24 -2.52
C SER C 368 -27.56 -23.39 -3.02
N GLN C 369 -27.12 -24.62 -3.09
CA GLN C 369 -25.79 -24.86 -3.63
C GLN C 369 -25.70 -24.52 -5.13
N LYS C 370 -26.81 -24.65 -5.85
CA LYS C 370 -26.89 -24.24 -7.24
C LYS C 370 -26.75 -22.72 -7.34
N MET C 371 -27.29 -22.00 -6.38
CA MET C 371 -27.18 -20.53 -6.41
C MET C 371 -25.73 -20.08 -6.03
N TRP C 372 -25.16 -20.71 -5.03
CA TRP C 372 -23.78 -20.44 -4.73
C TRP C 372 -22.88 -20.65 -5.94
N MET C 373 -23.07 -21.75 -6.66
CA MET C 373 -22.22 -22.02 -7.80
C MET C 373 -22.33 -20.91 -8.85
N ALA C 374 -23.53 -20.35 -9.04
CA ALA C 374 -23.72 -19.29 -9.98
C ALA C 374 -23.04 -18.02 -9.53
N LEU C 375 -23.21 -17.72 -8.24
CA LEU C 375 -22.64 -16.51 -7.66
C LEU C 375 -21.10 -16.59 -7.65
N ASP C 376 -20.62 -17.78 -7.43
CA ASP C 376 -19.18 -17.95 -7.25
C ASP C 376 -18.37 -18.08 -8.55
N ARG C 377 -19.00 -18.61 -9.61
CA ARG C 377 -18.33 -18.91 -10.88
C ARG C 377 -18.36 -17.70 -11.79
N THR C 378 -19.14 -16.71 -11.41
CA THR C 378 -19.32 -15.53 -12.17
C THR C 378 -17.98 -14.84 -12.25
N ARG C 379 -17.64 -14.36 -13.46
CA ARG C 379 -16.36 -13.73 -13.79
C ARG C 379 -16.53 -12.19 -13.91
N TYR C 380 -15.53 -11.45 -13.46
CA TYR C 380 -15.54 -10.00 -13.53
C TYR C 380 -14.46 -9.48 -14.43
N MET C 381 -14.78 -8.44 -15.14
CA MET C 381 -13.84 -7.83 -16.04
C MET C 381 -13.15 -6.64 -15.39
N GLN C 382 -11.88 -6.47 -15.75
CA GLN C 382 -11.03 -5.44 -15.21
C GLN C 382 -11.15 -4.23 -16.07
N SER C 383 -11.03 -3.06 -15.47
CA SER C 383 -11.07 -1.80 -16.20
C SER C 383 -10.31 -0.69 -15.47
N SER C 384 -9.64 0.16 -16.26
CA SER C 384 -8.97 1.37 -15.77
C SER C 384 -9.29 2.54 -16.64
N LYS C 385 -9.36 3.71 -16.01
CA LYS C 385 -9.53 4.99 -16.67
C LYS C 385 -8.64 6.00 -16.00
N THR C 386 -8.04 6.91 -16.78
CA THR C 386 -7.12 7.92 -16.26
C THR C 386 -7.48 9.18 -16.96
N PHE C 387 -7.81 10.22 -16.20
CA PHE C 387 -8.38 11.47 -16.73
C PHE C 387 -7.45 12.61 -16.32
N VAL C 388 -7.38 13.65 -17.15
CA VAL C 388 -6.85 14.96 -16.78
C VAL C 388 -7.82 16.03 -17.25
N MET C 389 -7.69 17.18 -16.65
CA MET C 389 -8.43 18.36 -17.06
C MET C 389 -7.44 19.24 -17.81
N VAL C 390 -8.00 20.01 -18.71
CA VAL C 390 -7.24 20.95 -19.52
C VAL C 390 -7.96 22.28 -19.53
N ASP C 391 -7.17 23.31 -19.74
CA ASP C 391 -7.63 24.67 -19.62
C ASP C 391 -8.75 25.01 -20.55
N ARG C 392 -8.76 24.43 -21.74
CA ARG C 392 -9.78 24.70 -22.74
C ARG C 392 -9.81 23.54 -23.75
N PRO C 393 -10.89 23.42 -24.53
CA PRO C 393 -10.98 22.35 -25.53
C PRO C 393 -10.02 22.60 -26.73
N PHE C 394 -8.72 22.60 -26.45
CA PHE C 394 -7.74 23.03 -27.42
C PHE C 394 -7.64 22.11 -28.62
N TRP C 395 -8.16 20.89 -28.47
CA TRP C 395 -8.16 19.91 -29.55
C TRP C 395 -8.94 20.34 -30.78
N LYS C 396 -9.93 21.24 -30.60
CA LYS C 396 -10.74 21.81 -31.70
C LYS C 396 -9.96 22.78 -32.61
N ASP C 397 -8.83 23.29 -32.11
CA ASP C 397 -7.95 24.11 -32.93
C ASP C 397 -7.44 23.29 -34.09
N LYS C 398 -7.29 23.98 -35.22
CA LYS C 398 -6.82 23.44 -36.48
C LYS C 398 -5.32 23.61 -36.66
N ASP C 399 -4.72 22.57 -37.24
CA ASP C 399 -3.34 22.59 -37.65
C ASP C 399 -3.42 23.19 -39.05
N PRO C 400 -3.05 24.50 -39.20
CA PRO C 400 -3.25 25.19 -40.49
C PRO C 400 -2.52 24.51 -41.66
N GLU C 401 -1.42 23.80 -41.38
CA GLU C 401 -0.76 22.97 -42.39
C GLU C 401 -1.62 21.81 -42.91
N THR C 402 -2.24 21.04 -42.02
CA THR C 402 -2.93 19.81 -42.43
C THR C 402 -4.46 19.91 -42.48
N GLY C 403 -5.05 20.95 -41.89
CA GLY C 403 -6.52 21.01 -41.75
C GLY C 403 -7.06 20.18 -40.56
N ARG C 404 -6.20 19.38 -39.92
CA ARG C 404 -6.65 18.46 -38.88
C ARG C 404 -6.76 19.15 -37.54
N ASP C 405 -7.74 18.72 -36.74
CA ASP C 405 -7.82 19.06 -35.31
C ASP C 405 -6.55 18.68 -34.65
N LEU C 406 -6.17 19.42 -33.60
CA LEU C 406 -4.93 19.14 -32.91
C LEU C 406 -4.98 17.80 -32.21
N MET C 407 -6.19 17.40 -31.85
CA MET C 407 -6.37 16.13 -31.19
C MET C 407 -7.75 15.58 -31.50
N SER C 408 -7.83 14.25 -31.55
CA SER C 408 -9.10 13.60 -31.84
C SER C 408 -9.49 12.51 -30.79
N MET C 409 -10.74 12.10 -30.83
CA MET C 409 -11.11 10.83 -30.23
C MET C 409 -10.07 9.83 -30.80
N THR C 410 -9.33 9.15 -29.94
CA THR C 410 -8.24 8.31 -30.38
C THR C 410 -8.41 6.83 -30.04
N LEU C 411 -8.34 6.01 -31.08
CA LEU C 411 -8.42 4.56 -30.95
C LEU C 411 -7.11 3.99 -31.45
N THR C 412 -6.46 3.20 -30.62
CA THR C 412 -5.12 2.74 -30.97
C THR C 412 -4.84 1.41 -30.38
N ASP C 413 -3.88 0.70 -30.96
CA ASP C 413 -3.33 -0.50 -30.35
C ASP C 413 -2.28 -0.20 -29.28
N ARG C 414 -1.91 1.05 -29.14
CA ARG C 414 -1.01 1.45 -28.11
C ARG C 414 -1.72 1.33 -26.76
N LEU C 415 -0.95 1.45 -25.69
CA LEU C 415 -1.44 1.12 -24.35
C LEU C 415 -2.62 1.95 -23.87
N THR C 416 -2.80 3.14 -24.38
CA THR C 416 -3.97 3.94 -23.98
C THR C 416 -5.30 3.35 -24.50
N ARG C 417 -5.25 2.72 -25.68
CA ARG C 417 -6.40 2.06 -26.34
C ARG C 417 -7.48 3.06 -26.82
N GLY C 418 -8.19 3.68 -25.88
CA GLY C 418 -9.23 4.68 -26.18
C GLY C 418 -9.00 5.98 -25.44
N THR C 419 -9.02 7.12 -26.14
CA THR C 419 -8.88 8.40 -25.51
C THR C 419 -10.09 9.19 -25.90
N TYR C 420 -10.78 9.81 -24.94
CA TYR C 420 -12.03 10.59 -25.19
C TYR C 420 -11.86 12.01 -24.77
N LEU C 421 -12.54 12.90 -25.47
CA LEU C 421 -12.39 14.30 -25.32
C LEU C 421 -13.76 14.85 -24.96
N PHE C 422 -13.82 15.58 -23.84
CA PHE C 422 -15.09 16.15 -23.34
C PHE C 422 -15.03 17.65 -23.34
N ASP C 423 -15.86 18.23 -24.19
CA ASP C 423 -15.93 19.66 -24.39
C ASP C 423 -17.04 20.21 -23.52
N ASN C 424 -16.69 21.10 -22.61
CA ASN C 424 -17.67 21.71 -21.72
C ASN C 424 -18.08 23.12 -22.13
N GLY C 425 -17.70 23.50 -23.35
CA GLY C 425 -17.95 24.84 -23.88
C GLY C 425 -16.63 25.55 -24.02
N ASP C 426 -16.56 26.46 -25.00
CA ASP C 426 -15.31 27.20 -25.33
C ASP C 426 -14.69 27.96 -24.16
N ASP C 427 -15.50 28.29 -23.15
CA ASP C 427 -15.06 29.07 -21.99
C ASP C 427 -14.97 28.25 -20.69
N LYS C 428 -15.01 26.93 -20.79
CA LYS C 428 -14.89 26.05 -19.61
C LYS C 428 -13.69 25.14 -19.82
N PRO C 429 -13.15 24.58 -18.73
CA PRO C 429 -12.08 23.61 -18.95
C PRO C 429 -12.61 22.39 -19.69
N GLY C 430 -11.70 21.66 -20.34
CA GLY C 430 -12.09 20.44 -21.01
C GLY C 430 -11.63 19.30 -20.16
N VAL C 431 -12.20 18.12 -20.38
CA VAL C 431 -11.70 16.92 -19.72
C VAL C 431 -11.25 15.93 -20.79
N ILE C 432 -10.22 15.17 -20.49
CA ILE C 432 -9.75 14.17 -21.43
C ILE C 432 -9.61 12.87 -20.64
N CYS C 433 -10.28 11.82 -21.08
CA CYS C 433 -10.00 10.52 -20.60
C CYS C 433 -8.82 10.05 -21.45
N LEU C 434 -7.64 10.11 -20.88
CA LEU C 434 -6.43 9.78 -21.62
C LEU C 434 -6.39 8.31 -22.04
N SER C 435 -6.99 7.44 -21.22
CA SER C 435 -7.02 6.03 -21.51
C SER C 435 -8.16 5.37 -20.81
N TYR C 436 -9.02 4.67 -21.58
CA TYR C 436 -10.07 3.83 -21.03
C TYR C 436 -9.72 2.45 -21.53
N ALA C 437 -9.43 1.52 -20.62
CA ALA C 437 -8.90 0.23 -21.02
C ALA C 437 -9.57 -0.85 -20.24
N TRP C 438 -9.60 -2.06 -20.82
CA TRP C 438 -10.26 -3.20 -20.29
C TRP C 438 -9.36 -4.40 -20.34
N MET C 439 -9.65 -5.36 -19.47
CA MET C 439 -8.98 -6.63 -19.46
C MET C 439 -7.44 -6.48 -19.46
N SER C 440 -6.74 -7.07 -20.42
CA SER C 440 -5.24 -7.11 -20.43
C SER C 440 -4.67 -5.71 -20.34
N ASP C 441 -5.29 -4.79 -21.06
CA ASP C 441 -4.73 -3.43 -21.14
C ASP C 441 -4.97 -2.66 -19.85
N ALA C 442 -6.02 -3.02 -19.09
CA ALA C 442 -6.23 -2.50 -17.78
C ALA C 442 -5.21 -3.14 -16.85
N LEU C 443 -4.98 -4.45 -16.97
CA LEU C 443 -4.06 -5.17 -16.08
C LEU C 443 -2.63 -4.72 -16.26
N LYS C 444 -2.30 -4.15 -17.42
CA LYS C 444 -1.04 -3.42 -17.63
C LYS C 444 -0.80 -2.32 -16.59
N MET C 445 -1.84 -1.59 -16.22
CA MET C 445 -1.73 -0.45 -15.28
C MET C 445 -1.89 -0.85 -13.79
N LEU C 446 -2.33 -2.07 -13.52
CA LEU C 446 -2.83 -2.40 -12.16
C LEU C 446 -1.95 -1.84 -11.06
N PRO C 447 -0.70 -2.36 -10.95
CA PRO C 447 0.12 -1.93 -9.82
C PRO C 447 0.69 -0.50 -9.91
N HIS C 448 0.46 0.25 -10.98
CA HIS C 448 1.10 1.58 -11.14
C HIS C 448 0.29 2.74 -10.60
N PRO C 449 0.95 3.69 -9.90
CA PRO C 449 0.29 4.89 -9.40
C PRO C 449 -0.07 5.85 -10.49
N VAL C 450 -0.85 6.87 -10.15
CA VAL C 450 -1.48 7.77 -11.13
C VAL C 450 -0.49 8.57 -12.01
N GLU C 451 0.68 8.86 -11.45
CA GLU C 451 1.68 9.73 -12.11
C GLU C 451 2.27 9.00 -13.31
N LYS C 452 2.59 7.74 -13.07
CA LYS C 452 3.11 6.85 -14.06
C LYS C 452 2.06 6.48 -15.11
N ARG C 453 0.81 6.30 -14.67
CA ARG C 453 -0.31 6.07 -15.61
C ARG C 453 -0.38 7.19 -16.64
N VAL C 454 -0.44 8.40 -16.12
CA VAL C 454 -0.56 9.59 -16.91
C VAL C 454 0.69 9.70 -17.84
N GLN C 455 1.86 9.45 -17.29
CA GLN C 455 3.07 9.64 -18.05
C GLN C 455 3.13 8.63 -19.21
N LEU C 456 2.81 7.37 -18.92
CA LEU C 456 2.71 6.36 -19.93
C LEU C 456 1.72 6.77 -21.04
N ALA C 457 0.59 7.36 -20.65
CA ALA C 457 -0.43 7.70 -21.61
C ALA C 457 0.05 8.88 -22.44
N LEU C 458 0.61 9.89 -21.79
CA LEU C 458 1.09 11.06 -22.55
C LEU C 458 2.18 10.66 -23.55
N ASP C 459 3.07 9.76 -23.15
CA ASP C 459 4.15 9.28 -24.02
C ASP C 459 3.64 8.46 -25.18
N ALA C 460 2.63 7.61 -24.96
CA ALA C 460 1.89 6.99 -26.11
C ALA C 460 1.25 8.03 -26.99
N LEU C 461 0.54 9.00 -26.41
CA LEU C 461 -0.13 10.01 -27.23
C LEU C 461 0.81 10.94 -27.95
N LYS C 462 2.01 11.14 -27.39
CA LYS C 462 3.04 11.87 -28.10
C LYS C 462 3.53 11.13 -29.37
N LYS C 463 3.52 9.80 -29.34
CA LYS C 463 3.85 9.02 -30.55
C LYS C 463 2.77 9.21 -31.62
N ILE C 464 1.52 9.33 -31.20
CA ILE C 464 0.41 9.52 -32.13
C ILE C 464 0.35 10.94 -32.64
N TYR C 465 0.50 11.91 -31.74
CA TYR C 465 0.40 13.31 -32.05
C TYR C 465 1.76 13.91 -31.64
N PRO C 466 2.79 13.75 -32.49
CA PRO C 466 4.09 14.35 -32.13
C PRO C 466 4.09 15.88 -32.06
N LYS C 467 3.14 16.54 -32.71
CA LYS C 467 3.13 17.99 -32.74
C LYS C 467 2.21 18.60 -31.73
N THR C 468 1.50 17.79 -30.94
CA THR C 468 0.53 18.35 -30.01
C THR C 468 1.06 18.35 -28.56
N ASP C 469 1.02 19.53 -27.96
CA ASP C 469 1.42 19.72 -26.58
C ASP C 469 0.19 19.58 -25.67
N ILE C 470 -0.05 18.35 -25.21
CA ILE C 470 -1.15 18.10 -24.33
C ILE C 470 -0.76 18.63 -22.97
N ALA C 471 0.41 18.18 -22.52
CA ALA C 471 0.91 18.50 -21.16
C ALA C 471 0.71 19.96 -20.81
N GLY C 472 1.03 20.83 -21.78
CA GLY C 472 0.94 22.27 -21.60
C GLY C 472 -0.42 22.81 -21.26
N HIS C 473 -1.47 22.08 -21.58
CA HIS C 473 -2.82 22.53 -21.32
C HIS C 473 -3.40 21.93 -20.01
N ILE C 474 -2.72 20.91 -19.48
CA ILE C 474 -3.22 20.16 -18.37
C ILE C 474 -3.15 20.98 -17.09
N ILE C 475 -4.30 21.04 -16.41
CA ILE C 475 -4.42 21.67 -15.09
C ILE C 475 -5.12 20.71 -14.10
N GLY C 476 -5.25 21.14 -12.85
CA GLY C 476 -6.00 20.42 -11.88
C GLY C 476 -5.20 19.19 -11.54
N ASP C 477 -5.90 18.21 -11.00
CA ASP C 477 -5.30 16.97 -10.54
C ASP C 477 -5.63 15.87 -11.54
N PRO C 478 -4.77 14.87 -11.64
CA PRO C 478 -5.03 13.67 -12.41
C PRO C 478 -5.86 12.64 -11.60
N ILE C 479 -6.85 12.01 -12.25
CA ILE C 479 -7.71 11.01 -11.59
C ILE C 479 -7.67 9.68 -12.30
N THR C 480 -7.37 8.61 -11.59
CA THR C 480 -7.35 7.27 -12.17
C THR C 480 -8.20 6.28 -11.31
N ILE C 481 -8.57 5.12 -11.88
CA ILE C 481 -9.15 4.02 -11.13
C ILE C 481 -8.77 2.62 -11.67
N SER C 482 -8.65 1.63 -10.80
CA SER C 482 -8.72 0.22 -11.22
C SER C 482 -9.82 -0.53 -10.42
N TRP C 483 -10.93 -0.85 -11.08
CA TRP C 483 -12.05 -1.42 -10.35
C TRP C 483 -11.74 -2.78 -9.72
N GLU C 484 -10.97 -3.60 -10.41
CA GLU C 484 -10.45 -4.90 -9.90
C GLU C 484 -9.78 -4.85 -8.54
N ALA C 485 -9.14 -3.72 -8.26
CA ALA C 485 -8.32 -3.55 -7.05
C ALA C 485 -9.17 -3.36 -5.80
N ASP C 486 -10.40 -2.88 -5.99
CA ASP C 486 -11.16 -2.34 -4.86
C ASP C 486 -11.91 -3.52 -4.23
N PRO C 487 -11.73 -3.77 -2.89
CA PRO C 487 -12.39 -4.95 -2.29
C PRO C 487 -13.95 -4.89 -2.25
N HIS C 488 -14.52 -3.69 -2.35
CA HIS C 488 -16.00 -3.54 -2.44
C HIS C 488 -16.59 -3.74 -3.81
N PHE C 489 -15.73 -4.01 -4.80
CA PHE C 489 -16.06 -4.36 -6.18
C PHE C 489 -14.94 -5.30 -6.47
N LEU C 490 -15.12 -6.34 -7.23
CA LEU C 490 -13.86 -7.01 -7.52
C LEU C 490 -13.80 -7.03 -9.00
N GLY C 491 -13.83 -5.84 -9.59
CA GLY C 491 -13.99 -5.67 -11.04
C GLY C 491 -15.00 -4.60 -11.45
N ALA C 492 -14.92 -4.23 -12.72
CA ALA C 492 -15.76 -3.20 -13.31
C ALA C 492 -17.21 -3.70 -13.59
N PHE C 493 -17.34 -4.95 -13.99
CA PHE C 493 -18.59 -5.53 -14.30
C PHE C 493 -18.37 -6.96 -14.66
N LYS C 494 -19.45 -7.75 -14.56
CA LYS C 494 -19.42 -9.14 -14.99
C LYS C 494 -19.19 -9.21 -16.48
N GLY C 495 -18.53 -10.27 -16.90
CA GLY C 495 -18.63 -10.67 -18.28
C GLY C 495 -18.93 -12.15 -18.33
N ALA C 496 -19.96 -12.51 -19.08
CA ALA C 496 -20.45 -13.88 -19.10
C ALA C 496 -19.54 -14.70 -19.94
N LEU C 497 -19.04 -15.78 -19.38
CA LEU C 497 -18.25 -16.73 -20.14
C LEU C 497 -19.18 -17.72 -20.89
N PRO C 498 -18.62 -18.41 -21.86
CA PRO C 498 -19.36 -19.50 -22.46
C PRO C 498 -19.87 -20.52 -21.45
N GLY C 499 -21.14 -20.90 -21.56
CA GLY C 499 -21.68 -21.89 -20.66
C GLY C 499 -22.24 -21.34 -19.38
N HIS C 500 -22.19 -20.03 -19.21
CA HIS C 500 -22.73 -19.35 -18.07
C HIS C 500 -24.19 -19.00 -18.20
N TYR C 501 -24.87 -19.34 -19.27
CA TYR C 501 -26.32 -19.03 -19.34
C TYR C 501 -27.09 -19.60 -18.15
N ARG C 502 -26.82 -20.88 -17.80
CA ARG C 502 -27.56 -21.50 -16.69
C ARG C 502 -27.33 -20.77 -15.34
N TYR C 503 -26.10 -20.32 -15.10
CA TYR C 503 -25.81 -19.56 -13.88
C TYR C 503 -26.65 -18.29 -13.89
N ASN C 504 -26.63 -17.56 -14.98
CA ASN C 504 -27.32 -16.26 -15.00
C ASN C 504 -28.85 -16.48 -14.87
N GLN C 505 -29.32 -17.60 -15.40
CA GLN C 505 -30.72 -17.93 -15.34
C GLN C 505 -31.13 -18.15 -13.90
N ARG C 506 -30.32 -18.90 -13.17
CA ARG C 506 -30.56 -19.10 -11.74
C ARG C 506 -30.62 -17.75 -11.01
N MET C 507 -29.64 -16.92 -11.22
CA MET C 507 -29.57 -15.64 -10.51
C MET C 507 -30.72 -14.71 -10.88
N TYR C 508 -31.07 -14.64 -12.14
CA TYR C 508 -32.08 -13.70 -12.59
C TYR C 508 -33.49 -14.03 -12.08
N ALA C 509 -33.72 -15.34 -11.92
CA ALA C 509 -34.96 -15.93 -11.46
C ALA C 509 -35.04 -16.02 -9.93
N HIS C 510 -33.94 -15.72 -9.22
CA HIS C 510 -33.90 -15.89 -7.75
C HIS C 510 -35.02 -15.13 -6.99
N PHE C 511 -35.44 -14.00 -7.50
CA PHE C 511 -36.51 -13.24 -6.87
C PHE C 511 -37.91 -13.97 -6.91
N MET C 512 -38.02 -15.07 -7.63
CA MET C 512 -39.25 -15.85 -7.74
C MET C 512 -39.11 -16.99 -6.78
N GLN C 513 -39.75 -16.90 -5.62
CA GLN C 513 -39.38 -17.77 -4.47
C GLN C 513 -40.41 -18.84 -4.06
N ALA C 514 -41.56 -18.86 -4.71
CA ALA C 514 -42.69 -19.72 -4.35
C ALA C 514 -42.26 -21.16 -4.20
N GLN C 515 -41.36 -21.63 -5.06
CA GLN C 515 -40.87 -23.00 -4.97
C GLN C 515 -39.66 -23.13 -4.07
N MET C 516 -39.23 -22.07 -3.41
CA MET C 516 -37.98 -22.17 -2.66
C MET C 516 -38.19 -22.77 -1.32
N PRO C 517 -37.23 -23.59 -0.86
CA PRO C 517 -37.20 -23.96 0.54
C PRO C 517 -37.29 -22.70 1.40
N VAL C 518 -37.98 -22.82 2.51
CA VAL C 518 -38.27 -21.71 3.38
C VAL C 518 -36.99 -21.06 3.94
N GLU C 519 -35.96 -21.88 4.17
CA GLU C 519 -34.70 -21.34 4.68
C GLU C 519 -33.97 -20.44 3.67
N GLN C 520 -34.31 -20.53 2.38
CA GLN C 520 -33.72 -19.67 1.37
C GLN C 520 -34.56 -18.46 1.04
N ARG C 521 -35.76 -18.34 1.62
CA ARG C 521 -36.64 -17.24 1.20
C ARG C 521 -36.39 -16.02 2.00
N GLY C 522 -36.53 -14.86 1.37
CA GLY C 522 -36.51 -13.60 2.08
C GLY C 522 -35.25 -12.80 1.80
N ILE C 523 -34.23 -13.48 1.24
CA ILE C 523 -33.05 -12.82 0.77
C ILE C 523 -33.18 -12.71 -0.73
N PHE C 524 -32.85 -11.55 -1.24
CA PHE C 524 -32.91 -11.25 -2.64
C PHE C 524 -31.61 -10.65 -3.17
N ILE C 525 -31.38 -10.79 -4.48
CA ILE C 525 -30.25 -10.22 -5.16
C ILE C 525 -30.71 -9.40 -6.33
N ALA C 526 -29.89 -8.36 -6.61
CA ALA C 526 -30.06 -7.52 -7.81
C ALA C 526 -28.79 -6.81 -8.16
N GLY C 527 -28.78 -6.20 -9.33
CA GLY C 527 -27.60 -5.49 -9.83
C GLY C 527 -27.15 -6.04 -11.17
N ASP C 528 -26.15 -5.38 -11.76
CA ASP C 528 -25.86 -5.71 -13.17
C ASP C 528 -25.19 -7.08 -13.35
N ASP C 529 -24.66 -7.62 -12.28
CA ASP C 529 -24.23 -9.03 -12.34
C ASP C 529 -25.41 -10.05 -12.35
N VAL C 530 -26.56 -9.66 -11.84
CA VAL C 530 -27.76 -10.51 -11.90
C VAL C 530 -28.35 -10.39 -13.31
N SER C 531 -28.15 -9.25 -13.92
CA SER C 531 -28.69 -8.98 -15.23
C SER C 531 -28.01 -9.73 -16.36
N TRP C 532 -28.72 -9.76 -17.46
CA TRP C 532 -28.21 -10.40 -18.66
C TRP C 532 -27.22 -9.51 -19.41
N THR C 533 -27.19 -8.22 -19.08
CA THR C 533 -26.44 -7.20 -19.78
C THR C 533 -25.50 -6.51 -18.78
N PRO C 534 -24.54 -7.26 -18.25
CA PRO C 534 -23.70 -6.73 -17.17
C PRO C 534 -23.06 -5.31 -17.30
N ALA C 535 -22.48 -4.90 -18.38
CA ALA C 535 -21.75 -3.60 -18.23
C ALA C 535 -22.66 -2.47 -18.62
N TRP C 536 -23.95 -2.59 -18.35
CA TRP C 536 -24.93 -1.59 -18.76
C TRP C 536 -25.90 -1.32 -17.61
N VAL C 537 -26.03 -0.06 -17.22
CA VAL C 537 -26.79 0.28 -16.03
C VAL C 537 -28.27 -0.16 -16.10
N GLU C 538 -28.83 -0.19 -17.27
CA GLU C 538 -30.22 -0.69 -17.40
C GLU C 538 -30.39 -2.05 -16.79
N GLY C 539 -29.39 -2.93 -16.88
CA GLY C 539 -29.47 -4.26 -16.27
C GLY C 539 -29.56 -4.25 -14.75
N ALA C 540 -28.84 -3.34 -14.09
CA ALA C 540 -28.96 -3.12 -12.65
C ALA C 540 -30.36 -2.61 -12.30
N VAL C 541 -30.90 -1.74 -13.13
CA VAL C 541 -32.21 -1.18 -12.85
C VAL C 541 -33.32 -2.21 -13.01
N GLN C 542 -33.22 -3.04 -14.03
CA GLN C 542 -34.31 -3.95 -14.27
C GLN C 542 -34.32 -5.01 -13.21
N THR C 543 -33.15 -5.55 -12.84
CA THR C 543 -33.11 -6.60 -11.84
C THR C 543 -33.55 -6.10 -10.49
N SER C 544 -33.24 -4.82 -10.22
CA SER C 544 -33.65 -4.22 -8.98
C SER C 544 -35.19 -4.23 -8.92
N LEU C 545 -35.83 -3.87 -10.03
CA LEU C 545 -37.31 -3.79 -10.08
C LEU C 545 -37.88 -5.18 -9.95
N ASN C 546 -37.21 -6.19 -10.49
CA ASN C 546 -37.70 -7.57 -10.23
C ASN C 546 -37.68 -7.89 -8.74
N ALA C 547 -36.58 -7.49 -8.08
CA ALA C 547 -36.44 -7.74 -6.66
C ALA C 547 -37.53 -6.96 -5.91
N VAL C 548 -37.81 -5.73 -6.32
CA VAL C 548 -38.91 -4.97 -5.68
C VAL C 548 -40.24 -5.76 -5.68
N TRP C 549 -40.54 -6.31 -6.82
CA TRP C 549 -41.71 -7.17 -6.97
C TRP C 549 -41.63 -8.37 -6.02
N GLY C 550 -40.48 -9.05 -6.02
CA GLY C 550 -40.26 -10.17 -5.11
C GLY C 550 -40.43 -9.84 -3.62
N ILE C 551 -39.95 -8.66 -3.23
CA ILE C 551 -40.01 -8.20 -1.87
C ILE C 551 -41.42 -7.78 -1.50
N MET C 552 -42.06 -7.02 -2.38
CA MET C 552 -43.50 -6.75 -2.24
C MET C 552 -44.28 -8.04 -2.01
N ASN C 553 -44.07 -9.00 -2.90
CA ASN C 553 -44.72 -10.29 -2.74
C ASN C 553 -44.40 -10.97 -1.41
N HIS C 554 -43.13 -10.85 -0.98
CA HIS C 554 -42.70 -11.47 0.25
C HIS C 554 -43.45 -10.91 1.45
N PHE C 555 -43.80 -9.64 1.41
CA PHE C 555 -44.57 -9.00 2.47
C PHE C 555 -46.10 -9.18 2.31
N GLY C 556 -46.48 -10.17 1.52
CA GLY C 556 -47.89 -10.42 1.20
C GLY C 556 -48.56 -9.36 0.32
N GLY C 557 -47.79 -8.55 -0.39
CA GLY C 557 -48.33 -7.51 -1.28
C GLY C 557 -48.62 -8.03 -2.65
N LYS C 558 -49.05 -7.16 -3.53
CA LYS C 558 -49.32 -7.56 -4.93
C LYS C 558 -49.51 -6.34 -5.77
N THR C 559 -49.31 -6.53 -7.07
CA THR C 559 -49.56 -5.48 -8.03
C THR C 559 -51.06 -5.19 -8.15
N HIS C 560 -51.37 -3.96 -8.54
CA HIS C 560 -52.70 -3.61 -9.04
C HIS C 560 -53.00 -4.38 -10.32
N ALA C 561 -54.25 -4.82 -10.44
CA ALA C 561 -54.71 -5.62 -11.59
C ALA C 561 -54.53 -4.93 -12.91
N ASP C 562 -54.56 -3.61 -12.97
CA ASP C 562 -54.27 -2.93 -14.25
C ASP C 562 -52.77 -2.66 -14.57
N ASN C 563 -51.84 -2.99 -13.66
CA ASN C 563 -50.39 -2.74 -13.87
C ASN C 563 -49.58 -3.94 -13.38
N PRO C 564 -49.77 -5.08 -14.02
CA PRO C 564 -49.09 -6.26 -13.54
C PRO C 564 -47.55 -6.09 -13.62
N GLY C 565 -46.85 -6.83 -12.76
CA GLY C 565 -45.41 -6.61 -12.58
C GLY C 565 -44.63 -7.84 -12.99
N PRO C 566 -43.30 -7.76 -12.82
CA PRO C 566 -42.44 -8.79 -13.33
C PRO C 566 -42.88 -10.19 -12.96
N GLY C 567 -43.10 -10.41 -11.67
CA GLY C 567 -43.34 -11.80 -11.21
C GLY C 567 -44.74 -12.32 -11.55
N ASP C 568 -45.60 -11.39 -11.96
CA ASP C 568 -46.93 -11.75 -12.48
C ASP C 568 -46.86 -12.42 -13.83
N VAL C 569 -45.82 -12.14 -14.61
CA VAL C 569 -45.69 -12.72 -15.97
C VAL C 569 -44.44 -13.62 -16.20
N PHE C 570 -43.62 -13.70 -15.17
CA PHE C 570 -42.29 -14.25 -15.30
C PHE C 570 -42.38 -15.67 -15.72
N ASP C 571 -43.30 -16.44 -15.16
CA ASP C 571 -43.40 -17.84 -15.58
C ASP C 571 -43.83 -17.99 -17.02
N GLU C 572 -44.53 -17.01 -17.57
CA GLU C 572 -44.96 -17.09 -18.96
C GLU C 572 -43.88 -16.64 -19.98
N ILE C 573 -43.26 -15.50 -19.75
CA ILE C 573 -42.35 -14.92 -20.70
C ILE C 573 -40.88 -14.83 -20.21
N GLY C 574 -40.58 -15.47 -19.07
CA GLY C 574 -39.26 -15.38 -18.51
C GLY C 574 -38.23 -16.22 -19.29
N GLN C 575 -37.01 -16.21 -18.81
CA GLN C 575 -35.92 -16.80 -19.50
C GLN C 575 -36.10 -18.27 -19.51
N ILE C 576 -35.93 -18.83 -20.68
CA ILE C 576 -35.93 -20.24 -20.85
C ILE C 576 -34.89 -20.89 -19.94
N ALA C 577 -35.23 -22.05 -19.40
CA ALA C 577 -34.30 -22.88 -18.67
C ALA C 577 -33.73 -23.95 -19.57
N LEU C 578 -32.46 -24.24 -19.41
CA LEU C 578 -31.83 -25.30 -20.17
C LEU C 578 -31.76 -26.62 -19.39
N ALA C 579 -31.50 -27.69 -20.13
CA ALA C 579 -31.46 -29.02 -19.58
C ALA C 579 -30.18 -29.25 -18.80
N ASP C 580 -30.25 -30.21 -17.89
CA ASP C 580 -29.07 -30.77 -17.25
C ASP C 580 -28.36 -31.59 -18.34
N LYS D 32 -12.92 45.57 27.64
CA LYS D 32 -11.42 45.44 27.71
C LYS D 32 -10.95 45.04 26.33
N LYS D 33 -9.77 45.50 25.96
CA LYS D 33 -9.31 45.27 24.60
C LYS D 33 -8.97 43.78 24.42
N PRO D 34 -9.38 43.17 23.30
CA PRO D 34 -9.14 41.74 23.15
C PRO D 34 -7.66 41.37 23.03
N ILE D 35 -7.34 40.16 23.47
CA ILE D 35 -6.08 39.57 23.13
C ILE D 35 -6.14 39.21 21.63
N THR D 36 -5.03 39.40 20.93
CA THR D 36 -4.97 38.99 19.52
C THR D 36 -3.59 38.43 19.28
N ILE D 37 -3.41 37.73 18.16
CA ILE D 37 -2.11 37.18 17.83
C ILE D 37 -1.32 38.36 17.27
N PHE D 38 -0.68 39.06 18.19
CA PHE D 38 0.01 40.29 17.92
C PHE D 38 1.41 40.09 18.40
N GLY D 39 2.31 39.83 17.46
CA GLY D 39 3.63 39.32 17.83
C GLY D 39 3.43 38.04 18.65
N PRO D 40 4.25 37.81 19.68
CA PRO D 40 5.14 38.81 20.20
C PRO D 40 6.37 39.05 19.35
N ASP D 41 6.69 38.11 18.47
CA ASP D 41 7.97 38.20 17.75
C ASP D 41 8.03 39.38 16.75
N PHE D 42 6.92 39.59 16.06
CA PHE D 42 6.77 40.64 15.08
C PHE D 42 5.37 41.18 15.24
N PRO D 43 5.21 42.14 16.17
CA PRO D 43 3.92 42.68 16.52
C PRO D 43 3.51 43.76 15.52
N PHE D 44 3.22 43.27 14.32
CA PHE D 44 2.66 44.05 13.24
C PHE D 44 1.19 43.82 13.17
N ALA D 45 0.44 44.89 12.97
CA ALA D 45 -1.03 44.82 12.99
C ALA D 45 -1.44 44.46 11.61
N PHE D 46 -1.47 43.16 11.33
CA PHE D 46 -1.91 42.64 10.05
C PHE D 46 -3.35 43.01 9.82
N ASP D 47 -4.19 42.85 10.83
CA ASP D 47 -5.62 43.14 10.67
C ASP D 47 -5.84 44.57 10.17
N ASP D 48 -5.09 45.52 10.73
CA ASP D 48 -5.22 46.92 10.36
C ASP D 48 -4.75 47.05 8.94
N TRP D 49 -3.57 46.47 8.66
CA TRP D 49 -3.02 46.53 7.31
C TRP D 49 -4.07 46.06 6.30
N LEU D 50 -4.82 45.01 6.63
CA LEU D 50 -5.82 44.44 5.72
C LEU D 50 -7.05 45.28 5.59
N GLU D 51 -7.47 45.86 6.71
CA GLU D 51 -8.74 46.59 6.77
C GLU D 51 -8.64 48.01 6.22
N HIS D 52 -7.43 48.57 6.16
CA HIS D 52 -7.26 49.98 5.85
C HIS D 52 -7.73 50.30 4.45
N PRO D 53 -8.52 51.38 4.27
CA PRO D 53 -9.18 51.57 2.94
C PRO D 53 -8.28 51.85 1.74
N ALA D 54 -7.04 52.22 1.97
CA ALA D 54 -6.08 52.36 0.91
C ALA D 54 -5.61 51.08 0.21
N GLY D 55 -5.81 49.87 0.77
CA GLY D 55 -5.26 48.65 0.17
C GLY D 55 -3.78 48.47 0.50
N LEU D 56 -3.25 47.30 0.16
CA LEU D 56 -1.92 46.89 0.61
C LEU D 56 -0.77 47.54 -0.11
N GLY D 57 -1.06 48.30 -1.16
CA GLY D 57 -0.03 49.05 -1.86
C GLY D 57 -0.20 49.02 -3.37
N SER D 58 0.91 49.13 -4.08
CA SER D 58 0.81 49.03 -5.52
C SER D 58 2.11 48.57 -6.15
N ILE D 59 1.98 48.26 -7.44
CA ILE D 59 3.06 47.83 -8.29
C ILE D 59 3.04 48.68 -9.57
N PRO D 60 4.21 49.08 -10.09
CA PRO D 60 4.22 49.83 -11.34
C PRO D 60 3.39 49.21 -12.45
N ALA D 61 2.59 50.05 -13.10
CA ALA D 61 1.65 49.65 -14.15
C ALA D 61 2.29 48.78 -15.24
N ALA D 62 3.57 48.97 -15.50
CA ALA D 62 4.25 48.18 -16.51
C ALA D 62 4.39 46.71 -16.13
N ARG D 63 4.19 46.38 -14.86
CA ARG D 63 4.28 45.00 -14.39
C ARG D 63 2.91 44.36 -14.20
N HIS D 64 1.84 45.10 -14.43
CA HIS D 64 0.51 44.52 -14.33
C HIS D 64 0.45 43.29 -15.24
N GLY D 65 -0.26 42.26 -14.80
CA GLY D 65 -0.48 41.07 -15.63
C GLY D 65 0.68 40.10 -15.58
N GLU D 66 1.82 40.51 -15.03
CA GLU D 66 2.92 39.59 -14.86
C GLU D 66 2.61 38.47 -13.84
N GLU D 67 3.14 37.29 -14.15
CA GLU D 67 2.87 36.07 -13.41
C GLU D 67 3.84 35.85 -12.24
N VAL D 68 3.28 35.33 -11.14
CA VAL D 68 4.04 34.94 -9.97
C VAL D 68 3.57 33.54 -9.59
N ALA D 69 4.53 32.64 -9.51
CA ALA D 69 4.19 31.25 -9.22
C ALA D 69 4.01 31.07 -7.75
N ILE D 70 2.95 30.35 -7.43
CA ILE D 70 2.61 30.02 -6.03
C ILE D 70 2.49 28.48 -5.82
N VAL D 71 3.42 27.93 -5.06
CA VAL D 71 3.42 26.50 -4.84
C VAL D 71 2.56 26.15 -3.64
N GLY D 72 1.40 25.59 -3.92
CA GLY D 72 0.51 25.12 -2.90
C GLY D 72 -0.73 25.94 -2.82
N ALA D 73 -1.89 25.28 -2.73
CA ALA D 73 -3.17 25.99 -2.66
C ALA D 73 -3.83 25.81 -1.26
N GLY D 74 -3.03 25.84 -0.22
CA GLY D 74 -3.56 25.93 1.11
C GLY D 74 -3.80 27.40 1.40
N ILE D 75 -4.07 27.68 2.67
CA ILE D 75 -4.40 29.03 3.07
C ILE D 75 -3.28 30.06 2.80
N ALA D 76 -2.02 29.73 3.06
CA ALA D 76 -0.97 30.65 2.80
C ALA D 76 -0.80 30.96 1.28
N GLY D 77 -0.83 29.93 0.43
CA GLY D 77 -0.77 30.13 -1.00
C GLY D 77 -1.94 30.96 -1.50
N LEU D 78 -3.14 30.64 -1.05
CA LEU D 78 -4.31 31.32 -1.58
C LEU D 78 -4.43 32.78 -1.08
N VAL D 79 -4.09 33.02 0.17
CA VAL D 79 -4.12 34.38 0.68
C VAL D 79 -3.15 35.23 -0.13
N ALA D 80 -1.91 34.74 -0.32
CA ALA D 80 -0.94 35.47 -1.12
C ALA D 80 -1.44 35.67 -2.56
N ALA D 81 -1.93 34.60 -3.20
CA ALA D 81 -2.41 34.71 -4.60
C ALA D 81 -3.52 35.79 -4.68
N TYR D 82 -4.48 35.73 -3.76
CA TYR D 82 -5.62 36.67 -3.75
C TYR D 82 -5.16 38.16 -3.63
N GLU D 83 -4.24 38.45 -2.72
CA GLU D 83 -3.80 39.80 -2.51
C GLU D 83 -2.92 40.27 -3.65
N LEU D 84 -2.09 39.38 -4.19
CA LEU D 84 -1.27 39.74 -5.35
C LEU D 84 -2.12 40.02 -6.61
N MET D 85 -3.13 39.22 -6.84
CA MET D 85 -4.09 39.49 -7.90
C MET D 85 -4.70 40.90 -7.78
N LYS D 86 -5.08 41.25 -6.56
CA LYS D 86 -5.62 42.58 -6.26
C LYS D 86 -4.64 43.68 -6.61
N LEU D 87 -3.36 43.43 -6.39
CA LEU D 87 -2.32 44.39 -6.75
C LEU D 87 -1.98 44.37 -8.25
N GLY D 88 -2.70 43.58 -9.05
CA GLY D 88 -2.55 43.64 -10.50
C GLY D 88 -1.66 42.56 -11.11
N LEU D 89 -1.10 41.66 -10.29
CA LEU D 89 -0.33 40.54 -10.84
C LEU D 89 -1.20 39.34 -11.20
N LYS D 90 -0.63 38.40 -11.94
CA LYS D 90 -1.36 37.17 -12.26
C LYS D 90 -0.72 36.05 -11.46
N PRO D 91 -1.27 35.75 -10.29
CA PRO D 91 -0.69 34.59 -9.63
C PRO D 91 -1.01 33.30 -10.35
N VAL D 92 -0.06 32.38 -10.34
CA VAL D 92 -0.32 31.06 -10.90
C VAL D 92 -0.09 30.03 -9.80
N VAL D 93 -1.17 29.44 -9.34
CA VAL D 93 -1.16 28.59 -8.19
C VAL D 93 -0.96 27.15 -8.72
N TYR D 94 -0.01 26.43 -8.13
CA TYR D 94 0.16 24.99 -8.36
C TYR D 94 -0.30 24.22 -7.10
N GLU D 95 -0.97 23.09 -7.31
CA GLU D 95 -1.40 22.26 -6.21
C GLU D 95 -1.23 20.77 -6.54
N ALA D 96 -0.35 20.09 -5.83
CA ALA D 96 0.01 18.70 -6.09
C ALA D 96 -1.04 17.70 -5.59
N SER D 97 -1.92 18.10 -4.67
CA SER D 97 -2.83 17.17 -4.06
C SER D 97 -4.22 17.81 -3.97
N LYS D 98 -4.65 18.22 -2.80
CA LYS D 98 -6.01 18.78 -2.64
C LYS D 98 -6.06 20.28 -2.34
N MET D 99 -7.03 20.96 -2.93
CA MET D 99 -7.23 22.35 -2.60
C MET D 99 -7.50 22.50 -1.11
N GLY D 100 -6.88 23.51 -0.48
CA GLY D 100 -7.08 23.80 0.95
C GLY D 100 -6.01 23.28 1.87
N GLY D 101 -5.16 22.40 1.36
CA GLY D 101 -4.10 21.81 2.18
C GLY D 101 -4.65 21.30 3.49
N ARG D 102 -4.05 21.77 4.59
CA ARG D 102 -4.38 21.30 5.93
C ARG D 102 -5.66 21.96 6.49
N LEU D 103 -6.41 22.66 5.66
CA LEU D 103 -7.82 23.01 5.96
C LEU D 103 -8.70 22.15 5.11
N ARG D 104 -9.11 21.01 5.65
CA ARG D 104 -9.76 19.93 4.87
C ARG D 104 -11.03 19.44 5.60
N SER D 105 -12.18 19.59 4.96
CA SER D 105 -13.46 19.24 5.52
C SER D 105 -14.10 18.17 4.65
N GLN D 106 -14.03 16.89 5.05
CA GLN D 106 -14.59 15.79 4.25
C GLN D 106 -16.07 15.54 4.57
N ALA D 107 -16.89 15.56 3.53
CA ALA D 107 -18.29 15.24 3.70
C ALA D 107 -18.48 13.73 3.88
N PHE D 108 -19.41 13.35 4.77
CA PHE D 108 -19.85 11.95 4.95
C PHE D 108 -20.78 11.53 3.81
N ASN D 109 -20.79 10.22 3.49
CA ASN D 109 -21.76 9.64 2.54
C ASN D 109 -23.17 10.16 2.61
N GLY D 110 -23.66 10.72 1.50
CA GLY D 110 -25.08 10.98 1.32
C GLY D 110 -25.66 12.17 2.00
N THR D 111 -24.81 12.93 2.69
CA THR D 111 -25.23 14.06 3.53
C THR D 111 -25.00 15.38 2.82
N ASP D 112 -25.66 16.42 3.33
CA ASP D 112 -25.37 17.80 2.99
C ASP D 112 -24.92 18.57 4.23
N GLY D 113 -23.75 19.16 4.19
CA GLY D 113 -23.32 20.07 5.23
C GLY D 113 -22.79 19.34 6.45
N ILE D 114 -22.52 18.04 6.33
CA ILE D 114 -22.01 17.31 7.49
C ILE D 114 -20.62 16.82 7.21
N ILE D 115 -19.65 17.40 7.91
CA ILE D 115 -18.26 17.18 7.57
C ILE D 115 -17.40 16.79 8.76
N ALA D 116 -16.25 16.24 8.46
CA ALA D 116 -15.26 15.94 9.43
C ALA D 116 -14.05 16.83 9.13
N GLU D 117 -13.60 17.57 10.11
CA GLU D 117 -12.47 18.44 9.96
C GLU D 117 -11.22 17.62 10.13
N LEU D 118 -10.51 17.37 9.03
CA LEU D 118 -9.33 16.52 9.10
C LEU D 118 -8.09 17.27 9.53
N GLY D 119 -8.05 18.54 9.19
CA GLY D 119 -6.90 19.37 9.55
C GLY D 119 -7.31 20.32 10.65
N GLY D 120 -7.25 21.61 10.35
CA GLY D 120 -7.54 22.62 11.38
C GLY D 120 -9.02 22.63 11.63
N MET D 121 -9.41 22.71 12.92
CA MET D 121 -10.83 22.69 13.30
C MET D 121 -11.32 23.75 14.31
N ARG D 122 -10.44 24.25 15.15
CA ARG D 122 -10.89 25.16 16.25
C ARG D 122 -10.03 26.38 16.19
N PHE D 123 -10.63 27.46 15.71
CA PHE D 123 -9.87 28.66 15.43
C PHE D 123 -10.00 29.73 16.52
N PRO D 124 -8.92 29.98 17.27
CA PRO D 124 -9.06 30.99 18.32
C PRO D 124 -9.47 32.36 17.74
N VAL D 125 -10.42 33.02 18.39
CA VAL D 125 -10.86 34.37 17.93
C VAL D 125 -9.75 35.43 18.00
N SER D 126 -8.64 35.11 18.68
CA SER D 126 -7.49 35.98 18.60
C SER D 126 -6.85 36.02 17.19
N SER D 127 -7.26 35.10 16.31
CA SER D 127 -6.70 34.97 14.91
C SER D 127 -7.35 36.01 14.00
N THR D 128 -6.96 37.26 14.18
CA THR D 128 -7.65 38.33 13.46
C THR D 128 -7.41 38.33 11.94
N ALA D 129 -6.19 38.05 11.52
CA ALA D 129 -5.95 37.99 10.08
C ALA D 129 -6.77 36.87 9.46
N PHE D 130 -6.76 35.71 10.08
CA PHE D 130 -7.58 34.61 9.54
C PHE D 130 -9.05 35.00 9.45
N TYR D 131 -9.59 35.52 10.56
CA TYR D 131 -11.01 35.86 10.62
C TYR D 131 -11.37 36.97 9.66
N HIS D 132 -10.40 37.81 9.30
CA HIS D 132 -10.64 38.75 8.22
C HIS D 132 -11.19 38.04 6.97
N TYR D 133 -10.56 36.94 6.58
CA TYR D 133 -10.98 36.25 5.36
C TYR D 133 -12.30 35.51 5.59
N VAL D 134 -12.48 34.97 6.81
CA VAL D 134 -13.73 34.29 7.18
C VAL D 134 -14.88 35.28 7.01
N ASP D 135 -14.70 36.48 7.54
CA ASP D 135 -15.75 37.51 7.45
C ASP D 135 -15.95 37.96 6.04
N LYS D 136 -14.84 38.11 5.31
CA LYS D 136 -14.90 38.53 3.91
C LYS D 136 -15.80 37.59 3.09
N LEU D 137 -15.83 36.30 3.44
CA LEU D 137 -16.65 35.35 2.72
C LEU D 137 -18.06 35.24 3.30
N GLY D 138 -18.33 35.89 4.42
CA GLY D 138 -19.64 35.78 5.07
C GLY D 138 -19.85 34.43 5.71
N LEU D 139 -18.79 33.75 6.12
CA LEU D 139 -18.98 32.42 6.64
C LEU D 139 -19.45 32.49 8.10
N GLU D 140 -20.22 31.48 8.52
CA GLU D 140 -20.72 31.36 9.88
C GLU D 140 -19.81 30.47 10.73
N THR D 141 -19.57 30.93 11.97
CA THR D 141 -18.79 30.18 12.93
C THR D 141 -19.60 30.01 14.20
N LYS D 142 -19.23 29.02 15.02
CA LYS D 142 -19.84 28.85 16.32
C LYS D 142 -18.80 28.29 17.27
N PRO D 143 -19.06 28.40 18.59
CA PRO D 143 -18.08 27.99 19.60
C PRO D 143 -17.77 26.50 19.49
N PHE D 144 -16.49 26.18 19.53
CA PHE D 144 -16.08 24.79 19.44
C PHE D 144 -16.37 24.12 20.77
N PRO D 145 -16.94 22.91 20.76
CA PRO D 145 -17.24 22.18 22.01
C PRO D 145 -16.02 21.64 22.71
N ASN D 146 -15.17 22.55 23.19
CA ASN D 146 -14.05 22.20 24.03
C ASN D 146 -14.56 21.86 25.43
N PRO D 147 -13.81 21.05 26.16
CA PRO D 147 -14.20 20.66 27.51
C PRO D 147 -14.35 21.86 28.45
N LEU D 148 -15.40 21.83 29.25
CA LEU D 148 -15.63 22.83 30.31
C LEU D 148 -15.79 24.20 29.72
N THR D 149 -16.57 24.28 28.64
CA THR D 149 -16.98 25.55 28.05
C THR D 149 -18.49 25.46 27.92
N PRO D 150 -19.15 26.60 27.75
CA PRO D 150 -20.58 26.58 27.45
C PRO D 150 -20.97 25.74 26.22
N ALA D 151 -20.06 25.55 25.29
CA ALA D 151 -20.39 24.77 24.11
C ALA D 151 -20.40 23.28 24.39
N SER D 152 -19.84 22.87 25.52
CA SER D 152 -19.77 21.46 25.85
C SER D 152 -20.61 21.29 27.12
N ARG D 153 -21.57 20.38 27.13
CA ARG D 153 -22.39 20.22 28.32
C ARG D 153 -21.62 19.52 29.42
N SER D 154 -20.76 18.57 29.06
CA SER D 154 -20.08 17.80 30.07
C SER D 154 -18.77 17.29 29.57
N THR D 155 -17.94 16.96 30.53
CA THR D 155 -16.64 16.41 30.25
C THR D 155 -16.39 15.18 31.12
N VAL D 156 -15.69 14.19 30.58
CA VAL D 156 -15.31 13.02 31.36
C VAL D 156 -13.83 12.83 31.24
N ILE D 157 -13.18 12.59 32.37
CA ILE D 157 -11.75 12.38 32.39
C ILE D 157 -11.56 10.92 32.80
N ASP D 158 -10.70 10.19 32.11
CA ASP D 158 -10.51 8.84 32.49
C ASP D 158 -9.06 8.66 32.56
N LEU D 159 -8.53 8.37 33.76
CA LEU D 159 -7.09 8.18 33.97
C LEU D 159 -6.86 7.01 34.88
N GLU D 160 -5.87 6.19 34.53
CA GLU D 160 -5.54 4.98 35.29
C GLU D 160 -6.79 4.21 35.77
N GLY D 161 -7.76 4.14 34.89
CA GLY D 161 -8.95 3.36 35.15
C GLY D 161 -9.97 4.00 36.03
N GLN D 162 -9.76 5.26 36.38
CA GLN D 162 -10.73 6.02 37.21
C GLN D 162 -11.37 7.10 36.37
N THR D 163 -12.68 7.17 36.44
CA THR D 163 -13.46 8.06 35.61
C THR D 163 -14.11 9.15 36.42
N TYR D 164 -14.01 10.40 35.97
CA TYR D 164 -14.60 11.56 36.66
C TYR D 164 -15.50 12.22 35.70
N TYR D 165 -16.69 12.56 36.13
CA TYR D 165 -17.62 13.33 35.33
C TYR D 165 -17.70 14.76 35.83
N ALA D 166 -17.77 15.75 34.95
CA ALA D 166 -17.89 17.14 35.32
C ALA D 166 -18.79 17.89 34.37
N GLU D 167 -19.66 18.74 34.89
CA GLU D 167 -20.35 19.75 34.07
C GLU D 167 -19.78 21.15 34.30
N LYS D 168 -18.92 21.31 35.31
CA LYS D 168 -18.14 22.54 35.54
C LYS D 168 -16.84 22.14 36.20
N ALA D 169 -15.82 22.99 36.10
CA ALA D 169 -14.51 22.64 36.66
C ALA D 169 -14.57 22.20 38.15
N ALA D 170 -15.45 22.83 38.93
CA ALA D 170 -15.51 22.56 40.36
C ALA D 170 -15.96 21.13 40.65
N ASP D 171 -16.65 20.50 39.72
CA ASP D 171 -17.01 19.09 39.87
C ASP D 171 -15.85 18.11 39.91
N LEU D 172 -14.67 18.56 39.48
CA LEU D 172 -13.52 17.66 39.45
C LEU D 172 -12.81 17.57 40.79
N PRO D 173 -12.16 16.44 41.04
CA PRO D 173 -11.32 16.34 42.23
C PRO D 173 -10.30 17.44 42.34
N ALA D 174 -9.91 17.67 43.57
CA ALA D 174 -9.10 18.81 43.95
C ALA D 174 -7.84 18.91 43.12
N LEU D 175 -7.25 17.76 42.80
CA LEU D 175 -5.99 17.72 42.07
C LEU D 175 -6.03 18.58 40.84
N PHE D 176 -7.17 18.62 40.17
CA PHE D 176 -7.26 19.37 38.92
C PHE D 176 -7.12 20.86 39.12
N GLN D 177 -7.74 21.39 40.18
CA GLN D 177 -7.63 22.81 40.48
C GLN D 177 -6.19 23.13 40.89
N GLU D 178 -5.56 22.19 41.57
CA GLU D 178 -4.17 22.42 41.95
C GLU D 178 -3.24 22.51 40.73
N VAL D 179 -3.51 21.68 39.73
CA VAL D 179 -2.72 21.71 38.49
C VAL D 179 -2.91 23.04 37.77
N THR D 180 -4.17 23.45 37.56
CA THR D 180 -4.44 24.80 37.05
C THR D 180 -3.75 25.91 37.80
N ASP D 181 -3.85 25.91 39.12
CA ASP D 181 -3.27 26.98 39.89
C ASP D 181 -1.80 26.96 39.71
N ALA D 182 -1.21 25.78 39.63
CA ALA D 182 0.24 25.73 39.49
C ALA D 182 0.69 26.21 38.12
N TRP D 183 -0.13 25.95 37.11
CA TRP D 183 0.20 26.36 35.75
C TRP D 183 0.11 27.89 35.62
N ALA D 184 -1.01 28.43 36.07
CA ALA D 184 -1.13 29.92 36.19
C ALA D 184 0.06 30.54 36.89
N ASP D 185 0.36 30.02 38.05
CA ASP D 185 1.49 30.53 38.79
C ASP D 185 2.85 30.36 38.13
N ALA D 186 3.06 29.21 37.46
CA ALA D 186 4.31 29.03 36.74
C ALA D 186 4.42 30.00 35.57
N LEU D 187 3.33 30.31 34.92
CA LEU D 187 3.36 31.27 33.83
C LEU D 187 3.60 32.74 34.32
N GLU D 188 2.97 33.14 35.42
CA GLU D 188 3.15 34.48 35.96
C GLU D 188 4.55 34.63 36.54
N SER D 189 5.04 33.61 37.22
CA SER D 189 6.37 33.69 37.78
C SER D 189 7.50 33.61 36.77
N GLY D 190 7.33 32.76 35.76
CA GLY D 190 8.41 32.46 34.81
C GLY D 190 8.36 33.18 33.49
N ALA D 191 7.23 33.81 33.17
CA ALA D 191 7.15 34.55 31.92
C ALA D 191 6.53 35.94 31.94
N ARG D 192 6.20 36.47 33.11
CA ARG D 192 5.55 37.76 33.22
C ARG D 192 4.37 37.78 32.28
N PHE D 193 3.60 36.71 32.39
CA PHE D 193 2.44 36.50 31.57
C PHE D 193 1.51 37.70 31.57
N GLY D 194 1.12 38.17 32.73
CA GLY D 194 0.08 39.25 32.86
C GLY D 194 0.49 40.56 32.22
N ASP D 195 1.77 40.88 32.40
CA ASP D 195 2.39 42.03 31.81
C ASP D 195 2.42 41.92 30.29
N ILE D 196 2.73 40.72 29.77
CA ILE D 196 2.83 40.53 28.32
C ILE D 196 1.45 40.60 27.78
N GLN D 197 0.47 40.00 28.44
CA GLN D 197 -0.88 40.05 27.92
C GLN D 197 -1.44 41.45 27.89
N GLN D 198 -1.06 42.26 28.90
CA GLN D 198 -1.52 43.66 28.94
C GLN D 198 -0.95 44.42 27.76
N ALA D 199 0.34 44.24 27.55
CA ALA D 199 1.00 44.81 26.41
C ALA D 199 0.43 44.41 25.07
N ILE D 200 -0.06 43.17 24.93
CA ILE D 200 -0.76 42.73 23.72
C ILE D 200 -2.12 43.43 23.58
N ARG D 201 -2.91 43.45 24.65
CA ARG D 201 -4.19 44.17 24.67
C ARG D 201 -4.09 45.64 24.20
N ASP D 202 -3.06 46.32 24.65
CA ASP D 202 -2.88 47.74 24.31
C ASP D 202 -2.00 47.96 23.09
N ARG D 203 -1.56 46.87 22.49
CA ARG D 203 -0.65 46.96 21.35
C ARG D 203 0.51 47.93 21.66
N ASP D 204 1.04 47.80 22.87
CA ASP D 204 2.18 48.60 23.31
C ASP D 204 3.44 47.88 22.84
N VAL D 205 3.88 48.23 21.64
CA VAL D 205 4.91 47.51 20.96
C VAL D 205 6.23 47.60 21.68
N PRO D 206 6.61 48.79 22.17
CA PRO D 206 7.93 48.83 22.84
C PRO D 206 7.99 47.99 24.13
N ARG D 207 6.91 48.00 24.89
CA ARG D 207 6.83 47.21 26.11
C ARG D 207 6.84 45.67 25.81
N LEU D 208 6.01 45.27 24.85
CA LEU D 208 5.87 43.88 24.45
C LEU D 208 7.24 43.32 24.03
N LYS D 209 7.93 44.04 23.19
CA LYS D 209 9.23 43.62 22.72
C LYS D 209 10.28 43.52 23.80
N GLU D 210 10.19 44.42 24.78
CA GLU D 210 11.12 44.45 25.88
C GLU D 210 10.92 43.16 26.74
N LEU D 211 9.68 42.90 27.09
CA LEU D 211 9.34 41.77 27.85
C LEU D 211 9.69 40.48 27.05
N TRP D 212 9.23 40.44 25.80
CA TRP D 212 9.44 39.25 24.99
C TRP D 212 10.90 39.01 24.71
N ASN D 213 11.62 40.08 24.36
CA ASN D 213 13.03 39.92 24.07
C ASN D 213 13.86 39.50 25.25
N THR D 214 13.39 39.72 26.46
CA THR D 214 14.03 39.16 27.63
C THR D 214 13.93 37.63 27.63
N LEU D 215 12.76 37.12 27.29
CA LEU D 215 12.47 35.69 27.34
C LEU D 215 13.22 34.86 26.33
N VAL D 216 13.38 35.40 25.14
CA VAL D 216 13.93 34.69 24.02
C VAL D 216 15.23 33.95 24.32
N PRO D 217 16.29 34.62 24.77
CA PRO D 217 17.50 33.83 25.00
C PRO D 217 17.45 32.93 26.21
N LEU D 218 16.51 33.22 27.12
CA LEU D 218 16.35 32.41 28.31
C LEU D 218 15.59 31.11 28.07
N TRP D 219 14.67 31.07 27.10
CA TRP D 219 13.80 29.91 26.91
C TRP D 219 13.91 29.14 25.59
N ASP D 220 14.68 29.67 24.64
CA ASP D 220 14.84 29.06 23.33
C ASP D 220 15.29 27.65 23.53
N ASP D 221 16.34 27.52 24.33
CA ASP D 221 17.06 26.31 24.49
C ASP D 221 16.46 25.36 25.51
N ARG D 222 15.28 25.69 26.01
CA ARG D 222 14.64 24.88 27.06
C ARG D 222 13.22 24.37 26.66
N THR D 223 12.90 23.15 27.14
CA THR D 223 11.64 22.52 26.80
C THR D 223 10.57 23.01 27.72
N PHE D 224 9.36 22.87 27.23
CA PHE D 224 8.17 23.03 27.96
C PHE D 224 8.18 22.15 29.22
N TYR D 225 8.58 20.88 29.08
CA TYR D 225 8.59 20.05 30.29
C TYR D 225 9.57 20.64 31.31
N ASP D 226 10.74 21.06 30.86
CA ASP D 226 11.68 21.69 31.78
C ASP D 226 11.02 22.91 32.51
N PHE D 227 10.37 23.77 31.76
CA PHE D 227 9.68 24.89 32.35
C PHE D 227 8.73 24.39 33.41
N VAL D 228 7.97 23.33 33.10
CA VAL D 228 6.97 22.82 34.04
C VAL D 228 7.64 22.22 35.31
N ALA D 229 8.59 21.34 35.09
CA ALA D 229 9.24 20.65 36.19
C ALA D 229 9.99 21.59 37.14
N THR D 230 10.72 22.52 36.54
CA THR D 230 11.51 23.47 37.32
C THR D 230 10.77 24.69 37.75
N SER D 231 9.46 24.77 37.54
CA SER D 231 8.69 25.86 38.12
C SER D 231 8.54 25.55 39.61
N LYS D 232 8.46 26.61 40.42
CA LYS D 232 8.22 26.47 41.86
C LYS D 232 6.90 25.74 42.09
N ALA D 233 5.84 26.17 41.41
CA ALA D 233 4.53 25.67 41.69
C ALA D 233 4.48 24.14 41.46
N PHE D 234 5.13 23.63 40.42
CA PHE D 234 5.03 22.18 40.10
C PHE D 234 6.08 21.40 40.85
N ALA D 235 7.25 21.99 41.12
CA ALA D 235 8.30 21.29 41.87
C ALA D 235 7.79 20.91 43.26
N LYS D 236 6.90 21.69 43.84
CA LYS D 236 6.43 21.38 45.18
C LYS D 236 5.22 20.44 45.14
N LEU D 237 4.79 20.06 43.95
CA LEU D 237 3.65 19.13 43.81
C LEU D 237 4.15 17.74 43.45
N SER D 238 3.28 16.75 43.57
CA SER D 238 3.71 15.35 43.29
C SER D 238 4.00 15.19 41.79
N PHE D 239 4.79 14.18 41.45
CA PHE D 239 5.00 13.83 40.07
C PHE D 239 3.69 13.64 39.35
N GLN D 240 2.74 13.01 40.00
CA GLN D 240 1.42 12.83 39.40
C GLN D 240 0.70 14.10 38.95
N HIS D 241 0.91 15.24 39.62
CA HIS D 241 0.28 16.50 39.19
C HIS D 241 0.77 16.84 37.78
N ARG D 242 2.10 16.77 37.59
CA ARG D 242 2.82 17.03 36.32
C ARG D 242 2.32 16.10 35.24
N GLU D 243 2.17 14.83 35.63
CA GLU D 243 1.69 13.75 34.77
C GLU D 243 0.25 13.97 34.29
N VAL D 244 -0.60 14.33 35.21
CA VAL D 244 -2.00 14.58 34.88
C VAL D 244 -2.05 15.84 34.01
N PHE D 245 -1.20 16.80 34.29
CA PHE D 245 -1.11 18.00 33.43
C PHE D 245 -0.81 17.55 31.95
N GLY D 246 0.16 16.67 31.77
CA GLY D 246 0.43 16.15 30.46
C GLY D 246 -0.77 15.49 29.77
N GLN D 247 -1.51 14.71 30.53
CA GLN D 247 -2.50 13.83 29.94
C GLN D 247 -3.75 14.59 29.62
N VAL D 248 -4.17 15.47 30.51
CA VAL D 248 -5.44 16.18 30.30
C VAL D 248 -5.37 17.66 30.63
N GLY D 249 -4.19 18.16 30.96
CA GLY D 249 -4.08 19.48 31.60
C GLY D 249 -4.83 19.58 32.95
N PHE D 250 -5.55 20.69 33.10
CA PHE D 250 -6.37 20.86 34.27
C PHE D 250 -7.83 20.52 33.95
N GLY D 251 -7.98 19.65 32.96
CA GLY D 251 -9.28 19.21 32.58
C GLY D 251 -9.84 19.88 31.34
N THR D 252 -9.00 20.64 30.63
CA THR D 252 -9.44 21.22 29.35
C THR D 252 -8.51 20.85 28.18
N GLY D 253 -7.54 19.96 28.40
CA GLY D 253 -6.66 19.53 27.28
C GLY D 253 -5.27 19.17 27.75
N GLY D 254 -4.70 18.13 27.12
CA GLY D 254 -3.37 17.62 27.46
C GLY D 254 -2.23 18.40 26.83
N TRP D 255 -1.06 18.29 27.39
CA TRP D 255 0.01 19.07 26.89
C TRP D 255 1.15 18.15 26.49
N ASP D 256 1.06 16.84 26.75
CA ASP D 256 2.28 16.02 26.78
C ASP D 256 2.94 15.92 25.44
N SER D 257 2.19 15.99 24.38
CA SER D 257 2.80 15.95 23.05
C SER D 257 3.69 17.18 22.74
N ASP D 258 3.42 18.31 23.39
CA ASP D 258 4.19 19.53 23.24
C ASP D 258 5.33 19.66 24.23
N PHE D 259 5.40 18.77 25.23
CA PHE D 259 6.45 18.83 26.25
C PHE D 259 7.87 18.97 25.69
N PRO D 260 8.20 18.24 24.59
CA PRO D 260 9.52 18.39 23.99
C PRO D 260 9.82 19.71 23.24
N ASN D 261 8.82 20.50 22.95
CA ASN D 261 8.99 21.70 22.18
C ASN D 261 9.66 22.83 22.97
N SER D 262 10.30 23.73 22.28
CA SER D 262 10.83 24.96 22.92
C SER D 262 9.74 25.66 23.67
N MET D 263 10.02 26.00 24.90
CA MET D 263 9.00 26.73 25.70
C MET D 263 8.57 28.05 25.06
N LEU D 264 9.43 28.65 24.24
CA LEU D 264 9.08 29.88 23.52
C LEU D 264 7.82 29.68 22.71
N GLU D 265 7.64 28.47 22.15
CA GLU D 265 6.45 28.16 21.33
C GLU D 265 5.21 28.14 22.17
N ILE D 266 5.33 27.49 23.33
CA ILE D 266 4.20 27.42 24.24
C ILE D 266 3.86 28.84 24.78
N PHE D 267 4.88 29.62 25.08
CA PHE D 267 4.60 31.00 25.56
C PHE D 267 3.70 31.70 24.57
N ARG D 268 4.06 31.59 23.27
CA ARG D 268 3.33 32.28 22.18
C ARG D 268 1.88 31.88 22.12
N VAL D 269 1.66 30.59 22.27
CA VAL D 269 0.33 30.05 22.28
C VAL D 269 -0.54 30.63 23.40
N VAL D 270 -0.06 30.55 24.63
CA VAL D 270 -0.92 30.96 25.77
C VAL D 270 -0.99 32.51 25.78
N MET D 271 0.12 33.18 25.53
CA MET D 271 0.14 34.65 25.62
C MET D 271 -0.83 35.24 24.64
N THR D 272 -1.05 34.62 23.49
CA THR D 272 -1.96 35.14 22.47
C THR D 272 -3.32 34.47 22.46
N ASN D 273 -3.63 33.74 23.54
CA ASN D 273 -4.91 33.02 23.69
C ASN D 273 -5.25 32.08 22.54
N CYS D 274 -4.24 31.49 21.94
CA CYS D 274 -4.51 30.47 20.92
C CYS D 274 -5.31 29.34 21.54
N ASP D 275 -5.06 29.07 22.82
CA ASP D 275 -5.69 27.96 23.55
C ASP D 275 -7.02 28.30 24.22
N ASP D 276 -7.72 29.38 23.87
CA ASP D 276 -9.12 29.52 24.33
C ASP D 276 -9.99 30.33 23.39
N HIS D 277 -11.29 30.37 23.71
CA HIS D 277 -12.31 30.97 22.85
C HIS D 277 -12.10 30.62 21.37
N GLN D 278 -12.33 29.36 21.07
CA GLN D 278 -12.19 28.85 19.72
C GLN D 278 -13.57 28.67 19.05
N HIS D 279 -13.65 29.00 17.77
CA HIS D 279 -14.82 28.67 16.94
C HIS D 279 -14.46 27.71 15.81
N LEU D 280 -15.45 26.90 15.40
CA LEU D 280 -15.38 26.08 14.20
C LEU D 280 -16.15 26.84 13.15
N VAL D 281 -15.82 26.60 11.87
CA VAL D 281 -16.55 27.18 10.75
C VAL D 281 -17.66 26.22 10.38
N VAL D 282 -18.89 26.71 10.32
CA VAL D 282 -20.05 25.85 10.07
C VAL D 282 -20.03 25.47 8.61
N GLY D 283 -20.17 24.18 8.36
CA GLY D 283 -20.08 23.62 7.00
C GLY D 283 -18.65 23.29 6.60
N GLY D 284 -17.66 23.65 7.45
CA GLY D 284 -16.27 23.21 7.26
C GLY D 284 -15.37 24.39 6.94
N VAL D 285 -14.21 24.41 7.58
CA VAL D 285 -13.21 25.45 7.33
C VAL D 285 -12.63 25.42 5.91
N GLU D 286 -12.73 24.28 5.23
CA GLU D 286 -12.31 24.21 3.84
C GLU D 286 -13.04 25.27 2.98
N GLN D 287 -14.23 25.69 3.41
CA GLN D 287 -14.90 26.79 2.73
C GLN D 287 -14.08 28.07 2.70
N VAL D 288 -13.07 28.20 3.56
CA VAL D 288 -12.23 29.38 3.50
C VAL D 288 -11.33 29.35 2.26
N PRO D 289 -10.44 28.36 2.12
CA PRO D 289 -9.64 28.36 0.89
C PRO D 289 -10.48 28.28 -0.38
N GLN D 290 -11.53 27.47 -0.38
CA GLN D 290 -12.40 27.32 -1.57
C GLN D 290 -13.09 28.65 -1.89
N GLY D 291 -13.48 29.40 -0.87
CA GLY D 291 -14.16 30.69 -1.09
C GLY D 291 -13.20 31.76 -1.56
N ILE D 292 -11.98 31.78 -1.02
CA ILE D 292 -10.97 32.72 -1.50
C ILE D 292 -10.68 32.50 -2.97
N TRP D 293 -10.52 31.23 -3.37
CA TRP D 293 -10.36 30.82 -4.77
C TRP D 293 -11.39 31.41 -5.69
N ARG D 294 -12.64 31.46 -5.25
CA ARG D 294 -13.76 31.94 -6.11
C ARG D 294 -14.22 33.36 -5.82
N HIS D 295 -13.61 34.03 -4.86
CA HIS D 295 -14.11 35.36 -4.47
C HIS D 295 -13.71 36.50 -5.43
N VAL D 296 -14.70 37.30 -5.82
CA VAL D 296 -14.50 38.43 -6.72
C VAL D 296 -14.35 39.72 -5.90
N PRO D 297 -13.14 40.28 -5.83
CA PRO D 297 -12.97 41.55 -5.13
C PRO D 297 -13.79 42.67 -5.78
N GLU D 298 -14.22 43.64 -4.98
CA GLU D 298 -14.87 44.84 -5.50
C GLU D 298 -13.92 45.50 -6.51
N ARG D 299 -12.68 45.69 -6.08
CA ARG D 299 -11.69 46.41 -6.87
C ARG D 299 -10.36 45.67 -6.92
N CYS D 300 -9.93 45.28 -8.13
CA CYS D 300 -8.53 44.93 -8.38
C CYS D 300 -7.90 46.03 -9.21
N ALA D 301 -6.62 46.32 -8.94
CA ALA D 301 -5.79 47.00 -9.91
C ALA D 301 -5.77 46.10 -11.16
N HIS D 302 -5.74 46.74 -12.33
CA HIS D 302 -5.57 46.06 -13.64
C HIS D 302 -6.70 45.12 -14.15
N TRP D 303 -7.14 44.15 -13.34
CA TRP D 303 -8.09 43.14 -13.82
C TRP D 303 -9.48 43.71 -13.99
N PRO D 304 -10.24 43.20 -14.97
CA PRO D 304 -11.63 43.61 -15.10
C PRO D 304 -12.52 43.11 -13.99
N GLU D 305 -13.66 43.78 -13.80
CA GLU D 305 -14.69 43.30 -12.88
C GLU D 305 -15.02 41.84 -13.17
N GLY D 306 -15.32 41.10 -12.11
CA GLY D 306 -15.70 39.69 -12.22
C GLY D 306 -14.51 38.76 -12.16
N THR D 307 -13.31 39.32 -12.01
CA THR D 307 -12.11 38.52 -11.94
C THR D 307 -11.96 37.92 -10.54
N SER D 308 -11.70 36.62 -10.49
CA SER D 308 -11.32 35.92 -9.27
C SER D 308 -10.11 35.11 -9.60
N LEU D 309 -9.49 34.52 -8.57
CA LEU D 309 -8.39 33.58 -8.79
C LEU D 309 -8.81 32.47 -9.76
N SER D 310 -9.98 31.88 -9.50
CA SER D 310 -10.54 30.84 -10.36
C SER D 310 -10.61 31.24 -11.86
N SER D 311 -11.19 32.39 -12.13
CA SER D 311 -11.38 32.83 -13.51
C SER D 311 -10.01 33.06 -14.12
N LEU D 312 -9.09 33.69 -13.39
CA LEU D 312 -7.72 33.86 -13.89
C LEU D 312 -7.01 32.59 -14.26
N HIS D 313 -7.33 31.50 -13.55
CA HIS D 313 -6.74 30.22 -13.85
C HIS D 313 -7.56 29.39 -14.80
N GLY D 314 -8.75 29.83 -15.18
CA GLY D 314 -9.66 28.98 -15.93
C GLY D 314 -10.26 27.84 -15.13
N GLY D 315 -10.25 27.92 -13.81
CA GLY D 315 -11.00 26.97 -12.98
C GLY D 315 -10.18 26.23 -11.94
N ALA D 316 -8.91 26.03 -12.20
CA ALA D 316 -8.16 25.18 -11.34
C ALA D 316 -6.73 25.62 -11.28
N PRO D 317 -6.08 25.31 -10.16
CA PRO D 317 -4.66 25.51 -10.15
C PRO D 317 -3.96 24.55 -11.09
N ARG D 318 -2.70 24.84 -11.36
CA ARG D 318 -1.88 23.91 -12.10
C ARG D 318 -1.56 22.71 -11.22
N THR D 319 -0.98 21.69 -11.83
CA THR D 319 -0.71 20.47 -11.08
C THR D 319 0.46 20.66 -10.14
N GLY D 320 0.92 19.56 -9.54
CA GLY D 320 2.11 19.61 -8.68
C GLY D 320 3.40 20.05 -9.33
N VAL D 321 4.29 20.68 -8.56
CA VAL D 321 5.60 21.13 -9.01
C VAL D 321 6.66 20.07 -8.70
N LYS D 322 7.53 19.82 -9.69
CA LYS D 322 8.57 18.83 -9.61
C LYS D 322 9.93 19.48 -9.47
N ARG D 323 10.07 20.74 -9.94
CA ARG D 323 11.41 21.36 -10.04
C ARG D 323 11.28 22.88 -10.07
N ILE D 324 12.20 23.54 -9.36
CA ILE D 324 12.36 24.99 -9.42
C ILE D 324 13.84 25.24 -9.61
N ALA D 325 14.19 26.01 -10.66
CA ALA D 325 15.60 26.35 -10.95
C ALA D 325 15.73 27.73 -11.58
N ARG D 326 16.91 28.32 -11.45
CA ARG D 326 17.18 29.64 -12.04
C ARG D 326 17.32 29.37 -13.53
N ALA D 327 16.54 30.05 -14.35
CA ALA D 327 16.67 29.91 -15.80
C ALA D 327 17.77 30.84 -16.35
N SER D 328 18.13 30.64 -17.61
CA SER D 328 19.20 31.40 -18.20
C SER D 328 18.75 32.80 -18.61
N ASP D 329 17.43 33.11 -18.64
CA ASP D 329 16.94 34.51 -18.77
C ASP D 329 16.92 35.26 -17.42
N GLY D 330 17.42 34.62 -16.34
CA GLY D 330 17.41 35.20 -15.00
C GLY D 330 16.19 34.87 -14.15
N ARG D 331 15.09 34.49 -14.79
CA ARG D 331 13.87 34.25 -14.08
C ARG D 331 13.93 32.84 -13.43
N LEU D 332 12.83 32.45 -12.81
CA LEU D 332 12.78 31.13 -12.14
C LEU D 332 11.90 30.21 -12.96
N ALA D 333 12.49 29.06 -13.22
CA ALA D 333 11.84 28.04 -13.99
C ALA D 333 11.14 27.05 -13.05
N VAL D 334 9.82 26.96 -13.20
CA VAL D 334 9.01 26.01 -12.49
C VAL D 334 8.50 24.91 -13.41
N THR D 335 8.94 23.68 -13.12
CA THR D 335 8.53 22.51 -13.90
C THR D 335 7.54 21.62 -13.12
N ASP D 336 6.38 21.41 -13.72
CA ASP D 336 5.32 20.62 -13.19
C ASP D 336 5.46 19.09 -13.45
N ASN D 337 4.51 18.31 -12.91
CA ASN D 337 4.64 16.83 -12.89
C ASN D 337 4.69 16.26 -14.26
N TRP D 338 4.11 16.96 -15.21
CA TRP D 338 4.08 16.51 -16.58
C TRP D 338 5.19 17.05 -17.44
N GLY D 339 6.25 17.63 -16.85
CA GLY D 339 7.40 18.20 -17.59
C GLY D 339 7.19 19.61 -18.17
N ASP D 340 6.00 20.22 -17.99
CA ASP D 340 5.76 21.60 -18.49
C ASP D 340 6.52 22.65 -17.64
N CYS D 341 7.37 23.42 -18.31
CA CYS D 341 8.22 24.38 -17.67
C CYS D 341 7.81 25.83 -18.02
N ARG D 342 7.60 26.67 -17.00
CA ARG D 342 7.20 28.08 -17.17
C ARG D 342 8.07 28.93 -16.30
N HIS D 343 8.26 30.21 -16.69
CA HIS D 343 9.24 31.08 -16.09
C HIS D 343 8.55 32.22 -15.35
N TYR D 344 9.11 32.63 -14.22
CA TYR D 344 8.45 33.66 -13.41
C TYR D 344 9.47 34.56 -12.82
N ALA D 345 9.13 35.84 -12.63
CA ALA D 345 10.02 36.76 -11.91
C ALA D 345 10.12 36.39 -10.44
N ALA D 346 9.08 35.75 -9.93
CA ALA D 346 9.01 35.45 -8.49
C ALA D 346 8.25 34.16 -8.27
N VAL D 347 8.66 33.44 -7.21
CA VAL D 347 8.00 32.17 -6.86
C VAL D 347 7.87 32.21 -5.36
N LEU D 348 6.66 31.92 -4.92
CA LEU D 348 6.35 31.65 -3.50
C LEU D 348 6.08 30.14 -3.26
N THR D 349 6.80 29.54 -2.34
CA THR D 349 6.48 28.18 -1.98
C THR D 349 5.88 28.18 -0.59
N THR D 350 4.77 27.46 -0.46
CA THR D 350 4.09 27.28 0.81
C THR D 350 4.03 25.79 1.29
N CYS D 351 4.59 24.84 0.54
CA CYS D 351 4.59 23.48 1.03
C CYS D 351 5.41 23.39 2.31
N GLN D 352 5.22 22.33 3.08
CA GLN D 352 6.08 22.15 4.25
C GLN D 352 7.57 21.98 3.86
N SER D 353 8.44 22.49 4.72
CA SER D 353 9.81 22.81 4.35
C SER D 353 10.61 21.63 3.79
N TRP D 354 10.33 20.41 4.28
CA TRP D 354 11.15 19.24 3.83
C TRP D 354 10.89 18.93 2.37
N LEU D 355 9.74 19.36 1.90
CA LEU D 355 9.35 19.05 0.56
C LEU D 355 10.20 19.75 -0.52
N LEU D 356 10.96 20.79 -0.16
CA LEU D 356 11.87 21.43 -1.12
C LEU D 356 13.07 20.55 -1.38
N THR D 357 13.23 19.46 -0.63
CA THR D 357 14.28 18.47 -0.91
C THR D 357 13.64 17.13 -1.38
N THR D 358 12.53 16.80 -0.78
CA THR D 358 11.96 15.47 -0.86
C THR D 358 11.02 15.34 -2.07
N GLN D 359 10.26 16.38 -2.36
CA GLN D 359 9.23 16.31 -3.36
C GLN D 359 9.58 17.24 -4.54
N ILE D 360 10.27 18.37 -4.30
CA ILE D 360 10.68 19.27 -5.38
C ILE D 360 12.22 19.18 -5.52
N ASP D 361 12.71 19.10 -6.74
CA ASP D 361 14.12 19.31 -7.01
C ASP D 361 14.29 20.87 -7.05
N CYS D 362 14.66 21.45 -5.91
CA CYS D 362 14.78 22.93 -5.77
C CYS D 362 16.24 23.22 -5.77
N GLU D 363 16.70 23.85 -6.85
CA GLU D 363 18.14 24.09 -7.06
C GLU D 363 18.74 24.70 -5.81
N GLU D 364 19.86 24.12 -5.39
CA GLU D 364 20.43 24.38 -4.10
C GLU D 364 20.86 25.87 -3.91
N SER D 365 21.28 26.51 -4.98
CA SER D 365 21.84 27.88 -4.89
C SER D 365 20.73 28.90 -4.76
N LEU D 366 19.48 28.46 -4.84
CA LEU D 366 18.36 29.38 -4.64
C LEU D 366 18.15 29.78 -3.15
N PHE D 367 18.76 29.01 -2.22
CA PHE D 367 18.72 29.33 -0.79
C PHE D 367 20.13 29.31 -0.23
N SER D 368 20.44 30.19 0.72
CA SER D 368 21.75 30.15 1.35
C SER D 368 21.84 28.84 2.14
N GLN D 369 23.05 28.43 2.45
CA GLN D 369 23.24 27.26 3.24
C GLN D 369 22.62 27.44 4.63
N LYS D 370 22.63 28.66 5.17
CA LYS D 370 22.01 28.95 6.45
C LYS D 370 20.49 28.73 6.33
N MET D 371 19.91 29.10 5.20
CA MET D 371 18.47 28.87 5.00
C MET D 371 18.16 27.36 4.83
N TRP D 372 18.91 26.67 4.01
CA TRP D 372 18.72 25.22 3.91
C TRP D 372 18.73 24.56 5.30
N MET D 373 19.70 24.92 6.14
CA MET D 373 19.83 24.26 7.40
C MET D 373 18.56 24.50 8.22
N ALA D 374 17.96 25.68 8.11
CA ALA D 374 16.73 25.95 8.84
C ALA D 374 15.55 25.14 8.32
N LEU D 375 15.44 25.11 7.00
CA LEU D 375 14.38 24.39 6.30
C LEU D 375 14.48 22.90 6.57
N ASP D 376 15.71 22.41 6.64
CA ASP D 376 15.97 20.96 6.76
C ASP D 376 15.91 20.38 8.20
N ARG D 377 16.19 21.23 9.19
CA ARG D 377 16.31 20.84 10.58
C ARG D 377 14.97 20.99 11.25
N THR D 378 14.04 21.58 10.54
CA THR D 378 12.74 21.80 11.08
C THR D 378 12.10 20.44 11.31
N ARG D 379 11.39 20.32 12.44
CA ARG D 379 10.73 19.09 12.88
C ARG D 379 9.20 19.18 12.72
N TYR D 380 8.57 18.09 12.31
CA TYR D 380 7.13 18.04 12.13
C TYR D 380 6.50 17.10 13.15
N MET D 381 5.32 17.45 13.60
CA MET D 381 4.58 16.64 14.52
C MET D 381 3.53 15.81 13.81
N GLN D 382 3.35 14.62 14.32
CA GLN D 382 2.44 13.64 13.78
C GLN D 382 1.08 13.88 14.38
N SER D 383 0.05 13.57 13.62
CA SER D 383 -1.29 13.65 14.12
C SER D 383 -2.23 12.74 13.34
N SER D 384 -3.21 12.17 14.08
CA SER D 384 -4.30 11.34 13.52
C SER D 384 -5.60 11.69 14.12
N LYS D 385 -6.64 11.60 13.31
CA LYS D 385 -8.02 11.83 13.76
C LYS D 385 -8.88 10.79 13.11
N THR D 386 -9.91 10.31 13.83
CA THR D 386 -10.80 9.26 13.31
C THR D 386 -12.15 9.74 13.69
N PHE D 387 -13.03 9.90 12.70
CA PHE D 387 -14.38 10.41 12.90
C PHE D 387 -15.41 9.34 12.50
N VAL D 388 -16.58 9.37 13.15
CA VAL D 388 -17.80 8.71 12.66
C VAL D 388 -18.94 9.68 12.77
N MET D 389 -19.98 9.37 12.04
CA MET D 389 -21.21 10.08 12.11
C MET D 389 -22.22 9.21 12.86
N VAL D 390 -23.15 9.87 13.52
CA VAL D 390 -24.19 9.19 14.28
C VAL D 390 -25.51 9.82 13.91
N ASP D 391 -26.56 9.04 14.11
CA ASP D 391 -27.89 9.40 13.69
C ASP D 391 -28.42 10.64 14.35
N ARG D 392 -28.04 10.86 15.60
CA ARG D 392 -28.49 12.05 16.36
C ARG D 392 -27.50 12.32 17.50
N PRO D 393 -27.57 13.51 18.11
CA PRO D 393 -26.69 13.82 19.26
C PRO D 393 -27.07 13.06 20.56
N PHE D 394 -27.04 11.72 20.49
CA PHE D 394 -27.61 10.87 21.54
C PHE D 394 -26.90 11.03 22.85
N TRP D 395 -25.68 11.58 22.82
CA TRP D 395 -24.91 11.81 24.03
C TRP D 395 -25.58 12.77 25.01
N LYS D 396 -26.46 13.64 24.50
CA LYS D 396 -27.22 14.61 25.35
C LYS D 396 -28.31 13.93 26.18
N ASP D 397 -28.68 12.69 25.84
CA ASP D 397 -29.62 11.92 26.66
C ASP D 397 -29.01 11.65 28.01
N LYS D 398 -29.90 11.64 29.01
CA LYS D 398 -29.56 11.43 30.40
C LYS D 398 -29.71 9.98 30.84
N ASP D 399 -28.76 9.53 31.65
CA ASP D 399 -28.82 8.24 32.29
C ASP D 399 -29.65 8.50 33.53
N PRO D 400 -30.94 8.12 33.51
CA PRO D 400 -31.84 8.49 34.62
C PRO D 400 -31.34 8.02 36.00
N GLU D 401 -30.59 6.93 36.04
CA GLU D 401 -29.95 6.49 37.27
C GLU D 401 -28.93 7.49 37.82
N THR D 402 -28.02 7.99 36.97
CA THR D 402 -26.89 8.82 37.44
C THR D 402 -27.07 10.31 37.22
N GLY D 403 -27.98 10.72 36.34
CA GLY D 403 -28.03 12.13 35.94
C GLY D 403 -27.02 12.52 34.86
N ARG D 404 -26.10 11.60 34.53
CA ARG D 404 -25.05 11.92 33.58
C ARG D 404 -25.50 11.80 32.14
N ASP D 405 -24.95 12.66 31.28
CA ASP D 405 -25.05 12.48 29.83
C ASP D 405 -24.55 11.10 29.48
N LEU D 406 -25.11 10.51 28.41
CA LEU D 406 -24.65 9.19 27.99
C LEU D 406 -23.20 9.25 27.56
N MET D 407 -22.78 10.38 27.04
CA MET D 407 -21.42 10.52 26.58
C MET D 407 -20.96 11.96 26.71
N SER D 408 -19.66 12.13 26.95
CA SER D 408 -19.09 13.46 27.12
C SER D 408 -17.91 13.73 26.20
N MET D 409 -17.52 15.00 26.12
CA MET D 409 -16.17 15.29 25.70
C MET D 409 -15.28 14.45 26.60
N THR D 410 -14.43 13.61 26.00
CA THR D 410 -13.66 12.63 26.77
C THR D 410 -12.16 12.84 26.67
N LEU D 411 -11.51 13.02 27.83
CA LEU D 411 -10.04 13.10 27.90
C LEU D 411 -9.56 11.91 28.68
N THR D 412 -8.58 11.18 28.13
CA THR D 412 -8.16 9.95 28.77
C THR D 412 -6.74 9.66 28.45
N ASP D 413 -6.10 8.87 29.31
CA ASP D 413 -4.79 8.31 29.00
C ASP D 413 -4.90 7.06 28.08
N ARG D 414 -6.11 6.61 27.84
CA ARG D 414 -6.32 5.54 26.90
C ARG D 414 -5.99 6.01 25.47
N LEU D 415 -5.91 5.08 24.54
CA LEU D 415 -5.33 5.35 23.23
C LEU D 415 -6.08 6.38 22.41
N THR D 416 -7.36 6.55 22.64
CA THR D 416 -8.09 7.60 21.95
C THR D 416 -7.62 9.03 22.33
N ARG D 417 -7.18 9.19 23.59
CA ARG D 417 -6.71 10.50 24.12
C ARG D 417 -7.82 11.55 24.25
N GLY D 418 -8.25 12.12 23.13
CA GLY D 418 -9.36 13.12 23.10
C GLY D 418 -10.54 12.73 22.22
N THR D 419 -11.75 12.76 22.73
CA THR D 419 -12.91 12.50 21.94
C THR D 419 -13.80 13.71 21.94
N TYR D 420 -14.21 14.19 20.76
CA TYR D 420 -15.06 15.40 20.67
C TYR D 420 -16.39 15.09 20.04
N LEU D 421 -17.39 15.85 20.45
CA LEU D 421 -18.74 15.59 20.12
C LEU D 421 -19.28 16.83 19.45
N PHE D 422 -19.81 16.67 18.24
CA PHE D 422 -20.31 17.80 17.43
C PHE D 422 -21.78 17.70 17.18
N ASP D 423 -22.51 18.61 17.80
CA ASP D 423 -23.96 18.65 17.74
C ASP D 423 -24.39 19.57 16.62
N ASN D 424 -25.07 19.02 15.63
CA ASN D 424 -25.55 19.81 14.50
C ASN D 424 -27.02 20.19 14.61
N GLY D 425 -27.58 19.98 15.80
CA GLY D 425 -28.99 20.25 16.05
C GLY D 425 -29.68 18.93 16.32
N ASP D 426 -30.74 18.97 17.12
CA ASP D 426 -31.50 17.77 17.52
C ASP D 426 -32.05 16.94 16.35
N ASP D 427 -32.22 17.55 15.18
CA ASP D 427 -32.79 16.90 13.99
C ASP D 427 -31.76 16.63 12.87
N LYS D 428 -30.47 16.76 13.19
CA LYS D 428 -29.41 16.48 12.22
C LYS D 428 -28.51 15.36 12.77
N PRO D 429 -27.76 14.69 11.90
CA PRO D 429 -26.82 13.73 12.46
C PRO D 429 -25.75 14.44 13.29
N GLY D 430 -25.12 13.70 14.20
CA GLY D 430 -24.05 14.25 14.98
C GLY D 430 -22.79 13.74 14.38
N VAL D 431 -21.67 14.36 14.73
CA VAL D 431 -20.37 13.83 14.37
C VAL D 431 -19.58 13.65 15.63
N ILE D 432 -18.73 12.63 15.66
CA ILE D 432 -17.90 12.37 16.81
C ILE D 432 -16.50 12.18 16.31
N CYS D 433 -15.56 12.95 16.84
CA CYS D 433 -14.18 12.65 16.59
C CYS D 433 -13.79 11.65 17.67
N LEU D 434 -13.73 10.39 17.30
CA LEU D 434 -13.49 9.36 18.27
C LEU D 434 -12.10 9.46 18.92
N SER D 435 -11.13 9.94 18.15
CA SER D 435 -9.80 10.11 18.67
C SER D 435 -9.07 11.17 17.90
N TYR D 436 -8.56 12.18 18.62
CA TYR D 436 -7.64 13.17 18.10
C TYR D 436 -6.37 12.96 18.88
N ALA D 437 -5.32 12.53 18.24
CA ALA D 437 -4.08 12.15 18.91
C ALA D 437 -2.88 12.76 18.20
N TRP D 438 -1.78 12.94 18.95
CA TRP D 438 -0.60 13.59 18.48
C TRP D 438 0.59 12.74 18.90
N MET D 439 1.68 12.92 18.17
CA MET D 439 2.96 12.35 18.47
C MET D 439 2.86 10.82 18.70
N SER D 440 3.31 10.31 19.84
CA SER D 440 3.33 8.85 20.12
C SER D 440 1.98 8.20 19.91
N ASP D 441 0.93 8.87 20.35
CA ASP D 441 -0.40 8.28 20.28
C ASP D 441 -0.93 8.28 18.87
N ALA D 442 -0.47 9.22 18.04
CA ALA D 442 -0.74 9.16 16.64
C ALA D 442 0.03 8.04 15.99
N LEU D 443 1.31 7.90 16.35
CA LEU D 443 2.19 6.88 15.76
C LEU D 443 1.72 5.45 16.08
N LYS D 444 1.01 5.31 17.19
CA LYS D 444 0.31 4.07 17.50
C LYS D 444 -0.60 3.64 16.36
N MET D 445 -1.28 4.58 15.71
CA MET D 445 -2.24 4.23 14.64
C MET D 445 -1.60 4.13 13.23
N LEU D 446 -0.35 4.58 13.09
CA LEU D 446 0.20 4.87 11.74
C LEU D 446 -0.12 3.77 10.70
N PRO D 447 0.46 2.58 10.88
CA PRO D 447 0.20 1.56 9.87
C PRO D 447 -1.22 0.95 9.82
N HIS D 448 -2.15 1.33 10.70
CA HIS D 448 -3.46 0.65 10.75
C HIS D 448 -4.52 1.29 9.92
N PRO D 449 -5.34 0.47 9.20
CA PRO D 449 -6.44 0.99 8.39
C PRO D 449 -7.57 1.47 9.22
N VAL D 450 -8.53 2.11 8.59
CA VAL D 450 -9.59 2.84 9.30
C VAL D 450 -10.49 1.98 10.18
N GLU D 451 -10.66 0.70 9.80
CA GLU D 451 -11.63 -0.18 10.46
C GLU D 451 -11.10 -0.52 11.84
N LYS D 452 -9.82 -0.83 11.88
CA LYS D 452 -9.13 -1.17 13.07
C LYS D 452 -8.99 0.05 14.00
N ARG D 453 -8.76 1.23 13.40
CA ARG D 453 -8.70 2.51 14.14
C ARG D 453 -9.97 2.73 14.90
N VAL D 454 -11.08 2.64 14.18
CA VAL D 454 -12.38 2.83 14.76
C VAL D 454 -12.63 1.74 15.84
N GLN D 455 -12.29 0.50 15.55
CA GLN D 455 -12.57 -0.58 16.48
C GLN D 455 -11.76 -0.37 17.77
N LEU D 456 -10.48 -0.06 17.61
CA LEU D 456 -9.63 0.22 18.73
C LEU D 456 -10.23 1.32 19.59
N ALA D 457 -10.83 2.33 18.94
CA ALA D 457 -11.33 3.51 19.67
C ALA D 457 -12.63 3.13 20.35
N LEU D 458 -13.48 2.41 19.66
CA LEU D 458 -14.77 2.01 20.26
C LEU D 458 -14.56 1.09 21.47
N ASP D 459 -13.55 0.22 21.42
CA ASP D 459 -13.21 -0.64 22.54
C ASP D 459 -12.63 0.12 23.74
N ALA D 460 -11.78 1.12 23.48
CA ALA D 460 -11.35 2.03 24.55
C ALA D 460 -12.53 2.76 25.11
N LEU D 461 -13.39 3.31 24.27
CA LEU D 461 -14.52 4.07 24.80
C LEU D 461 -15.54 3.21 25.51
N LYS D 462 -15.64 1.94 25.11
CA LYS D 462 -16.46 0.98 25.85
C LYS D 462 -15.94 0.74 27.29
N LYS D 463 -14.63 0.79 27.48
CA LYS D 463 -14.07 0.73 28.84
C LYS D 463 -14.45 1.96 29.67
N ILE D 464 -14.53 3.13 29.04
CA ILE D 464 -14.91 4.36 29.73
C ILE D 464 -16.41 4.43 29.95
N TYR D 465 -17.18 4.05 28.93
CA TYR D 465 -18.63 4.12 28.97
C TYR D 465 -19.13 2.69 28.73
N PRO D 466 -19.12 1.86 29.78
CA PRO D 466 -19.58 0.48 29.55
C PRO D 466 -21.08 0.34 29.22
N LYS D 467 -21.88 1.35 29.58
CA LYS D 467 -23.31 1.29 29.36
C LYS D 467 -23.76 2.00 28.10
N THR D 468 -22.83 2.61 27.37
CA THR D 468 -23.25 3.40 26.22
C THR D 468 -22.99 2.63 24.92
N ASP D 469 -24.04 2.52 24.13
CA ASP D 469 -23.97 1.91 22.81
C ASP D 469 -23.68 2.98 21.72
N ILE D 470 -22.41 3.23 21.46
CA ILE D 470 -22.03 4.19 20.44
C ILE D 470 -22.31 3.53 19.09
N ALA D 471 -21.74 2.33 18.92
CA ALA D 471 -21.82 1.58 17.64
C ALA D 471 -23.23 1.65 17.06
N GLY D 472 -24.24 1.43 17.92
CA GLY D 472 -25.65 1.41 17.52
C GLY D 472 -26.15 2.65 16.83
N HIS D 473 -25.49 3.78 17.07
CA HIS D 473 -25.92 5.06 16.51
C HIS D 473 -25.12 5.44 15.25
N ILE D 474 -24.02 4.75 15.05
CA ILE D 474 -23.10 5.12 14.00
C ILE D 474 -23.72 4.79 12.65
N ILE D 475 -23.67 5.78 11.77
CA ILE D 475 -24.06 5.64 10.35
C ILE D 475 -22.93 6.20 9.42
N GLY D 476 -23.15 6.09 8.12
CA GLY D 476 -22.30 6.73 7.14
C GLY D 476 -21.01 5.96 7.15
N ASP D 477 -19.99 6.64 6.67
CA ASP D 477 -18.68 6.03 6.54
C ASP D 477 -17.76 6.58 7.66
N PRO D 478 -16.79 5.78 8.11
CA PRO D 478 -15.73 6.23 8.97
C PRO D 478 -14.64 6.98 8.19
N ILE D 479 -14.15 8.09 8.75
CA ILE D 479 -13.07 8.90 8.15
C ILE D 479 -11.88 9.04 9.06
N THR D 480 -10.70 8.68 8.60
CA THR D 480 -9.45 8.83 9.37
C THR D 480 -8.36 9.59 8.56
N ILE D 481 -7.31 10.07 9.23
CA ILE D 481 -6.10 10.59 8.59
C ILE D 481 -4.82 10.42 9.43
N SER D 482 -3.67 10.22 8.78
CA SER D 482 -2.35 10.41 9.39
C SER D 482 -1.51 11.39 8.55
N TRP D 483 -1.33 12.61 9.05
CA TRP D 483 -0.70 13.62 8.25
C TRP D 483 0.73 13.30 7.92
N GLU D 484 1.45 12.64 8.84
CA GLU D 484 2.84 12.13 8.62
C GLU D 484 3.05 11.26 7.40
N ALA D 485 2.00 10.53 7.03
CA ALA D 485 2.09 9.48 6.00
C ALA D 485 2.07 10.08 4.59
N ASP D 486 1.55 11.30 4.48
CA ASP D 486 1.17 11.84 3.18
C ASP D 486 2.43 12.55 2.66
N PRO D 487 2.92 12.20 1.43
CA PRO D 487 4.18 12.80 0.93
C PRO D 487 4.09 14.31 0.62
N HIS D 488 2.89 14.84 0.37
CA HIS D 488 2.68 16.32 0.22
C HIS D 488 2.60 17.13 1.52
N PHE D 489 2.69 16.45 2.66
CA PHE D 489 2.82 17.03 4.01
C PHE D 489 3.73 16.02 4.64
N LEU D 490 4.62 16.37 5.51
CA LEU D 490 5.28 15.21 6.11
C LEU D 490 5.06 15.40 7.59
N GLY D 491 3.80 15.49 7.96
CA GLY D 491 3.38 15.88 9.29
C GLY D 491 2.22 16.88 9.33
N ALA D 492 1.63 16.99 10.52
CA ALA D 492 0.46 17.84 10.77
C ALA D 492 0.86 19.35 10.86
N PHE D 493 2.01 19.60 11.45
CA PHE D 493 2.52 20.93 11.63
C PHE D 493 3.88 20.82 12.25
N LYS D 494 4.65 21.89 12.10
CA LYS D 494 5.94 22.04 12.74
C LYS D 494 5.75 22.11 14.25
N GLY D 495 6.76 21.64 14.95
CA GLY D 495 6.89 21.94 16.35
C GLY D 495 8.33 22.28 16.57
N ALA D 496 8.55 23.42 17.19
CA ALA D 496 9.88 23.96 17.34
C ALA D 496 10.58 23.24 18.44
N LEU D 497 11.76 22.71 18.16
CA LEU D 497 12.57 22.14 19.20
C LEU D 497 13.42 23.21 19.96
N PRO D 498 13.83 22.91 21.17
CA PRO D 498 14.80 23.78 21.80
C PRO D 498 15.99 24.11 20.88
N GLY D 499 16.36 25.38 20.81
CA GLY D 499 17.50 25.79 20.00
C GLY D 499 17.16 26.12 18.55
N HIS D 500 15.87 26.08 18.20
CA HIS D 500 15.41 26.36 16.88
C HIS D 500 15.04 27.82 16.67
N TYR D 501 15.17 28.67 17.67
CA TYR D 501 14.80 30.11 17.43
C TYR D 501 15.52 30.72 16.27
N ARG D 502 16.82 30.46 16.16
CA ARG D 502 17.62 31.01 15.03
C ARG D 502 17.09 30.51 13.67
N TYR D 503 16.70 29.23 13.57
CA TYR D 503 16.23 28.69 12.32
C TYR D 503 14.96 29.42 11.94
N ASN D 504 14.07 29.57 12.89
CA ASN D 504 12.77 30.18 12.59
C ASN D 504 12.96 31.67 12.23
N GLN D 505 13.96 32.30 12.85
CA GLN D 505 14.23 33.69 12.62
C GLN D 505 14.72 33.86 11.16
N ARG D 506 15.64 32.99 10.74
CA ARG D 506 16.08 33.00 9.35
C ARG D 506 14.89 32.90 8.40
N MET D 507 14.04 31.92 8.64
CA MET D 507 12.91 31.66 7.77
C MET D 507 11.93 32.78 7.77
N TYR D 508 11.61 33.31 8.94
CA TYR D 508 10.57 34.32 9.04
C TYR D 508 10.96 35.63 8.32
N ALA D 509 12.25 35.91 8.37
CA ALA D 509 12.87 37.12 7.79
C ALA D 509 13.26 36.96 6.33
N HIS D 510 13.09 35.75 5.77
CA HIS D 510 13.49 35.48 4.38
C HIS D 510 12.88 36.40 3.31
N PHE D 511 11.67 36.85 3.53
N PHE D 511 11.66 36.86 3.53
CA PHE D 511 10.98 37.74 2.61
CA PHE D 511 10.99 37.73 2.58
C PHE D 511 11.65 39.14 2.47
C PHE D 511 11.58 39.18 2.55
N MET D 512 12.63 39.43 3.35
CA MET D 512 13.34 40.72 3.41
C MET D 512 14.64 40.52 2.69
N GLN D 513 14.71 40.93 1.44
CA GLN D 513 15.77 40.43 0.54
C GLN D 513 16.86 41.44 0.16
N ALA D 514 16.73 42.68 0.63
CA ALA D 514 17.65 43.78 0.24
C ALA D 514 19.11 43.40 0.39
N GLN D 515 19.45 42.64 1.41
CA GLN D 515 20.84 42.22 1.62
C GLN D 515 21.14 40.90 0.98
N MET D 516 20.21 40.32 0.22
CA MET D 516 20.47 38.97 -0.26
C MET D 516 21.31 38.98 -1.50
N PRO D 517 22.21 38.00 -1.61
CA PRO D 517 22.82 37.76 -2.91
C PRO D 517 21.72 37.65 -3.95
N VAL D 518 22.02 38.14 -5.12
CA VAL D 518 21.06 38.21 -6.21
C VAL D 518 20.53 36.82 -6.66
N GLU D 519 21.38 35.82 -6.57
CA GLU D 519 20.96 34.47 -6.96
C GLU D 519 19.92 33.87 -6.00
N GLN D 520 19.77 34.45 -4.79
CA GLN D 520 18.77 34.02 -3.81
C GLN D 520 17.53 34.83 -3.85
N ARG D 521 17.47 35.87 -4.68
CA ARG D 521 16.27 36.75 -4.60
C ARG D 521 15.22 36.29 -5.53
N GLY D 522 13.97 36.49 -5.14
CA GLY D 522 12.84 36.27 -6.03
C GLY D 522 12.04 35.02 -5.67
N ILE D 523 12.65 34.14 -4.85
CA ILE D 523 11.96 33.01 -4.29
C ILE D 523 11.58 33.42 -2.88
N PHE D 524 10.35 33.11 -2.53
CA PHE D 524 9.79 33.42 -1.23
C PHE D 524 9.14 32.21 -0.59
N ILE D 525 9.13 32.20 0.76
CA ILE D 525 8.47 31.13 1.50
C ILE D 525 7.43 31.71 2.41
N ALA D 526 6.37 30.93 2.65
CA ALA D 526 5.35 31.25 3.67
C ALA D 526 4.64 29.99 4.14
N GLY D 527 3.79 30.15 5.17
CA GLY D 527 3.01 29.08 5.76
C GLY D 527 3.30 28.90 7.24
N ASP D 528 2.60 27.97 7.87
CA ASP D 528 2.74 27.89 9.31
C ASP D 528 4.09 27.33 9.81
N ASP D 529 4.83 26.64 8.97
CA ASP D 529 6.23 26.32 9.36
C ASP D 529 7.19 27.55 9.33
N VAL D 530 6.84 28.56 8.56
CA VAL D 530 7.62 29.81 8.54
C VAL D 530 7.21 30.62 9.78
N SER D 531 5.98 30.44 10.22
CA SER D 531 5.47 31.16 11.37
C SER D 531 6.04 30.73 12.69
N TRP D 532 5.86 31.61 13.67
CA TRP D 532 6.31 31.36 15.01
C TRP D 532 5.34 30.48 15.78
N THR D 533 4.13 30.35 15.27
CA THR D 533 3.05 29.64 15.92
C THR D 533 2.51 28.50 15.03
N PRO D 534 3.34 27.50 14.77
CA PRO D 534 3.07 26.48 13.74
C PRO D 534 1.69 25.81 13.71
N ALA D 535 1.10 25.40 14.80
CA ALA D 535 -0.10 24.55 14.59
C ALA D 535 -1.33 25.45 14.62
N TRP D 536 -1.18 26.68 14.14
CA TRP D 536 -2.26 27.68 14.21
C TRP D 536 -2.35 28.42 12.89
N VAL D 537 -3.53 28.45 12.30
CA VAL D 537 -3.69 28.98 10.95
C VAL D 537 -3.31 30.46 10.83
N GLU D 538 -3.54 31.20 11.88
CA GLU D 538 -3.09 32.60 11.86
C GLU D 538 -1.64 32.74 11.45
N GLY D 539 -0.75 31.86 11.91
CA GLY D 539 0.68 31.89 11.52
C GLY D 539 0.91 31.73 10.02
N ALA D 540 0.17 30.84 9.38
CA ALA D 540 0.22 30.71 7.89
C ALA D 540 -0.20 32.01 7.22
N VAL D 541 -1.27 32.61 7.74
CA VAL D 541 -1.82 33.85 7.14
C VAL D 541 -0.86 35.01 7.29
N GLN D 542 -0.23 35.11 8.45
CA GLN D 542 0.60 36.27 8.68
C GLN D 542 1.81 36.18 7.81
N THR D 543 2.43 35.00 7.75
CA THR D 543 3.66 34.83 6.94
C THR D 543 3.37 35.01 5.46
N SER D 544 2.19 34.60 5.04
CA SER D 544 1.80 34.78 3.67
C SER D 544 1.79 36.28 3.36
N LEU D 545 1.17 37.06 4.25
CA LEU D 545 1.08 38.54 4.06
C LEU D 545 2.47 39.18 4.06
N ASN D 546 3.40 38.68 4.86
CA ASN D 546 4.76 39.18 4.73
C ASN D 546 5.32 38.89 3.34
N ALA D 547 5.06 37.67 2.84
CA ALA D 547 5.54 37.31 1.52
C ALA D 547 4.87 38.20 0.49
N VAL D 548 3.61 38.54 0.68
CA VAL D 548 2.95 39.46 -0.26
C VAL D 548 3.72 40.79 -0.37
N TRP D 549 4.10 41.33 0.78
CA TRP D 549 4.88 42.54 0.83
C TRP D 549 6.21 42.36 0.08
N GLY D 550 6.94 41.31 0.43
CA GLY D 550 8.21 41.00 -0.22
C GLY D 550 8.11 40.93 -1.75
N ILE D 551 7.04 40.32 -2.24
CA ILE D 551 6.82 40.11 -3.69
C ILE D 551 6.41 41.41 -4.38
N MET D 552 5.47 42.13 -3.77
CA MET D 552 5.20 43.51 -4.20
C MET D 552 6.53 44.26 -4.35
N ASN D 553 7.32 44.26 -3.30
CA ASN D 553 8.57 44.99 -3.33
C ASN D 553 9.48 44.47 -4.42
N HIS D 554 9.47 43.15 -4.62
CA HIS D 554 10.31 42.56 -5.62
C HIS D 554 9.95 43.08 -7.02
N PHE D 555 8.69 43.37 -7.27
CA PHE D 555 8.22 43.90 -8.54
C PHE D 555 8.33 45.45 -8.64
N GLY D 556 9.12 46.03 -7.75
CA GLY D 556 9.28 47.48 -7.65
C GLY D 556 8.06 48.22 -7.11
N GLY D 557 7.15 47.52 -6.40
CA GLY D 557 5.99 48.15 -5.79
C GLY D 557 6.27 48.70 -4.41
N LYS D 558 5.25 49.27 -3.79
CA LYS D 558 5.41 49.72 -2.40
C LYS D 558 4.06 49.97 -1.83
N THR D 559 4.03 50.04 -0.50
CA THR D 559 2.82 50.36 0.22
C THR D 559 2.48 51.85 0.05
N HIS D 560 1.21 52.15 0.20
CA HIS D 560 0.73 53.53 0.37
C HIS D 560 1.25 54.10 1.69
N ALA D 561 1.63 55.37 1.66
CA ALA D 561 2.23 56.03 2.81
C ALA D 561 1.34 56.00 4.01
N ASP D 562 0.01 55.99 3.85
CA ASP D 562 -0.88 55.92 5.02
C ASP D 562 -1.20 54.47 5.51
N ASN D 563 -0.66 53.43 4.85
CA ASN D 563 -0.91 52.04 5.28
C ASN D 563 0.37 51.22 5.14
N PRO D 564 1.39 51.59 5.90
CA PRO D 564 2.65 50.86 5.79
C PRO D 564 2.51 49.35 6.10
N GLY D 565 3.41 48.55 5.55
CA GLY D 565 3.25 47.10 5.57
C GLY D 565 4.42 46.44 6.26
N PRO D 566 4.41 45.11 6.31
CA PRO D 566 5.37 44.41 7.11
C PRO D 566 6.80 44.82 6.90
N GLY D 567 7.22 44.85 5.66
CA GLY D 567 8.65 45.11 5.40
C GLY D 567 9.04 46.56 5.67
N ASP D 568 8.05 47.44 5.74
CA ASP D 568 8.29 48.85 6.05
C ASP D 568 8.74 49.03 7.45
N VAL D 569 8.33 48.14 8.36
CA VAL D 569 8.67 48.26 9.81
C VAL D 569 9.53 47.12 10.40
N PHE D 570 9.81 46.13 9.56
CA PHE D 570 10.37 44.88 9.99
C PHE D 570 11.69 45.09 10.61
N ASP D 571 12.50 45.98 10.04
CA ASP D 571 13.82 46.22 10.64
C ASP D 571 13.72 46.89 12.00
N GLU D 572 12.63 47.59 12.28
CA GLU D 572 12.47 48.26 13.56
C GLU D 572 11.88 47.31 14.68
N ILE D 573 10.79 46.62 14.37
CA ILE D 573 10.09 45.84 15.37
C ILE D 573 10.13 44.29 15.13
N GLY D 574 10.96 43.85 14.18
CA GLY D 574 11.02 42.47 13.84
C GLY D 574 11.73 41.66 14.90
N GLN D 575 11.86 40.38 14.64
CA GLN D 575 12.35 39.45 15.59
C GLN D 575 13.77 39.72 15.82
N ILE D 576 14.12 39.76 17.07
CA ILE D 576 15.49 39.84 17.45
C ILE D 576 16.33 38.73 16.83
N ALA D 577 17.56 39.06 16.45
CA ALA D 577 18.52 38.06 16.07
C ALA D 577 19.40 37.68 17.23
N LEU D 578 19.78 36.41 17.33
CA LEU D 578 20.68 35.94 18.35
C LEU D 578 22.11 35.80 17.83
N ALA D 579 23.04 35.74 18.76
CA ALA D 579 24.44 35.68 18.45
C ALA D 579 24.85 34.33 17.95
N ASP D 580 25.95 34.30 17.21
CA ASP D 580 26.64 33.05 16.88
C ASP D 580 27.29 32.55 18.17
#